data_3US2
#
_entry.id   3US2
#
_cell.length_a   119.739
_cell.length_b   180.544
_cell.length_c   98.174
_cell.angle_alpha   90.00
_cell.angle_beta   90.05
_cell.angle_gamma   90.00
#
_symmetry.space_group_name_H-M   'C 1 2 1'
#
loop_
_entity.id
_entity.type
_entity.pdbx_description
1 polymer 'Tumor protein 63'
2 polymer "5'-D(*AP*AP*AP*CP*AP*TP*GP*TP*TP*AP*AP*AP*CP*AP*TP*GP*TP*TP*T)-3'"
3 polymer "5'-D(*AP*AP*AP*CP*AP*TP*GP*TP*TP*TP*AP*AP*CP*AP*TP*GP*TP*TP*T)-3'"
4 non-polymer 'ZINC ION'
#
loop_
_entity_poly.entity_id
_entity_poly.type
_entity_poly.pdbx_seq_one_letter_code
_entity_poly.pdbx_strand_id
1 'polypeptide(L)'
;GSHMASPSNTDYPGPHSFDVSFQQSSTAKSATWTYSTELKKLYCQIAKTCPIQIKVMTPPPQGAVIRAMPVYKKAEHVTE
VVKRCPNHELSREFNEGQIAPPSHLIRVEGNSHAQYVEDPITGRQSVLVPYEPPQVGTEFTTVLYNFMCNSSCVGGMNRR
PILIIVTLETRDGQVLGRRCFEARICACPGRDRKADEDSIRKQ
;
A,B,C,D,G,H,I,J
2 'polydeoxyribonucleotide' (DA)(DA)(DA)(DC)(DA)(DT)(DG)(DT)(DT)(DA)(DA)(DA)(DC)(DA)(DT)(DG)(DT)(DT)(DT) E,K
3 'polydeoxyribonucleotide' (DA)(DA)(DA)(DC)(DA)(DT)(DG)(DT)(DT)(DT)(DA)(DA)(DC)(DA)(DT)(DG)(DT)(DT)(DT) F,L
#
# COMPACT_ATOMS: atom_id res chain seq x y z
N SER A 6 8.47 -39.78 6.83
CA SER A 6 7.76 -38.57 6.64
C SER A 6 6.76 -38.26 7.81
N PRO A 7 7.14 -37.28 8.66
CA PRO A 7 6.37 -36.83 9.84
C PRO A 7 4.86 -37.16 9.88
N SER A 8 4.41 -37.59 11.05
CA SER A 8 3.02 -37.98 11.27
C SER A 8 2.08 -36.80 11.34
N ASN A 9 0.85 -37.02 10.97
CA ASN A 9 -0.13 -35.92 11.00
C ASN A 9 -1.44 -36.31 11.67
N THR A 10 -1.42 -37.33 12.50
CA THR A 10 -2.68 -37.71 13.12
C THR A 10 -2.82 -37.07 14.46
N ASP A 11 -4.03 -36.60 14.76
CA ASP A 11 -4.29 -35.94 16.06
C ASP A 11 -4.04 -36.92 17.20
N TYR A 12 -3.29 -36.47 18.19
CA TYR A 12 -2.94 -37.29 19.32
C TYR A 12 -2.90 -36.42 20.60
N PRO A 13 -4.04 -36.27 21.26
CA PRO A 13 -4.26 -35.50 22.48
C PRO A 13 -3.21 -35.70 23.54
N GLY A 14 -2.81 -36.97 23.71
CA GLY A 14 -1.77 -37.27 24.65
C GLY A 14 -2.18 -37.02 26.10
N PRO A 15 -1.34 -37.48 27.01
CA PRO A 15 -1.57 -37.37 28.49
C PRO A 15 -1.99 -35.98 28.99
N HIS A 16 -1.68 -34.94 28.24
CA HIS A 16 -2.06 -33.62 28.72
C HIS A 16 -3.23 -33.03 28.01
N SER A 17 -4.04 -33.88 27.38
CA SER A 17 -5.20 -33.40 26.61
C SER A 17 -4.85 -32.16 25.77
N PHE A 18 -3.79 -32.30 24.98
CA PHE A 18 -3.29 -31.23 24.13
C PHE A 18 -4.28 -30.82 23.08
N ASP A 19 -4.40 -29.48 22.86
CA ASP A 19 -5.36 -29.00 21.85
C ASP A 19 -5.04 -27.61 21.28
N VAL A 20 -5.33 -27.41 20.01
CA VAL A 20 -5.08 -26.12 19.36
C VAL A 20 -6.41 -25.63 18.80
N SER A 21 -6.65 -24.32 18.86
CA SER A 21 -7.90 -23.78 18.37
C SER A 21 -7.65 -22.34 17.95
N PHE A 22 -8.62 -21.76 17.23
CA PHE A 22 -8.40 -20.39 16.80
C PHE A 22 -9.56 -19.53 17.20
N GLN A 23 -9.24 -18.47 17.96
CA GLN A 23 -10.24 -17.54 18.40
C GLN A 23 -9.88 -16.12 17.92
N GLN A 24 -10.87 -15.53 17.22
CA GLN A 24 -10.83 -14.25 16.59
C GLN A 24 -10.47 -13.05 17.50
N SER A 25 -9.32 -12.42 17.19
CA SER A 25 -8.73 -11.32 17.98
C SER A 25 -9.49 -9.97 18.09
N SER A 26 -10.60 -9.81 17.34
CA SER A 26 -11.34 -8.54 17.41
C SER A 26 -12.87 -8.72 17.43
N THR A 27 -13.55 -7.71 16.87
CA THR A 27 -15.01 -7.66 16.81
C THR A 27 -15.43 -6.54 15.84
N LYS A 29 -14.81 -8.19 10.39
CA LYS A 29 -13.57 -7.87 9.69
C LYS A 29 -12.35 -8.46 10.40
N SER A 30 -11.32 -7.63 10.62
CA SER A 30 -10.04 -8.13 11.20
C SER A 30 -9.59 -9.20 10.22
N ALA A 31 -10.14 -9.09 9.01
CA ALA A 31 -10.00 -10.03 7.90
C ALA A 31 -8.60 -10.55 7.54
N THR A 32 -7.61 -10.29 8.40
CA THR A 32 -6.26 -10.76 8.16
C THR A 32 -6.18 -12.30 8.13
N TRP A 33 -7.17 -12.96 8.72
CA TRP A 33 -7.22 -14.42 8.70
C TRP A 33 -8.58 -14.95 9.16
N THR A 34 -8.76 -16.26 9.00
CA THR A 34 -10.03 -16.91 9.30
C THR A 34 -9.83 -18.42 9.45
N TYR A 35 -10.74 -19.11 10.13
CA TYR A 35 -10.57 -20.53 10.33
C TYR A 35 -11.83 -21.40 10.11
N SER A 36 -11.69 -22.47 9.37
CA SER A 36 -12.84 -23.34 9.14
C SER A 36 -12.65 -24.54 10.05
N THR A 37 -13.23 -24.44 11.27
CA THR A 37 -13.13 -25.47 12.28
C THR A 37 -13.65 -26.71 11.59
N GLU A 38 -14.76 -26.50 10.87
CA GLU A 38 -15.46 -27.54 10.14
C GLU A 38 -14.52 -28.19 9.11
N LEU A 39 -13.77 -27.38 8.39
CA LEU A 39 -12.85 -27.87 7.36
C LEU A 39 -11.41 -28.20 7.85
N LYS A 40 -11.09 -27.80 9.08
CA LYS A 40 -9.77 -27.96 9.70
C LYS A 40 -8.75 -27.15 8.87
N LYS A 41 -9.24 -26.04 8.29
CA LYS A 41 -8.42 -25.21 7.44
C LYS A 41 -8.32 -23.80 7.99
N LEU A 42 -7.11 -23.27 7.95
CA LEU A 42 -6.83 -21.90 8.39
C LEU A 42 -6.51 -21.12 7.14
N TYR A 43 -7.27 -20.07 6.86
CA TYR A 43 -7.01 -19.22 5.67
C TYR A 43 -6.35 -17.93 6.14
N CYS A 44 -5.11 -17.63 5.72
CA CYS A 44 -4.51 -16.39 6.20
C CYS A 44 -3.52 -15.64 5.29
N GLN A 45 -3.43 -14.35 5.47
CA GLN A 45 -2.58 -13.47 4.63
C GLN A 45 -1.09 -13.63 4.90
N ILE A 46 -0.30 -13.49 3.86
CA ILE A 46 1.13 -13.64 4.07
C ILE A 46 1.79 -12.59 4.98
N ALA A 47 2.76 -13.05 5.76
CA ALA A 47 3.54 -12.27 6.71
C ALA A 47 2.72 -11.65 7.83
N LYS A 48 1.38 -11.68 7.71
CA LYS A 48 0.57 -11.12 8.76
C LYS A 48 0.59 -12.10 9.88
N THR A 49 0.14 -11.64 11.02
CA THR A 49 0.16 -12.43 12.26
C THR A 49 -1.07 -13.30 12.58
N CYS A 50 -0.76 -14.55 12.88
CA CYS A 50 -1.81 -15.47 13.23
C CYS A 50 -1.72 -15.97 14.71
N PRO A 51 -2.71 -15.62 15.51
CA PRO A 51 -2.76 -16.02 16.94
C PRO A 51 -3.32 -17.43 17.00
N ILE A 52 -2.60 -18.33 17.69
CA ILE A 52 -3.06 -19.70 17.77
C ILE A 52 -3.14 -20.11 19.25
N GLN A 53 -4.28 -20.62 19.64
CA GLN A 53 -4.53 -21.00 21.03
C GLN A 53 -4.20 -22.43 21.40
N ILE A 54 -3.34 -22.53 22.40
CA ILE A 54 -2.92 -23.84 22.92
C ILE A 54 -3.59 -24.09 24.27
N LYS A 55 -4.09 -25.30 24.47
CA LYS A 55 -4.76 -25.67 25.69
C LYS A 55 -4.40 -27.08 26.14
N VAL A 56 -3.96 -27.21 27.39
CA VAL A 56 -3.64 -28.52 27.94
C VAL A 56 -4.67 -28.74 29.05
N MET A 57 -4.62 -29.89 29.70
CA MET A 57 -5.58 -30.18 30.77
C MET A 57 -4.76 -30.49 32.02
N THR A 58 -3.48 -30.77 31.83
CA THR A 58 -2.60 -31.07 32.92
C THR A 58 -1.22 -30.54 32.50
N PRO A 59 -0.57 -29.82 33.44
CA PRO A 59 0.75 -29.23 33.19
C PRO A 59 1.75 -30.20 32.50
N PRO A 60 2.27 -29.78 31.36
CA PRO A 60 3.24 -30.64 30.68
C PRO A 60 4.61 -30.60 31.38
N PRO A 61 5.45 -31.58 31.10
CA PRO A 61 6.82 -31.75 31.66
C PRO A 61 7.64 -30.50 31.89
N GLN A 62 8.92 -30.60 31.72
CA GLN A 62 9.74 -29.41 32.02
C GLN A 62 10.12 -28.46 30.89
N GLY A 63 11.00 -28.87 29.99
CA GLY A 63 11.38 -28.01 28.94
C GLY A 63 10.38 -28.00 27.82
N ALA A 64 9.29 -28.74 28.07
CA ALA A 64 8.19 -28.87 27.12
C ALA A 64 8.20 -27.75 26.08
N VAL A 65 8.10 -28.14 24.81
CA VAL A 65 8.11 -27.13 23.72
C VAL A 65 6.97 -27.34 22.75
N ILE A 66 6.70 -26.32 21.98
CA ILE A 66 5.65 -26.38 20.96
C ILE A 66 6.28 -26.16 19.57
N ARG A 67 6.36 -27.24 18.81
CA ARG A 67 6.93 -27.16 17.49
C ARG A 67 5.90 -27.10 16.40
N ALA A 68 6.06 -26.16 15.48
CA ALA A 68 5.14 -26.02 14.39
C ALA A 68 5.91 -26.38 13.17
N MET A 69 5.46 -27.39 12.46
CA MET A 69 6.15 -27.78 11.25
C MET A 69 5.19 -27.85 10.04
N PRO A 70 5.64 -27.34 8.89
CA PRO A 70 4.83 -27.35 7.66
C PRO A 70 5.15 -28.59 6.86
N VAL A 71 4.15 -29.09 6.13
CA VAL A 71 4.35 -30.30 5.32
C VAL A 71 3.23 -30.39 4.27
N TYR A 72 3.56 -30.88 3.08
CA TYR A 72 2.57 -30.95 2.03
C TYR A 72 1.49 -31.98 2.37
N LYS A 73 0.25 -31.58 2.09
CA LYS A 73 -0.94 -32.39 2.36
C LYS A 73 -0.98 -33.65 1.51
N LYS A 74 -0.93 -33.45 0.19
CA LYS A 74 -1.03 -34.55 -0.78
C LYS A 74 0.19 -35.52 -0.75
N ALA A 75 -0.15 -36.79 -0.81
CA ALA A 75 0.79 -37.85 -0.76
C ALA A 75 1.98 -37.67 -1.71
N GLU A 76 1.70 -37.20 -2.93
CA GLU A 76 2.72 -37.01 -3.93
C GLU A 76 3.90 -36.11 -3.50
N HIS A 77 3.65 -35.16 -2.68
CA HIS A 77 4.72 -34.24 -2.28
C HIS A 77 5.27 -34.34 -0.86
N VAL A 78 4.54 -35.04 0.01
CA VAL A 78 4.93 -35.18 1.43
C VAL A 78 6.41 -35.27 1.68
N THR A 79 7.13 -35.97 0.81
CA THR A 79 8.57 -36.12 1.01
C THR A 79 9.37 -34.84 0.73
N GLU A 80 8.73 -33.83 0.13
CA GLU A 80 9.45 -32.60 -0.14
C GLU A 80 9.36 -31.58 0.98
N VAL A 81 10.51 -31.07 1.44
CA VAL A 81 10.52 -30.06 2.48
C VAL A 81 9.67 -28.85 2.02
N VAL A 82 9.29 -28.02 2.99
CA VAL A 82 8.50 -26.83 2.73
C VAL A 82 9.32 -25.60 3.13
N LYS A 83 9.92 -24.92 2.12
CA LYS A 83 10.71 -23.72 2.35
C LYS A 83 10.09 -22.52 1.61
N ARG A 84 10.62 -21.32 1.89
CA ARG A 84 10.12 -20.11 1.24
C ARG A 84 10.66 -20.09 -0.20
N CYS A 85 9.84 -19.69 -1.15
CA CYS A 85 10.26 -19.64 -2.53
C CYS A 85 11.51 -18.75 -2.67
N PRO A 86 12.31 -18.99 -3.70
CA PRO A 86 13.53 -18.18 -3.90
C PRO A 86 13.28 -16.70 -3.80
N ASN A 87 12.30 -16.22 -4.53
CA ASN A 87 11.96 -14.80 -4.51
C ASN A 87 11.94 -14.19 -3.10
N HIS A 88 11.11 -14.73 -2.21
CA HIS A 88 11.05 -14.21 -0.83
C HIS A 88 12.28 -14.47 0.02
N GLU A 89 12.94 -15.58 -0.20
CA GLU A 89 14.16 -15.88 0.56
C GLU A 89 15.29 -14.85 0.30
N LEU A 90 15.03 -13.86 -0.57
CA LEU A 90 16.05 -12.85 -0.85
C LEU A 90 15.44 -11.46 -0.77
N SER A 91 14.26 -11.32 -1.34
CA SER A 91 13.55 -10.04 -1.31
C SER A 91 13.95 -9.29 -0.06
N ARG A 92 14.37 -8.04 -0.27
CA ARG A 92 14.78 -7.19 0.84
C ARG A 92 13.69 -7.23 1.95
N GLU A 93 12.41 -7.06 1.57
CA GLU A 93 11.33 -7.05 2.55
C GLU A 93 11.08 -8.36 3.32
N PHE A 94 10.63 -8.19 4.56
CA PHE A 94 10.37 -9.33 5.46
C PHE A 94 11.62 -9.98 5.97
N ASN A 95 12.75 -9.55 5.48
CA ASN A 95 14.01 -10.16 5.95
C ASN A 95 14.95 -9.15 6.50
N GLU A 96 14.78 -7.89 6.07
CA GLU A 96 15.69 -6.83 6.53
C GLU A 96 15.97 -6.72 8.03
N GLY A 97 14.94 -6.50 8.89
CA GLY A 97 15.26 -6.38 10.27
C GLY A 97 15.13 -7.69 11.02
N GLN A 98 14.85 -8.75 10.24
CA GLN A 98 14.63 -10.08 10.71
C GLN A 98 15.87 -10.87 11.16
N ILE A 99 15.63 -11.73 12.16
CA ILE A 99 16.67 -12.58 12.71
C ILE A 99 16.45 -14.01 12.28
N ALA A 100 15.22 -14.31 11.87
CA ALA A 100 14.83 -15.64 11.44
C ALA A 100 15.36 -16.05 10.03
N PRO A 101 15.69 -17.35 9.90
CA PRO A 101 16.21 -17.91 8.65
C PRO A 101 15.28 -17.56 7.48
N PRO A 102 15.77 -16.77 6.56
CA PRO A 102 14.93 -16.36 5.38
C PRO A 102 14.39 -17.53 4.59
N SER A 103 14.88 -18.73 4.83
CA SER A 103 14.37 -19.88 4.11
C SER A 103 13.11 -20.44 4.73
N HIS A 104 13.02 -20.31 6.04
CA HIS A 104 11.89 -20.85 6.82
C HIS A 104 10.54 -20.26 6.52
N LEU A 105 9.57 -21.12 6.31
CA LEU A 105 8.23 -20.71 5.99
C LEU A 105 7.50 -20.15 7.21
N ILE A 106 7.48 -20.98 8.25
CA ILE A 106 6.82 -20.63 9.54
C ILE A 106 7.74 -19.86 10.49
N ARG A 107 7.20 -18.74 11.01
CA ARG A 107 7.88 -17.86 11.93
C ARG A 107 7.00 -17.61 13.13
N VAL A 108 7.62 -17.31 14.29
CA VAL A 108 6.84 -16.98 15.47
C VAL A 108 7.23 -15.58 15.90
N GLU A 109 6.25 -14.72 16.07
CA GLU A 109 6.58 -13.34 16.46
C GLU A 109 6.22 -13.14 17.92
N GLY A 110 6.98 -12.27 18.60
CA GLY A 110 6.75 -11.96 20.01
C GLY A 110 7.34 -12.91 21.00
N ASN A 111 8.47 -13.51 20.67
CA ASN A 111 9.08 -14.47 21.59
C ASN A 111 10.56 -14.65 21.28
N SER A 112 11.41 -13.99 22.07
CA SER A 112 12.86 -14.09 21.89
C SER A 112 13.41 -15.52 21.96
N HIS A 113 12.80 -16.36 22.84
CA HIS A 113 13.23 -17.76 23.03
C HIS A 113 12.92 -18.68 21.87
N ALA A 114 12.10 -18.19 20.94
CA ALA A 114 11.71 -18.95 19.76
C ALA A 114 12.96 -19.33 19.02
N GLN A 115 13.14 -20.62 18.75
CA GLN A 115 14.34 -21.08 18.04
C GLN A 115 14.00 -21.88 16.76
N TYR A 116 14.59 -21.43 15.66
CA TYR A 116 14.38 -22.04 14.35
C TYR A 116 15.32 -23.20 14.15
N VAL A 117 14.77 -24.32 13.55
CA VAL A 117 15.60 -25.51 13.38
C VAL A 117 15.45 -26.26 12.05
N GLU A 118 16.61 -26.71 11.52
CA GLU A 118 16.70 -27.48 10.29
C GLU A 118 17.24 -28.84 10.68
N ASP A 119 16.48 -29.89 10.41
CA ASP A 119 16.91 -31.19 10.78
C ASP A 119 18.07 -31.63 9.82
N PRO A 120 19.25 -31.92 10.41
CA PRO A 120 20.45 -32.35 9.66
C PRO A 120 20.24 -33.52 8.68
N ILE A 121 19.40 -34.50 9.09
CA ILE A 121 19.13 -35.65 8.26
C ILE A 121 17.97 -35.45 7.28
N THR A 122 16.77 -35.14 7.78
CA THR A 122 15.63 -34.89 6.92
C THR A 122 15.69 -33.52 6.25
N GLY A 123 16.42 -32.57 6.84
CA GLY A 123 16.54 -31.24 6.29
C GLY A 123 15.24 -30.46 6.46
N ARG A 124 14.35 -30.99 7.28
CA ARG A 124 13.06 -30.36 7.54
C ARG A 124 13.13 -29.19 8.51
N GLN A 125 12.57 -28.07 8.07
CA GLN A 125 12.58 -26.84 8.87
C GLN A 125 11.32 -26.76 9.76
N SER A 126 11.51 -26.23 10.95
CA SER A 126 10.44 -26.14 11.92
C SER A 126 10.81 -25.05 12.87
N VAL A 127 9.90 -24.67 13.76
CA VAL A 127 10.22 -23.64 14.72
C VAL A 127 9.68 -24.04 16.10
N LEU A 128 10.47 -23.82 17.14
CA LEU A 128 10.03 -24.20 18.52
C LEU A 128 9.92 -23.04 19.46
N VAL A 129 9.04 -23.18 20.42
CA VAL A 129 8.86 -22.17 21.39
C VAL A 129 8.66 -22.92 22.72
N PRO A 130 9.37 -22.50 23.75
CA PRO A 130 9.20 -23.18 25.03
C PRO A 130 7.76 -23.02 25.51
N TYR A 131 7.16 -24.05 26.04
CA TYR A 131 5.78 -24.00 26.52
C TYR A 131 5.67 -23.23 27.81
N GLU A 132 4.68 -22.35 27.88
CA GLU A 132 4.50 -21.64 29.13
C GLU A 132 2.98 -21.66 29.33
N PRO A 133 2.56 -21.93 30.55
CA PRO A 133 1.11 -21.99 30.87
C PRO A 133 0.42 -20.68 30.54
N PRO A 134 -0.89 -20.69 30.57
CA PRO A 134 -1.67 -19.49 30.26
C PRO A 134 -1.42 -18.36 31.28
N GLN A 135 -1.95 -17.20 31.01
CA GLN A 135 -1.80 -16.11 31.96
C GLN A 135 -2.86 -16.41 32.97
N VAL A 136 -2.73 -15.85 34.16
CA VAL A 136 -3.72 -16.06 35.22
C VAL A 136 -5.12 -15.67 34.76
N GLY A 137 -6.12 -16.52 35.03
CA GLY A 137 -7.47 -16.23 34.64
C GLY A 137 -7.76 -16.55 33.16
N THR A 138 -6.72 -16.84 32.39
CA THR A 138 -6.81 -17.17 30.96
C THR A 138 -6.77 -18.69 30.81
N GLU A 139 -7.48 -19.25 29.80
CA GLU A 139 -7.46 -20.71 29.63
C GLU A 139 -6.60 -21.16 28.48
N PHE A 140 -6.02 -20.20 27.75
CA PHE A 140 -5.19 -20.52 26.62
C PHE A 140 -3.77 -19.93 26.60
N THR A 141 -2.81 -20.71 26.10
CA THR A 141 -1.46 -20.20 25.96
C THR A 141 -1.51 -19.74 24.51
N THR A 142 -1.30 -18.48 24.27
CA THR A 142 -1.34 -18.02 22.88
C THR A 142 0.02 -17.89 22.25
N VAL A 143 0.16 -18.38 21.04
CA VAL A 143 1.40 -18.34 20.30
C VAL A 143 1.16 -17.61 18.98
N LEU A 144 2.04 -16.68 18.65
CA LEU A 144 1.92 -15.90 17.42
C LEU A 144 2.72 -16.39 16.25
N TYR A 145 2.04 -16.97 15.28
CA TYR A 145 2.72 -17.47 14.10
C TYR A 145 2.63 -16.53 12.91
N ASN A 146 3.62 -16.57 12.03
CA ASN A 146 3.67 -15.79 10.78
C ASN A 146 4.02 -16.74 9.66
N PHE A 147 3.25 -16.70 8.56
CA PHE A 147 3.53 -17.58 7.45
C PHE A 147 4.12 -16.77 6.35
N MET A 148 5.36 -17.10 5.95
CA MET A 148 6.11 -16.24 5.07
C MET A 148 6.10 -16.42 3.53
N CYS A 149 5.16 -17.17 3.01
CA CYS A 149 5.09 -17.35 1.56
C CYS A 149 3.67 -17.62 1.20
N ASN A 150 3.13 -16.99 0.16
CA ASN A 150 1.82 -17.40 -0.25
C ASN A 150 1.82 -18.88 -0.57
N SER A 151 0.63 -19.48 -0.49
CA SER A 151 0.57 -20.91 -0.76
C SER A 151 0.41 -21.05 -2.27
N SER A 152 1.23 -20.27 -3.03
CA SER A 152 1.13 -20.31 -4.47
C SER A 152 2.40 -19.69 -5.04
N CYS A 153 3.36 -19.46 -4.16
CA CYS A 153 4.62 -18.90 -4.62
C CYS A 153 5.22 -19.92 -5.59
N VAL A 154 5.54 -19.46 -6.79
CA VAL A 154 6.15 -20.32 -7.76
C VAL A 154 7.55 -20.54 -7.27
N GLY A 155 8.07 -21.74 -7.38
CA GLY A 155 9.41 -21.98 -6.89
C GLY A 155 9.35 -22.34 -5.44
N GLY A 156 8.12 -22.51 -4.96
CA GLY A 156 7.90 -22.86 -3.56
C GLY A 156 6.72 -23.79 -3.53
N MET A 157 5.73 -23.49 -2.71
CA MET A 157 4.56 -24.38 -2.65
C MET A 157 3.84 -24.51 -4.00
N ASN A 158 4.04 -23.56 -4.90
CA ASN A 158 3.39 -23.58 -6.20
C ASN A 158 1.98 -24.13 -6.05
N ARG A 159 1.19 -23.45 -5.21
CA ARG A 159 -0.22 -23.79 -4.86
C ARG A 159 -0.51 -25.25 -4.44
N ARG A 160 0.51 -25.89 -3.87
CA ARG A 160 0.35 -27.24 -3.35
C ARG A 160 -0.12 -27.17 -1.91
N PRO A 161 -1.34 -27.69 -1.62
CA PRO A 161 -1.81 -27.63 -0.23
C PRO A 161 -0.81 -28.14 0.80
N ILE A 162 -0.65 -27.38 1.90
CA ILE A 162 0.25 -27.78 2.93
C ILE A 162 -0.57 -27.80 4.18
N LEU A 163 -0.04 -28.36 5.23
CA LEU A 163 -0.75 -28.32 6.48
C LEU A 163 0.25 -28.29 7.63
N ILE A 164 -0.12 -27.54 8.61
CA ILE A 164 0.74 -27.36 9.77
C ILE A 164 0.55 -28.44 10.84
N ILE A 165 1.69 -28.81 11.41
CA ILE A 165 1.69 -29.83 12.41
C ILE A 165 2.27 -29.26 13.69
N VAL A 166 1.39 -28.74 14.51
CA VAL A 166 1.86 -28.21 15.77
C VAL A 166 1.93 -29.38 16.74
N THR A 167 3.08 -29.57 17.34
CA THR A 167 3.33 -30.69 18.21
C THR A 167 3.91 -30.26 19.53
N LEU A 168 3.34 -30.80 20.62
CA LEU A 168 3.83 -30.52 21.97
C LEU A 168 4.84 -31.60 22.27
N GLU A 169 6.11 -31.24 22.51
CA GLU A 169 7.11 -32.24 22.77
C GLU A 169 7.90 -32.05 24.05
N THR A 170 8.47 -33.15 24.51
CA THR A 170 9.28 -33.13 25.73
C THR A 170 10.57 -32.37 25.35
N ARG A 171 11.24 -31.77 26.34
CA ARG A 171 12.44 -31.00 26.09
C ARG A 171 13.50 -31.79 25.31
N ASP A 172 13.34 -33.09 25.21
CA ASP A 172 14.33 -33.80 24.40
C ASP A 172 13.66 -34.53 23.23
N GLY A 173 12.66 -33.84 22.64
CA GLY A 173 12.00 -34.34 21.44
C GLY A 173 11.01 -35.48 21.42
N GLN A 174 10.51 -35.92 22.59
CA GLN A 174 9.54 -36.95 22.61
C GLN A 174 8.19 -36.29 22.46
N VAL A 175 7.38 -36.77 21.44
CA VAL A 175 6.08 -36.18 21.18
C VAL A 175 5.01 -36.52 22.23
N LEU A 176 4.52 -35.48 22.94
CA LEU A 176 3.50 -35.62 23.98
C LEU A 176 2.10 -35.32 23.44
N GLY A 177 2.03 -34.67 22.28
CA GLY A 177 0.76 -34.35 21.72
C GLY A 177 0.97 -33.75 20.38
N ARG A 178 -0.04 -33.90 19.53
CA ARG A 178 0.03 -33.39 18.16
C ARG A 178 -1.35 -33.08 17.56
N ARG A 179 -1.48 -31.92 16.90
CA ARG A 179 -2.70 -31.56 16.24
C ARG A 179 -2.36 -31.00 14.85
N CYS A 180 -3.23 -31.21 13.85
CA CYS A 180 -2.97 -30.69 12.51
C CYS A 180 -4.09 -29.92 11.92
N PHE A 181 -3.75 -29.01 11.06
CA PHE A 181 -4.76 -28.22 10.36
C PHE A 181 -4.18 -27.80 9.00
N GLU A 182 -5.01 -27.74 7.98
CA GLU A 182 -4.52 -27.36 6.68
C GLU A 182 -4.34 -25.87 6.68
N ALA A 183 -3.24 -25.41 6.10
CA ALA A 183 -2.97 -24.01 6.05
C ALA A 183 -2.96 -23.54 4.59
N ARG A 184 -3.62 -22.42 4.28
CA ARG A 184 -3.66 -21.91 2.94
C ARG A 184 -3.44 -20.42 2.99
N ILE A 185 -2.17 -20.02 2.90
CA ILE A 185 -1.88 -18.58 2.99
C ILE A 185 -2.03 -17.91 1.65
N CYS A 186 -2.95 -16.97 1.63
CA CYS A 186 -3.30 -16.21 0.42
C CYS A 186 -3.45 -14.67 0.58
N ALA A 187 -4.27 -14.11 -0.34
CA ALA A 187 -4.48 -12.69 -0.37
C ALA A 187 -5.87 -12.33 0.11
N CYS A 188 -6.83 -13.15 -0.23
CA CYS A 188 -8.20 -12.88 0.21
C CYS A 188 -8.75 -14.04 1.04
N PRO A 189 -8.15 -14.29 2.20
CA PRO A 189 -8.69 -15.41 3.03
C PRO A 189 -10.23 -15.39 3.07
N GLY A 190 -10.83 -14.23 3.18
CA GLY A 190 -12.27 -14.16 3.20
C GLY A 190 -12.84 -14.84 1.96
N ARG A 191 -12.59 -14.25 0.81
CA ARG A 191 -13.07 -14.77 -0.48
C ARG A 191 -12.81 -16.26 -0.62
N ASP A 192 -11.53 -16.63 -0.57
CA ASP A 192 -11.11 -18.02 -0.74
C ASP A 192 -11.86 -18.98 0.18
N ARG A 193 -11.96 -18.64 1.47
CA ARG A 193 -12.67 -19.54 2.38
C ARG A 193 -14.11 -19.70 1.90
N LYS A 194 -14.75 -18.57 1.57
CA LYS A 194 -16.13 -18.57 1.11
C LYS A 194 -16.29 -19.51 -0.10
N ALA A 195 -15.48 -19.27 -1.15
CA ALA A 195 -15.53 -20.06 -2.36
C ALA A 195 -15.26 -21.52 -2.07
N ASP A 196 -14.30 -21.75 -1.18
CA ASP A 196 -13.94 -23.11 -0.78
C ASP A 196 -15.17 -23.79 -0.14
N GLU A 197 -15.99 -23.00 0.57
CA GLU A 197 -17.19 -23.56 1.23
C GLU A 197 -18.38 -23.75 0.28
N ASP A 198 -18.38 -23.01 -0.84
CA ASP A 198 -19.46 -23.17 -1.79
C ASP A 198 -19.15 -24.35 -2.70
N SER A 199 -17.90 -24.80 -2.64
CA SER A 199 -17.48 -25.91 -3.41
C SER A 199 -18.08 -27.19 -2.87
N ASP B 11 14.98 8.43 -29.44
CA ASP B 11 15.29 7.98 -30.74
C ASP B 11 16.30 8.89 -31.48
N TYR B 12 17.37 8.28 -31.98
CA TYR B 12 18.42 8.98 -32.71
C TYR B 12 18.88 8.16 -33.93
N PRO B 13 18.21 8.37 -35.09
CA PRO B 13 18.51 7.68 -36.35
C PRO B 13 20.00 7.58 -36.66
N GLY B 14 20.71 8.68 -36.46
CA GLY B 14 22.13 8.74 -36.70
C GLY B 14 22.50 8.71 -38.19
N PRO B 15 23.80 8.77 -38.44
CA PRO B 15 24.37 8.75 -39.82
C PRO B 15 23.90 7.62 -40.74
N HIS B 16 23.52 6.48 -40.16
CA HIS B 16 23.10 5.35 -41.00
C HIS B 16 21.58 5.17 -41.02
N SER B 17 20.88 6.23 -40.62
CA SER B 17 19.43 6.20 -40.55
C SER B 17 18.99 4.86 -39.99
N PHE B 18 19.45 4.61 -38.79
CA PHE B 18 19.17 3.37 -38.05
C PHE B 18 17.71 3.22 -37.70
N ASP B 19 17.21 1.98 -37.79
CA ASP B 19 15.82 1.83 -37.48
C ASP B 19 15.44 0.39 -37.12
N VAL B 20 14.46 0.27 -36.21
CA VAL B 20 13.96 -1.03 -35.76
C VAL B 20 12.46 -1.17 -36.06
N SER B 21 12.03 -2.36 -36.41
CA SER B 21 10.67 -2.63 -36.76
C SER B 21 10.35 -4.13 -36.65
N PHE B 22 9.05 -4.43 -36.58
CA PHE B 22 8.51 -5.80 -36.46
C PHE B 22 7.56 -6.11 -37.65
N GLN B 23 7.60 -7.34 -38.19
CA GLN B 23 6.74 -7.72 -39.32
C GLN B 23 5.30 -8.06 -38.90
N THR B 32 2.91 -15.98 -30.60
CA THR B 32 3.74 -15.98 -29.46
C THR B 32 4.22 -14.57 -29.10
N TRP B 33 3.74 -13.61 -29.88
CA TRP B 33 4.07 -12.22 -29.63
C TRP B 33 3.38 -11.32 -30.62
N THR B 34 3.40 -10.03 -30.35
CA THR B 34 2.75 -9.04 -31.21
C THR B 34 3.27 -7.63 -30.92
N TYR B 35 3.09 -6.73 -31.88
CA TYR B 35 3.58 -5.36 -31.75
C TYR B 35 2.59 -4.27 -32.17
N SER B 36 2.34 -3.34 -31.23
CA SER B 36 1.45 -2.23 -31.48
C SER B 36 2.31 -1.11 -32.02
N THR B 37 2.33 -0.99 -33.36
CA THR B 37 3.11 0.02 -34.04
C THR B 37 2.98 1.36 -33.31
N GLU B 38 1.73 1.84 -33.25
CA GLU B 38 1.41 3.13 -32.65
C GLU B 38 1.44 3.17 -31.13
N LEU B 39 1.87 2.10 -30.50
CA LEU B 39 1.95 2.15 -29.06
C LEU B 39 3.40 1.95 -28.72
N LYS B 40 4.20 1.67 -29.73
CA LYS B 40 5.64 1.47 -29.58
C LYS B 40 5.77 0.46 -28.45
N LYS B 41 4.86 -0.55 -28.42
CA LYS B 41 4.89 -1.56 -27.37
C LYS B 41 4.96 -2.97 -27.96
N LEU B 42 5.82 -3.78 -27.37
CA LEU B 42 5.99 -5.15 -27.81
C LEU B 42 5.41 -6.02 -26.72
N TYR B 43 4.47 -6.88 -27.09
CA TYR B 43 3.81 -7.80 -26.16
C TYR B 43 4.32 -9.16 -26.56
N CYS B 44 4.97 -9.86 -25.64
CA CYS B 44 5.42 -11.20 -26.02
C CYS B 44 5.56 -12.15 -24.83
N GLN B 45 5.39 -13.42 -25.10
CA GLN B 45 5.49 -14.40 -24.03
C GLN B 45 6.97 -14.56 -23.63
N ILE B 46 7.15 -15.02 -22.40
CA ILE B 46 8.49 -15.24 -21.83
C ILE B 46 9.29 -16.36 -22.53
N ALA B 47 10.61 -16.20 -22.56
CA ALA B 47 11.53 -17.18 -23.16
C ALA B 47 11.12 -17.61 -24.55
N LYS B 48 10.09 -16.98 -25.13
CA LYS B 48 9.71 -17.33 -26.49
C LYS B 48 10.57 -16.44 -27.37
N THR B 49 10.68 -16.79 -28.62
CA THR B 49 11.55 -16.04 -29.53
C THR B 49 10.95 -14.82 -30.21
N CYS B 50 11.69 -13.72 -30.15
CA CYS B 50 11.25 -12.48 -30.77
C CYS B 50 12.14 -12.01 -31.92
N PRO B 51 11.62 -12.09 -33.14
CA PRO B 51 12.40 -11.66 -34.28
C PRO B 51 12.33 -10.14 -34.33
N ILE B 52 13.42 -9.50 -34.47
CA ILE B 52 13.44 -8.05 -34.54
C ILE B 52 14.21 -7.53 -35.78
N GLN B 53 13.56 -6.66 -36.52
CA GLN B 53 14.13 -6.13 -37.76
C GLN B 53 14.96 -4.87 -37.66
N ILE B 54 16.17 -4.96 -38.15
CA ILE B 54 17.11 -3.84 -38.18
C ILE B 54 17.33 -3.37 -39.61
N LYS B 55 17.33 -2.07 -39.79
CA LYS B 55 17.49 -1.49 -41.10
C LYS B 55 18.32 -0.21 -41.06
N VAL B 56 19.38 -0.18 -41.89
CA VAL B 56 20.23 0.98 -42.00
C VAL B 56 20.08 1.56 -43.40
N MET B 57 20.64 2.74 -43.61
CA MET B 57 20.55 3.41 -44.93
C MET B 57 21.86 3.39 -45.64
N THR B 58 22.93 3.28 -44.85
CA THR B 58 24.27 3.27 -45.36
C THR B 58 25.08 2.37 -44.44
N PRO B 59 25.91 1.51 -45.01
CA PRO B 59 26.72 0.62 -44.21
C PRO B 59 27.39 1.28 -42.98
N PRO B 60 27.17 0.69 -41.81
CA PRO B 60 27.77 1.23 -40.59
C PRO B 60 29.27 0.92 -40.57
N PRO B 61 29.98 1.40 -39.57
CA PRO B 61 31.42 1.09 -39.58
C PRO B 61 31.64 -0.41 -39.69
N GLN B 62 32.80 -0.80 -39.26
CA GLN B 62 33.21 -2.19 -39.37
C GLN B 62 32.85 -3.22 -38.29
N GLY B 63 33.20 -2.95 -37.04
CA GLY B 63 32.92 -3.88 -36.00
C GLY B 63 31.44 -3.74 -35.65
N ALA B 64 30.95 -2.53 -35.83
CA ALA B 64 29.56 -2.16 -35.56
C ALA B 64 28.77 -3.29 -34.91
N VAL B 65 28.18 -2.95 -33.75
CA VAL B 65 27.40 -3.93 -33.00
C VAL B 65 25.99 -3.45 -32.69
N ILE B 66 25.15 -4.38 -32.31
CA ILE B 66 23.79 -4.07 -31.95
C ILE B 66 23.57 -4.56 -30.52
N ARG B 67 23.44 -3.61 -29.63
CA ARG B 67 23.26 -3.84 -28.20
C ARG B 67 21.81 -3.65 -27.82
N ALA B 68 21.29 -4.61 -27.03
CA ALA B 68 19.96 -4.54 -26.56
C ALA B 68 20.01 -4.47 -25.06
N MET B 69 19.49 -3.36 -24.53
CA MET B 69 19.51 -3.14 -23.08
C MET B 69 18.11 -2.85 -22.51
N PRO B 70 17.78 -3.47 -21.38
CA PRO B 70 16.48 -3.25 -20.76
C PRO B 70 16.61 -2.15 -19.72
N VAL B 71 15.52 -1.42 -19.52
CA VAL B 71 15.51 -0.37 -18.51
C VAL B 71 14.06 -0.03 -18.17
N TYR B 72 13.83 0.37 -16.93
CA TYR B 72 12.49 0.74 -16.48
C TYR B 72 11.99 2.04 -17.12
N LYS B 73 10.75 2.01 -17.59
CA LYS B 73 10.11 3.14 -18.24
C LYS B 73 9.83 4.30 -17.28
N LYS B 74 9.32 3.97 -16.09
CA LYS B 74 8.99 4.95 -15.08
C LYS B 74 10.20 5.60 -14.44
N ALA B 75 10.16 6.92 -14.37
CA ALA B 75 11.21 7.76 -13.81
C ALA B 75 11.57 7.31 -12.38
N GLU B 76 10.55 6.84 -11.66
CA GLU B 76 10.77 6.34 -10.30
C GLU B 76 11.90 5.33 -10.28
N HIS B 77 11.88 4.39 -11.20
CA HIS B 77 12.78 3.25 -11.21
C HIS B 77 13.93 3.14 -12.23
N VAL B 78 14.02 4.10 -13.17
CA VAL B 78 15.11 4.11 -14.12
C VAL B 78 16.52 3.79 -13.62
N THR B 79 16.82 4.17 -12.39
CA THR B 79 18.15 3.92 -11.83
C THR B 79 18.43 2.46 -11.43
N GLU B 80 17.37 1.67 -11.29
CA GLU B 80 17.52 0.27 -10.90
C GLU B 80 17.76 -0.57 -12.13
N VAL B 81 18.79 -1.42 -12.03
CA VAL B 81 19.15 -2.35 -13.11
C VAL B 81 17.98 -3.30 -13.33
N VAL B 82 17.93 -3.94 -14.51
CA VAL B 82 16.85 -4.88 -14.83
C VAL B 82 17.44 -6.29 -14.96
N LYS B 83 17.14 -7.15 -13.98
CA LYS B 83 17.66 -8.53 -14.01
C LYS B 83 16.50 -9.47 -13.87
N ARG B 84 16.77 -10.73 -14.07
CA ARG B 84 15.75 -11.76 -13.95
C ARG B 84 15.46 -11.90 -12.46
N CYS B 85 14.19 -12.18 -12.13
CA CYS B 85 13.78 -12.41 -10.75
C CYS B 85 14.54 -13.61 -10.20
N PRO B 86 14.72 -13.68 -8.87
CA PRO B 86 15.45 -14.79 -8.27
C PRO B 86 14.97 -16.17 -8.69
N ASN B 87 13.67 -16.39 -8.71
CA ASN B 87 13.20 -17.70 -9.11
C ASN B 87 13.87 -18.19 -10.41
N HIS B 88 13.60 -17.48 -11.49
CA HIS B 88 14.19 -17.85 -12.80
C HIS B 88 15.68 -17.84 -12.83
N GLU B 89 16.26 -16.85 -12.15
CA GLU B 89 17.72 -16.71 -12.12
C GLU B 89 18.41 -18.02 -11.71
N LEU B 90 17.82 -18.72 -10.74
CA LEU B 90 18.40 -19.97 -10.34
C LEU B 90 17.34 -21.03 -10.28
N SER B 91 17.01 -21.51 -11.47
CA SER B 91 16.06 -22.56 -11.67
C SER B 91 16.64 -23.26 -12.87
N ARG B 92 17.23 -24.42 -12.69
CA ARG B 92 17.84 -25.17 -13.79
C ARG B 92 17.17 -24.77 -15.08
N GLU B 93 15.86 -24.83 -15.10
CA GLU B 93 15.08 -24.48 -16.27
C GLU B 93 15.50 -23.19 -16.99
N PHE B 94 15.90 -23.35 -18.24
CA PHE B 94 16.36 -22.23 -19.08
C PHE B 94 17.79 -21.84 -18.80
N ASN B 95 18.33 -22.29 -17.69
CA ASN B 95 19.69 -21.96 -17.35
C ASN B 95 20.67 -23.06 -17.66
N GLU B 96 20.42 -24.20 -17.03
CA GLU B 96 21.25 -25.38 -17.20
C GLU B 96 22.28 -25.30 -18.34
N GLY B 97 21.88 -25.58 -19.55
CA GLY B 97 22.83 -25.55 -20.65
C GLY B 97 22.80 -24.22 -21.36
N GLN B 98 23.44 -23.20 -20.77
CA GLN B 98 23.37 -21.90 -21.40
C GLN B 98 24.62 -21.02 -21.47
N ILE B 99 24.78 -20.40 -22.65
CA ILE B 99 25.87 -19.52 -22.96
C ILE B 99 25.77 -18.31 -22.05
N ALA B 100 24.57 -17.70 -22.08
CA ALA B 100 24.30 -16.50 -21.27
C ALA B 100 24.15 -16.67 -19.75
N PRO B 101 24.41 -15.56 -19.03
CA PRO B 101 24.31 -15.53 -17.57
C PRO B 101 22.81 -15.62 -17.14
N PRO B 102 22.53 -16.42 -16.12
CA PRO B 102 21.16 -16.58 -15.63
C PRO B 102 20.46 -15.34 -15.10
N SER B 103 21.23 -14.35 -14.78
CA SER B 103 20.70 -13.06 -14.29
C SER B 103 20.12 -12.19 -15.42
N HIS B 104 20.74 -12.21 -16.61
CA HIS B 104 20.33 -11.41 -17.76
C HIS B 104 18.92 -11.65 -18.26
N LEU B 105 18.20 -10.54 -18.38
CA LEU B 105 16.84 -10.62 -18.84
C LEU B 105 16.83 -10.89 -20.32
N ILE B 106 17.53 -10.06 -21.07
CA ILE B 106 17.55 -10.21 -22.53
C ILE B 106 18.61 -11.20 -23.01
N ARG B 107 18.20 -12.10 -23.91
CA ARG B 107 19.06 -13.10 -24.52
C ARG B 107 18.85 -13.07 -26.01
N VAL B 108 19.88 -13.46 -26.77
CA VAL B 108 19.72 -13.51 -28.21
C VAL B 108 19.98 -14.94 -28.63
N GLU B 109 19.06 -15.50 -29.41
CA GLU B 109 19.23 -16.86 -29.86
C GLU B 109 19.54 -16.92 -31.34
N GLY B 110 20.46 -17.80 -31.67
CA GLY B 110 20.86 -17.99 -33.03
C GLY B 110 22.12 -17.24 -33.38
N ASN B 111 23.04 -17.14 -32.45
CA ASN B 111 24.25 -16.42 -32.76
C ASN B 111 25.36 -16.69 -31.75
N SER B 112 26.34 -17.50 -32.17
CA SER B 112 27.44 -17.82 -31.31
C SER B 112 28.26 -16.59 -30.93
N HIS B 113 28.31 -15.58 -31.81
CA HIS B 113 29.10 -14.36 -31.53
C HIS B 113 28.49 -13.47 -30.45
N ALA B 114 27.18 -13.61 -30.25
CA ALA B 114 26.49 -12.83 -29.22
C ALA B 114 27.25 -12.88 -27.91
N GLN B 115 27.53 -11.72 -27.34
CA GLN B 115 28.24 -11.65 -26.08
C GLN B 115 27.43 -10.84 -25.07
N TYR B 116 27.32 -11.40 -23.86
CA TYR B 116 26.56 -10.76 -22.79
C TYR B 116 27.54 -9.96 -21.94
N VAL B 117 27.14 -8.76 -21.53
CA VAL B 117 28.02 -7.89 -20.76
C VAL B 117 27.39 -7.22 -19.53
N GLU B 118 28.16 -7.14 -18.46
CA GLU B 118 27.72 -6.50 -17.22
C GLU B 118 28.66 -5.31 -17.04
N ASP B 119 28.11 -4.10 -16.97
CA ASP B 119 28.92 -2.92 -16.80
C ASP B 119 29.50 -2.90 -15.39
N PRO B 120 30.85 -2.90 -15.30
CA PRO B 120 31.54 -2.89 -13.99
C PRO B 120 31.09 -1.77 -13.03
N ILE B 121 30.90 -0.58 -13.59
CA ILE B 121 30.49 0.55 -12.78
C ILE B 121 28.95 0.61 -12.57
N THR B 122 28.18 0.82 -13.63
CA THR B 122 26.72 0.86 -13.50
C THR B 122 26.10 -0.49 -13.13
N GLY B 123 26.79 -1.58 -13.40
CA GLY B 123 26.27 -2.92 -13.12
C GLY B 123 25.19 -3.32 -14.08
N ARG B 124 24.98 -2.47 -15.09
CA ARG B 124 23.90 -2.73 -16.08
C ARG B 124 24.20 -3.91 -17.03
N GLN B 125 23.18 -4.76 -17.20
CA GLN B 125 23.30 -5.92 -18.08
C GLN B 125 22.78 -5.60 -19.51
N SER B 126 23.40 -6.20 -20.48
CA SER B 126 23.06 -5.97 -21.85
C SER B 126 23.64 -7.06 -22.71
N VAL B 127 23.21 -7.13 -23.95
CA VAL B 127 23.71 -8.13 -24.86
C VAL B 127 24.02 -7.58 -26.25
N LEU B 128 25.23 -7.83 -26.74
CA LEU B 128 25.64 -7.34 -28.05
C LEU B 128 25.70 -8.44 -29.08
N VAL B 129 25.52 -8.04 -30.32
CA VAL B 129 25.60 -8.94 -31.45
C VAL B 129 26.23 -8.13 -32.60
N PRO B 130 27.30 -8.68 -33.18
CA PRO B 130 27.99 -8.01 -34.28
C PRO B 130 27.05 -7.74 -35.49
N TYR B 131 27.05 -6.52 -35.95
CA TYR B 131 26.17 -6.17 -37.05
C TYR B 131 26.60 -6.85 -38.34
N GLU B 132 25.60 -7.20 -39.16
CA GLU B 132 25.92 -7.75 -40.45
C GLU B 132 24.85 -7.35 -41.40
N PRO B 133 25.27 -6.96 -42.60
CA PRO B 133 24.28 -6.52 -43.62
C PRO B 133 23.19 -7.57 -43.75
N PRO B 134 22.08 -7.20 -44.39
CA PRO B 134 21.03 -8.21 -44.60
C PRO B 134 21.50 -9.27 -45.61
N GLN B 135 20.64 -10.26 -45.81
CA GLN B 135 20.93 -11.29 -46.79
C GLN B 135 20.64 -10.67 -48.14
N VAL B 136 21.25 -11.22 -49.20
CA VAL B 136 21.07 -10.72 -50.56
C VAL B 136 19.59 -10.66 -50.99
N GLY B 137 19.15 -9.48 -51.45
CA GLY B 137 17.76 -9.30 -51.88
C GLY B 137 16.91 -8.83 -50.70
N THR B 138 17.26 -9.30 -49.51
CA THR B 138 16.55 -8.93 -48.30
C THR B 138 16.66 -7.41 -48.07
N GLU B 139 15.97 -6.91 -47.07
CA GLU B 139 16.02 -5.48 -46.73
C GLU B 139 16.03 -5.32 -45.21
N PHE B 140 16.53 -6.28 -44.48
CA PHE B 140 16.52 -6.19 -43.04
C PHE B 140 17.55 -7.08 -42.39
N THR B 141 18.13 -6.57 -41.34
CA THR B 141 19.05 -7.38 -40.58
C THR B 141 18.14 -7.79 -39.44
N THR B 142 17.86 -9.08 -39.36
CA THR B 142 16.95 -9.63 -38.36
C THR B 142 17.67 -10.27 -37.17
N VAL B 143 17.32 -9.82 -35.99
CA VAL B 143 17.94 -10.34 -34.76
C VAL B 143 16.94 -11.13 -33.95
N LEU B 144 17.40 -12.18 -33.31
CA LEU B 144 16.52 -13.01 -32.50
C LEU B 144 16.67 -12.82 -30.99
N TYR B 145 15.74 -12.08 -30.41
CA TYR B 145 15.72 -11.83 -28.98
C TYR B 145 14.76 -12.68 -28.14
N ASN B 146 15.24 -13.08 -26.95
CA ASN B 146 14.47 -13.87 -26.00
C ASN B 146 14.37 -13.09 -24.69
N PHE B 147 13.16 -12.96 -24.15
CA PHE B 147 13.03 -12.30 -22.87
C PHE B 147 12.75 -13.33 -21.82
N MET B 148 13.58 -13.37 -20.75
CA MET B 148 13.60 -14.47 -19.80
C MET B 148 13.01 -14.24 -18.37
N CYS B 149 11.87 -13.61 -18.29
CA CYS B 149 11.26 -13.33 -17.00
C CYS B 149 9.98 -12.64 -17.43
N ASN B 150 8.87 -12.86 -16.76
CA ASN B 150 7.62 -12.18 -17.16
C ASN B 150 7.73 -10.74 -16.70
N SER B 151 6.89 -9.89 -17.29
CA SER B 151 6.95 -8.47 -16.95
C SER B 151 6.41 -8.27 -15.55
N SER B 152 6.20 -9.35 -14.83
CA SER B 152 5.56 -9.27 -13.53
C SER B 152 6.20 -10.10 -12.43
N CYS B 153 7.32 -10.73 -12.74
CA CYS B 153 7.97 -11.56 -11.73
C CYS B 153 8.25 -10.80 -10.43
N VAL B 154 7.69 -11.35 -9.37
CA VAL B 154 7.91 -10.79 -8.07
C VAL B 154 9.41 -10.89 -7.84
N GLY B 155 10.01 -9.89 -7.21
CA GLY B 155 11.44 -9.96 -6.98
C GLY B 155 12.22 -9.57 -8.21
N GLY B 156 11.54 -9.16 -9.27
CA GLY B 156 12.16 -8.74 -10.50
C GLY B 156 11.49 -7.47 -10.96
N MET B 157 10.92 -7.50 -12.14
CA MET B 157 10.21 -6.33 -12.66
C MET B 157 8.92 -5.99 -11.88
N ASN B 158 8.42 -6.94 -11.11
CA ASN B 158 7.23 -6.72 -10.29
C ASN B 158 6.25 -5.85 -11.08
N ARG B 159 5.92 -6.29 -12.29
CA ARG B 159 5.00 -5.61 -13.24
C ARG B 159 5.30 -4.13 -13.51
N ARG B 160 6.55 -3.72 -13.31
CA ARG B 160 6.99 -2.37 -13.59
C ARG B 160 7.33 -2.31 -15.08
N PRO B 161 6.61 -1.50 -15.86
CA PRO B 161 6.89 -1.42 -17.29
C PRO B 161 8.34 -1.13 -17.57
N ILE B 162 8.89 -1.83 -18.55
CA ILE B 162 10.26 -1.64 -18.93
C ILE B 162 10.23 -1.39 -20.42
N LEU B 163 11.31 -0.86 -20.97
CA LEU B 163 11.39 -0.69 -22.39
C LEU B 163 12.80 -1.03 -22.86
N ILE B 164 12.86 -1.61 -24.04
CA ILE B 164 14.14 -2.04 -24.58
C ILE B 164 14.83 -0.91 -25.34
N ILE B 165 16.13 -0.84 -25.17
CA ILE B 165 16.91 0.17 -25.88
C ILE B 165 17.92 -0.55 -26.76
N VAL B 166 17.57 -0.65 -28.02
CA VAL B 166 18.47 -1.28 -28.98
C VAL B 166 19.26 -0.12 -29.55
N THR B 167 20.58 -0.25 -29.47
CA THR B 167 21.50 0.77 -29.90
C THR B 167 22.55 0.20 -30.87
N LEU B 168 22.77 0.90 -31.98
CA LEU B 168 23.79 0.52 -32.96
C LEU B 168 25.04 1.27 -32.54
N GLU B 169 26.07 0.53 -32.19
CA GLU B 169 27.26 1.20 -31.74
C GLU B 169 28.50 0.82 -32.50
N THR B 170 29.51 1.69 -32.35
CA THR B 170 30.79 1.49 -32.97
C THR B 170 31.49 0.45 -32.17
N ARG B 171 32.32 -0.34 -32.84
CA ARG B 171 33.08 -1.39 -32.20
C ARG B 171 33.62 -1.01 -30.80
N ASP B 172 33.97 0.27 -30.59
CA ASP B 172 34.50 0.72 -29.28
C ASP B 172 33.44 1.37 -28.41
N GLY B 173 32.14 1.09 -28.68
CA GLY B 173 31.12 1.66 -27.85
C GLY B 173 30.61 3.02 -28.12
N GLN B 174 30.97 3.63 -29.24
CA GLN B 174 30.43 4.92 -29.59
C GLN B 174 29.05 4.70 -30.18
N VAL B 175 28.07 5.54 -29.80
CA VAL B 175 26.74 5.31 -30.32
C VAL B 175 26.58 5.88 -31.74
N LEU B 176 25.96 5.10 -32.62
CA LEU B 176 25.74 5.52 -34.00
C LEU B 176 24.26 5.73 -34.25
N GLY B 177 23.43 5.20 -33.35
CA GLY B 177 22.02 5.31 -33.47
C GLY B 177 21.33 4.60 -32.32
N ARG B 178 20.08 4.99 -32.04
CA ARG B 178 19.35 4.37 -30.96
C ARG B 178 17.87 4.42 -31.19
N ARG B 179 17.18 3.32 -30.94
CA ARG B 179 15.75 3.27 -31.09
C ARG B 179 15.21 2.59 -29.84
N CYS B 180 13.97 2.83 -29.48
CA CYS B 180 13.40 2.16 -28.30
C CYS B 180 11.89 1.99 -28.30
N PHE B 181 11.49 0.84 -27.79
CA PHE B 181 10.09 0.44 -27.71
C PHE B 181 9.81 -0.16 -26.31
N GLU B 182 8.59 -0.06 -25.84
CA GLU B 182 8.22 -0.61 -24.54
C GLU B 182 7.99 -2.12 -24.67
N ALA B 183 8.56 -2.88 -23.78
CA ALA B 183 8.42 -4.31 -23.80
C ALA B 183 7.54 -4.74 -22.61
N ARG B 184 6.65 -5.70 -22.85
CA ARG B 184 5.79 -6.22 -21.83
C ARG B 184 5.65 -7.70 -22.10
N ILE B 185 6.56 -8.47 -21.52
CA ILE B 185 6.53 -9.92 -21.71
C ILE B 185 5.59 -10.56 -20.67
N CYS B 186 4.51 -11.13 -21.18
CA CYS B 186 3.50 -11.76 -20.35
C CYS B 186 3.10 -13.16 -20.80
N ALA B 187 1.84 -13.51 -20.58
CA ALA B 187 1.30 -14.83 -20.90
C ALA B 187 0.25 -14.82 -22.03
N CYS B 188 -0.47 -13.71 -22.18
CA CYS B 188 -1.48 -13.60 -23.23
C CYS B 188 -1.25 -12.29 -23.98
N PRO B 189 -0.10 -12.20 -24.69
CA PRO B 189 0.18 -10.95 -25.44
C PRO B 189 -1.05 -10.51 -26.25
N GLY B 190 -1.77 -11.46 -26.82
CA GLY B 190 -2.95 -11.11 -27.57
C GLY B 190 -3.88 -10.29 -26.67
N ARG B 191 -4.45 -10.98 -25.66
CA ARG B 191 -5.38 -10.38 -24.71
C ARG B 191 -4.90 -9.04 -24.20
N ASP B 192 -3.75 -9.06 -23.57
CA ASP B 192 -3.16 -7.86 -22.97
C ASP B 192 -3.07 -6.71 -23.96
N ARG B 193 -2.61 -7.02 -25.19
CA ARG B 193 -2.46 -6.00 -26.23
C ARG B 193 -3.84 -5.42 -26.47
N LYS B 194 -4.79 -6.32 -26.80
CA LYS B 194 -6.16 -5.90 -27.09
C LYS B 194 -6.75 -4.99 -25.98
N ALA B 195 -6.74 -5.51 -24.74
CA ALA B 195 -7.25 -4.77 -23.59
C ALA B 195 -6.53 -3.45 -23.45
N ASP B 196 -5.21 -3.48 -23.68
CA ASP B 196 -4.38 -2.29 -23.59
C ASP B 196 -4.76 -1.31 -24.71
N GLU B 197 -5.47 -1.81 -25.71
CA GLU B 197 -5.92 -1.00 -26.84
C GLU B 197 -7.32 -0.43 -26.54
N ASP B 198 -7.98 -1.00 -25.53
CA ASP B 198 -9.32 -0.56 -25.11
C ASP B 198 -9.29 0.75 -24.32
N SER B 199 -8.19 0.98 -23.59
CA SER B 199 -7.97 2.19 -22.77
C SER B 199 -8.09 3.51 -23.56
N ILE B 200 -8.44 3.38 -24.83
CA ILE B 200 -8.59 4.49 -25.76
C ILE B 200 -9.68 4.24 -26.81
N SER C 6 22.44 -49.15 -42.96
CA SER C 6 21.53 -48.32 -42.25
C SER C 6 21.83 -48.29 -40.68
N PRO C 7 22.40 -47.17 -40.21
CA PRO C 7 22.78 -46.91 -38.81
C PRO C 7 22.10 -47.79 -37.70
N SER C 8 22.89 -48.24 -36.75
CA SER C 8 22.42 -49.09 -35.67
C SER C 8 21.63 -48.37 -34.65
N ASN C 9 20.75 -49.06 -34.04
CA ASN C 9 19.91 -48.41 -33.03
C ASN C 9 19.82 -49.18 -31.71
N THR C 10 20.81 -50.05 -31.45
CA THR C 10 20.75 -50.82 -30.19
C THR C 10 21.54 -50.14 -29.09
N ASP C 11 20.98 -50.13 -27.91
CA ASP C 11 21.64 -49.50 -26.78
C ASP C 11 22.97 -50.17 -26.51
N TYR C 12 24.02 -49.37 -26.36
CA TYR C 12 25.35 -49.87 -26.12
C TYR C 12 26.12 -48.93 -25.17
N PRO C 13 25.98 -49.15 -23.86
CA PRO C 13 26.60 -48.39 -22.73
C PRO C 13 28.05 -48.08 -22.95
N GLY C 14 28.79 -49.07 -23.47
CA GLY C 14 30.15 -48.86 -23.75
C GLY C 14 30.97 -48.65 -22.51
N PRO C 15 32.29 -48.67 -22.70
CA PRO C 15 33.33 -48.48 -21.57
C PRO C 15 33.06 -47.29 -20.58
N HIS C 16 32.32 -46.30 -21.03
CA HIS C 16 32.07 -45.18 -20.12
C HIS C 16 30.73 -45.16 -19.53
N SER C 17 30.04 -46.33 -19.50
CA SER C 17 28.63 -46.44 -18.96
C SER C 17 27.75 -45.22 -19.46
N PHE C 18 27.74 -45.00 -20.82
CA PHE C 18 27.04 -43.93 -21.47
C PHE C 18 25.54 -44.04 -21.27
N ASP C 19 24.88 -42.89 -21.00
CA ASP C 19 23.48 -42.90 -20.77
C ASP C 19 22.79 -41.59 -21.03
N VAL C 20 21.61 -41.66 -21.53
CA VAL C 20 20.82 -40.42 -21.81
C VAL C 20 19.48 -40.52 -21.00
N SER C 21 18.98 -39.37 -20.47
CA SER C 21 17.74 -39.40 -19.70
C SER C 21 17.12 -38.06 -19.79
N PHE C 22 15.88 -37.99 -19.37
CA PHE C 22 15.22 -36.68 -19.48
C PHE C 22 14.63 -36.28 -18.12
N GLN C 23 15.10 -35.09 -17.64
CA GLN C 23 14.62 -34.56 -16.39
C GLN C 23 14.00 -33.13 -16.64
N GLN C 24 12.74 -33.04 -16.19
CA GLN C 24 11.85 -31.94 -16.29
C GLN C 24 12.38 -30.61 -15.71
N SER C 25 12.56 -29.64 -16.61
CA SER C 25 13.17 -28.30 -16.30
C SER C 25 12.44 -27.32 -15.32
N SER C 26 11.19 -27.68 -14.90
CA SER C 26 10.46 -26.80 -14.00
C SER C 26 9.73 -27.53 -12.89
N THR C 27 8.63 -26.93 -12.47
CA THR C 27 7.76 -27.44 -11.39
C THR C 27 6.42 -26.65 -11.39
N LYS C 29 2.99 -28.53 -15.60
CA LYS C 29 2.98 -27.84 -16.88
C LYS C 29 4.39 -27.85 -17.50
N SER C 30 4.87 -26.67 -17.94
CA SER C 30 6.19 -26.58 -18.69
C SER C 30 5.98 -27.49 -19.89
N ALA C 31 4.67 -27.74 -20.20
CA ALA C 31 4.16 -28.67 -21.20
C ALA C 31 4.78 -28.63 -22.57
N THR C 32 5.91 -27.92 -22.72
CA THR C 32 6.60 -27.88 -24.02
C THR C 32 7.09 -29.25 -24.46
N TRP C 33 7.23 -30.17 -23.51
CA TRP C 33 7.64 -31.54 -23.84
C TRP C 33 7.43 -32.49 -22.66
N THR C 34 7.62 -33.78 -22.95
CA THR C 34 7.37 -34.80 -21.98
C THR C 34 8.08 -36.13 -22.41
N TYR C 35 8.32 -37.02 -21.47
CA TYR C 35 9.03 -38.27 -21.83
C TYR C 35 8.44 -39.58 -21.22
N SER C 36 8.27 -40.62 -22.06
CA SER C 36 7.74 -41.87 -21.54
C SER C 36 8.92 -42.81 -21.41
N THR C 37 9.55 -42.78 -20.19
CA THR C 37 10.71 -43.60 -19.91
C THR C 37 10.26 -45.03 -20.24
N GLU C 38 9.06 -45.32 -19.79
CA GLU C 38 8.44 -46.59 -19.96
C GLU C 38 8.33 -46.94 -21.43
N LEU C 39 7.92 -45.99 -22.25
CA LEU C 39 7.76 -46.19 -23.67
C LEU C 39 8.99 -45.91 -24.52
N LYS C 40 10.01 -45.29 -23.92
CA LYS C 40 11.27 -44.86 -24.59
C LYS C 40 10.91 -43.83 -25.65
N LYS C 41 9.86 -43.06 -25.40
CA LYS C 41 9.36 -42.06 -26.33
C LYS C 41 9.42 -40.70 -25.72
N LEU C 42 9.87 -39.79 -26.55
CA LEU C 42 9.96 -38.35 -26.15
C LEU C 42 8.87 -37.63 -26.98
N TYR C 43 7.90 -36.98 -26.32
CA TYR C 43 6.80 -36.21 -27.05
C TYR C 43 7.14 -34.69 -26.95
N CYS C 44 7.38 -34.02 -28.04
CA CYS C 44 7.70 -32.59 -27.89
C CYS C 44 7.28 -31.61 -29.00
N GLN C 45 7.09 -30.35 -28.65
CA GLN C 45 6.64 -29.35 -29.58
C GLN C 45 7.70 -28.91 -30.58
N ILE C 46 7.28 -28.60 -31.78
CA ILE C 46 8.26 -28.17 -32.79
C ILE C 46 8.99 -26.87 -32.46
N ALA C 47 10.25 -26.85 -32.84
CA ALA C 47 11.21 -25.72 -32.67
C ALA C 47 11.46 -25.32 -31.18
N LYS C 48 10.66 -25.88 -30.25
CA LYS C 48 10.86 -25.57 -28.89
C LYS C 48 12.04 -26.35 -28.47
N THR C 49 12.52 -25.95 -27.31
CA THR C 49 13.77 -26.56 -26.74
C THR C 49 13.62 -27.80 -25.85
N CYS C 50 14.44 -28.82 -26.21
CA CYS C 50 14.43 -30.02 -25.43
C CYS C 50 15.81 -30.28 -24.71
N PRO C 51 15.81 -30.26 -23.39
CA PRO C 51 16.99 -30.49 -22.58
C PRO C 51 17.19 -31.99 -22.46
N ILE C 52 18.40 -32.48 -22.79
CA ILE C 52 18.63 -33.91 -22.73
C ILE C 52 19.84 -34.17 -21.87
N GLN C 53 19.70 -35.02 -20.88
CA GLN C 53 20.79 -35.31 -19.92
C GLN C 53 21.69 -36.47 -20.28
N ILE C 54 22.95 -36.15 -20.36
CA ILE C 54 24.02 -37.14 -20.68
C ILE C 54 24.79 -37.48 -19.41
N LYS C 55 25.05 -38.75 -19.23
CA LYS C 55 25.77 -39.22 -18.05
C LYS C 55 26.76 -40.33 -18.39
N VAL C 56 28.06 -40.15 -17.99
CA VAL C 56 29.06 -41.20 -18.21
C VAL C 56 29.45 -41.68 -16.82
N MET C 57 30.35 -42.64 -16.74
CA MET C 57 30.76 -43.16 -15.44
C MET C 57 32.27 -43.00 -15.36
N THR C 58 32.89 -42.80 -16.51
CA THR C 58 34.28 -42.62 -16.58
C THR C 58 34.53 -41.66 -17.74
N PRO C 59 35.38 -40.67 -17.51
CA PRO C 59 35.72 -39.66 -18.52
C PRO C 59 36.03 -40.25 -19.89
N PRO C 60 35.27 -39.79 -20.90
CA PRO C 60 35.51 -40.29 -22.24
C PRO C 60 36.80 -39.65 -22.85
N PRO C 61 37.35 -40.25 -23.91
CA PRO C 61 38.56 -39.82 -24.61
C PRO C 61 38.78 -38.34 -24.80
N GLN C 62 39.36 -37.98 -25.88
CA GLN C 62 39.67 -36.57 -26.05
C GLN C 62 38.73 -35.65 -26.79
N GLY C 63 38.63 -35.80 -28.12
CA GLY C 63 37.74 -34.93 -28.86
C GLY C 63 36.34 -35.43 -28.76
N ALA C 64 36.16 -36.56 -27.91
CA ALA C 64 34.85 -37.18 -27.69
C ALA C 64 33.70 -36.22 -28.07
N VAL C 65 32.72 -36.76 -28.89
CA VAL C 65 31.54 -35.92 -29.34
C VAL C 65 30.25 -36.66 -29.11
N ILE C 66 29.20 -35.89 -29.13
CA ILE C 66 27.88 -36.44 -28.98
C ILE C 66 27.04 -36.14 -30.26
N ARG C 67 26.82 -37.17 -31.06
CA ARG C 67 26.09 -37.03 -32.26
C ARG C 67 24.68 -37.48 -32.11
N ALA C 68 23.74 -36.65 -32.58
CA ALA C 68 22.31 -36.99 -32.50
C ALA C 68 21.88 -37.15 -33.90
N MET C 69 21.39 -38.32 -34.25
CA MET C 69 20.94 -38.54 -35.63
C MET C 69 19.48 -39.11 -35.63
N PRO C 70 18.68 -38.58 -36.53
CA PRO C 70 17.27 -39.01 -36.67
C PRO C 70 17.18 -40.11 -37.71
N VAL C 71 16.24 -41.00 -37.53
CA VAL C 71 16.08 -42.11 -38.48
C VAL C 71 14.69 -42.73 -38.34
N TYR C 72 14.08 -43.19 -39.39
CA TYR C 72 12.74 -43.75 -39.29
C TYR C 72 12.73 -45.05 -38.50
N LYS C 73 11.76 -45.20 -37.65
CA LYS C 73 11.58 -46.34 -36.81
C LYS C 73 11.27 -47.62 -37.58
N LYS C 74 10.19 -47.55 -38.38
CA LYS C 74 9.71 -48.70 -39.17
C LYS C 74 10.70 -49.12 -40.28
N ALA C 75 10.86 -50.46 -40.36
CA ALA C 75 11.75 -51.08 -41.29
C ALA C 75 11.60 -50.55 -42.75
N GLU C 76 10.34 -50.36 -43.17
CA GLU C 76 10.05 -49.90 -44.52
C GLU C 76 10.74 -48.59 -44.90
N HIS C 77 10.97 -47.70 -43.99
CA HIS C 77 11.57 -46.43 -44.32
C HIS C 77 12.94 -46.18 -43.91
N VAL C 78 13.45 -47.02 -42.99
CA VAL C 78 14.87 -46.84 -42.42
C VAL C 78 15.89 -46.33 -43.43
N THR C 79 15.81 -46.79 -44.69
CA THR C 79 16.78 -46.35 -45.71
C THR C 79 16.59 -44.92 -46.16
N GLU C 80 15.42 -44.27 -45.80
CA GLU C 80 15.22 -42.90 -46.23
C GLU C 80 15.77 -41.88 -45.19
N VAL C 81 16.59 -40.93 -45.66
CA VAL C 81 17.12 -39.90 -44.80
C VAL C 81 15.88 -39.16 -44.13
N VAL C 82 16.19 -38.44 -43.04
CA VAL C 82 15.18 -37.69 -42.31
C VAL C 82 15.58 -36.18 -42.40
N LYS C 83 14.88 -35.45 -43.33
CA LYS C 83 15.12 -34.00 -43.48
C LYS C 83 13.82 -33.23 -43.17
N ARG C 84 13.96 -31.87 -43.11
CA ARG C 84 12.83 -31.00 -42.85
C ARG C 84 12.00 -30.93 -44.12
N CYS C 85 10.67 -30.97 -43.97
CA CYS C 85 9.79 -30.91 -45.13
C CYS C 85 10.10 -29.63 -45.93
N PRO C 86 9.79 -29.68 -47.23
CA PRO C 86 10.05 -28.50 -48.12
C PRO C 86 9.51 -27.20 -47.48
N ASN C 87 8.25 -27.20 -47.05
CA ASN C 87 7.66 -26.04 -46.42
C ASN C 87 8.56 -25.35 -45.41
N HIS C 88 8.99 -26.09 -44.36
CA HIS C 88 9.88 -25.49 -43.36
C HIS C 88 11.29 -25.16 -43.84
N GLU C 89 11.81 -25.95 -44.74
CA GLU C 89 13.17 -25.67 -45.29
C GLU C 89 13.28 -24.31 -46.07
N LEU C 90 12.16 -23.60 -46.16
CA LEU C 90 12.15 -22.31 -46.85
C LEU C 90 11.46 -21.26 -46.00
N SER C 91 10.31 -21.64 -45.40
CA SER C 91 9.56 -20.74 -44.56
C SER C 91 10.55 -19.75 -43.90
N ARG C 92 10.24 -18.45 -44.05
CA ARG C 92 11.06 -17.39 -43.48
C ARG C 92 11.38 -17.72 -42.00
N GLU C 93 10.33 -18.10 -41.22
CA GLU C 93 10.52 -18.41 -39.82
C GLU C 93 11.38 -19.63 -39.48
N PHE C 94 12.08 -19.51 -38.33
CA PHE C 94 12.99 -20.55 -37.86
C PHE C 94 14.26 -20.62 -38.62
N ASN C 95 14.33 -19.85 -39.67
CA ASN C 95 15.57 -19.87 -40.50
C ASN C 95 16.21 -18.55 -40.65
N GLU C 96 15.38 -17.51 -40.47
CA GLU C 96 15.89 -16.15 -40.63
C GLU C 96 17.18 -15.79 -39.91
N GLY C 97 17.21 -15.89 -38.53
CA GLY C 97 18.44 -15.52 -37.90
C GLY C 97 19.38 -16.69 -37.66
N GLN C 98 18.93 -17.84 -38.18
CA GLN C 98 19.60 -19.09 -38.04
C GLN C 98 20.88 -19.29 -38.92
N ILE C 99 21.80 -20.08 -38.33
CA ILE C 99 23.05 -20.39 -38.97
C ILE C 99 23.05 -21.84 -39.42
N ALA C 100 22.12 -22.63 -38.79
CA ALA C 100 21.99 -24.07 -39.09
C ALA C 100 21.33 -24.38 -40.43
N PRO C 101 21.84 -25.49 -41.09
CA PRO C 101 21.30 -25.95 -42.39
C PRO C 101 19.73 -26.10 -42.31
N PRO C 102 18.97 -25.24 -43.08
CA PRO C 102 17.51 -25.31 -43.07
C PRO C 102 16.93 -26.70 -43.42
N SER C 103 17.75 -27.60 -43.93
CA SER C 103 17.28 -28.91 -44.25
C SER C 103 17.27 -29.82 -43.07
N HIS C 104 18.23 -29.62 -42.13
CA HIS C 104 18.41 -30.46 -40.95
C HIS C 104 17.27 -30.44 -39.99
N LEU C 105 16.85 -31.62 -39.58
CA LEU C 105 15.75 -31.77 -38.67
C LEU C 105 16.12 -31.42 -37.27
N ILE C 106 17.19 -32.11 -36.84
CA ILE C 106 17.77 -31.92 -35.42
C ILE C 106 18.76 -30.74 -35.34
N ARG C 107 18.53 -29.83 -34.31
CA ARG C 107 19.34 -28.67 -34.05
C ARG C 107 19.71 -28.68 -32.64
N VAL C 108 20.87 -28.05 -32.33
CA VAL C 108 21.29 -27.92 -30.93
C VAL C 108 21.41 -26.41 -30.64
N GLU C 109 20.77 -25.94 -29.58
CA GLU C 109 20.81 -24.54 -29.25
C GLU C 109 21.72 -24.32 -28.05
N GLY C 110 22.39 -23.16 -27.99
CA GLY C 110 23.25 -22.83 -26.90
C GLY C 110 24.62 -23.38 -26.99
N ASN C 111 25.17 -23.55 -28.21
CA ASN C 111 26.51 -24.11 -28.32
C ASN C 111 27.12 -23.75 -29.65
N SER C 112 28.01 -22.72 -29.65
CA SER C 112 28.69 -22.27 -30.88
C SER C 112 29.46 -23.37 -31.59
N HIS C 113 30.07 -24.27 -30.78
CA HIS C 113 30.89 -25.40 -31.33
C HIS C 113 30.11 -26.50 -32.03
N ALA C 114 28.76 -26.45 -31.87
CA ALA C 114 27.86 -27.42 -32.48
C ALA C 114 28.08 -27.39 -33.98
N GLN C 115 28.37 -28.54 -34.59
CA GLN C 115 28.60 -28.58 -36.06
C GLN C 115 27.69 -29.57 -36.75
N TYR C 116 26.99 -29.05 -37.73
CA TYR C 116 26.03 -29.83 -38.52
C TYR C 116 26.75 -30.58 -39.65
N VAL C 117 26.32 -31.86 -39.87
CA VAL C 117 26.99 -32.66 -40.89
C VAL C 117 26.08 -33.55 -41.78
N GLU C 118 26.43 -33.58 -43.08
CA GLU C 118 25.76 -34.36 -44.09
C GLU C 118 26.78 -35.38 -44.60
N ASP C 119 26.46 -36.65 -44.43
CA ASP C 119 27.39 -37.65 -44.86
C ASP C 119 27.39 -37.71 -46.39
N PRO C 120 28.56 -37.48 -47.00
CA PRO C 120 28.75 -37.49 -48.47
C PRO C 120 28.23 -38.75 -49.21
N ILE C 121 28.41 -39.93 -48.53
CA ILE C 121 27.98 -41.19 -49.12
C ILE C 121 26.51 -41.54 -48.81
N THR C 122 26.18 -41.65 -47.52
CA THR C 122 24.82 -41.94 -47.13
C THR C 122 23.92 -40.72 -47.25
N GLY C 123 24.47 -39.50 -47.20
CA GLY C 123 23.69 -38.30 -47.31
C GLY C 123 22.88 -38.04 -46.03
N ARG C 124 23.20 -38.81 -44.98
CA ARG C 124 22.52 -38.69 -43.69
C ARG C 124 22.97 -37.47 -42.89
N GLN C 125 21.97 -36.71 -42.46
CA GLN C 125 22.20 -35.49 -41.68
C GLN C 125 22.21 -35.83 -40.15
N SER C 126 23.09 -35.14 -39.43
CA SER C 126 23.25 -35.37 -38.04
C SER C 126 23.85 -34.12 -37.50
N VAL C 127 23.94 -34.03 -36.18
CA VAL C 127 24.56 -32.82 -35.56
C VAL C 127 25.49 -33.28 -34.38
N LEU C 128 26.69 -32.67 -34.29
CA LEU C 128 27.63 -33.05 -33.25
C LEU C 128 27.94 -31.93 -32.31
N VAL C 129 28.27 -32.30 -31.09
CA VAL C 129 28.63 -31.33 -30.12
C VAL C 129 29.79 -31.94 -29.34
N PRO C 130 30.86 -31.14 -29.14
CA PRO C 130 31.98 -31.70 -28.40
C PRO C 130 31.53 -32.05 -26.94
N TYR C 131 31.93 -33.18 -26.39
CA TYR C 131 31.56 -33.60 -25.09
C TYR C 131 32.30 -32.81 -24.06
N GLU C 132 31.56 -32.35 -23.06
CA GLU C 132 32.24 -31.62 -21.96
C GLU C 132 31.58 -32.22 -20.70
N PRO C 133 32.40 -32.49 -19.70
CA PRO C 133 31.90 -33.07 -18.44
C PRO C 133 30.85 -32.15 -17.81
N PRO C 134 30.17 -32.66 -16.78
CA PRO C 134 29.11 -31.89 -16.10
C PRO C 134 29.70 -30.66 -15.42
N GLN C 135 28.85 -29.82 -14.90
CA GLN C 135 29.36 -28.63 -14.17
C GLN C 135 29.68 -29.24 -12.81
N VAL C 136 30.53 -28.54 -12.03
CA VAL C 136 30.92 -29.02 -10.70
C VAL C 136 29.65 -29.24 -9.81
N GLY C 137 29.58 -30.36 -9.11
CA GLY C 137 28.47 -30.64 -8.28
C GLY C 137 27.25 -31.19 -9.02
N THR C 138 27.29 -31.15 -10.35
CA THR C 138 26.20 -31.63 -11.22
C THR C 138 26.57 -33.05 -11.72
N GLU C 139 25.59 -33.91 -11.93
CA GLU C 139 25.92 -35.25 -12.39
C GLU C 139 25.61 -35.47 -13.89
N PHE C 140 25.06 -34.46 -14.55
CA PHE C 140 24.70 -34.55 -15.94
C PHE C 140 25.26 -33.47 -16.83
N THR C 141 25.63 -33.88 -18.05
CA THR C 141 26.09 -32.89 -19.05
C THR C 141 24.77 -32.65 -19.78
N THR C 142 24.29 -31.45 -19.81
CA THR C 142 23.01 -31.18 -20.51
C THR C 142 23.22 -30.62 -21.89
N VAL C 143 22.47 -31.17 -22.85
CA VAL C 143 22.55 -30.73 -24.25
C VAL C 143 21.17 -30.29 -24.68
N LEU C 144 21.12 -29.13 -25.33
CA LEU C 144 19.82 -28.57 -25.79
C LEU C 144 19.48 -28.85 -27.22
N TYR C 145 18.55 -29.72 -27.45
CA TYR C 145 18.16 -30.04 -28.77
C TYR C 145 16.88 -29.33 -29.17
N ASN C 146 16.76 -29.09 -30.48
CA ASN C 146 15.55 -28.47 -31.10
C ASN C 146 15.15 -29.35 -32.31
N PHE C 147 13.84 -29.72 -32.39
CA PHE C 147 13.40 -30.54 -33.47
C PHE C 147 12.61 -29.69 -34.39
N MET C 148 13.07 -29.56 -35.64
CA MET C 148 12.50 -28.54 -36.59
C MET C 148 11.30 -28.89 -37.60
N CYS C 149 10.60 -30.01 -37.38
CA CYS C 149 9.51 -30.35 -38.23
C CYS C 149 8.57 -31.16 -37.43
N ASN C 150 7.25 -30.89 -37.50
CA ASN C 150 6.36 -31.81 -36.85
C ASN C 150 6.59 -33.16 -37.42
N SER C 151 6.19 -34.17 -36.58
CA SER C 151 6.41 -35.55 -37.07
C SER C 151 5.19 -35.90 -37.91
N SER C 152 4.79 -34.93 -38.80
CA SER C 152 3.60 -35.16 -39.62
C SER C 152 3.66 -34.17 -40.74
N CYS C 153 4.78 -33.51 -40.86
CA CYS C 153 4.92 -32.58 -41.96
C CYS C 153 4.79 -33.37 -43.24
N VAL C 154 3.88 -32.97 -44.10
CA VAL C 154 3.71 -33.63 -45.36
C VAL C 154 4.93 -33.24 -46.20
N GLY C 155 5.48 -34.16 -46.93
CA GLY C 155 6.65 -33.83 -47.71
C GLY C 155 7.86 -34.04 -46.84
N GLY C 156 7.66 -34.61 -45.65
CA GLY C 156 8.73 -34.86 -44.73
C GLY C 156 8.41 -36.14 -44.06
N MET C 157 8.44 -36.15 -42.76
CA MET C 157 8.12 -37.43 -42.04
C MET C 157 6.69 -37.96 -42.35
N ASN C 158 5.79 -37.12 -42.81
CA ASN C 158 4.45 -37.51 -43.11
C ASN C 158 3.99 -38.53 -42.12
N ARG C 159 4.00 -38.13 -40.88
CA ARG C 159 3.63 -38.94 -39.66
C ARG C 159 4.23 -40.32 -39.52
N ARG C 160 5.47 -40.46 -40.13
CA ARG C 160 6.23 -41.74 -40.02
C ARG C 160 7.10 -41.67 -38.74
N PRO C 161 6.83 -42.59 -37.74
CA PRO C 161 7.62 -42.59 -36.51
C PRO C 161 9.10 -42.57 -36.77
N ILE C 162 9.77 -41.71 -36.05
CA ILE C 162 11.24 -41.62 -36.22
C ILE C 162 11.77 -41.80 -34.85
N LEU C 163 13.08 -42.00 -34.73
CA LEU C 163 13.69 -42.10 -33.39
C LEU C 163 15.12 -41.58 -33.42
N ILE C 164 15.44 -40.95 -32.40
CA ILE C 164 16.72 -40.36 -32.30
C ILE C 164 17.79 -41.29 -31.78
N ILE C 165 18.95 -41.14 -32.38
CA ILE C 165 20.09 -41.98 -32.01
C ILE C 165 21.22 -41.10 -31.55
N VAL C 166 21.24 -40.89 -30.26
CA VAL C 166 22.34 -40.08 -29.69
C VAL C 166 23.50 -41.05 -29.45
N THR C 167 24.63 -40.72 -29.99
CA THR C 167 25.78 -41.57 -29.93
C THR C 167 26.99 -40.81 -29.45
N LEU C 168 27.73 -41.40 -28.50
CA LEU C 168 28.96 -40.81 -27.97
C LEU C 168 30.07 -41.38 -28.82
N GLU C 169 30.82 -40.56 -29.54
CA GLU C 169 31.87 -41.08 -30.39
C GLU C 169 33.26 -40.48 -30.15
N THR C 170 34.30 -41.23 -30.57
CA THR C 170 35.67 -40.78 -30.43
C THR C 170 35.81 -39.66 -31.44
N ARG C 171 36.75 -38.77 -31.19
CA ARG C 171 36.96 -37.58 -32.11
C ARG C 171 37.16 -37.98 -33.57
N ASP C 172 37.40 -39.24 -33.82
CA ASP C 172 37.51 -39.60 -35.23
C ASP C 172 36.45 -40.65 -35.61
N GLY C 173 35.23 -40.47 -35.05
CA GLY C 173 34.13 -41.29 -35.39
C GLY C 173 33.91 -42.73 -34.94
N GLN C 174 34.70 -43.19 -33.96
CA GLN C 174 34.51 -44.53 -33.45
C GLN C 174 33.46 -44.45 -32.35
N VAL C 175 32.39 -45.27 -32.48
CA VAL C 175 31.31 -45.26 -31.52
C VAL C 175 31.65 -45.88 -30.16
N LEU C 176 31.63 -45.03 -29.13
CA LEU C 176 31.95 -45.45 -27.68
C LEU C 176 30.67 -45.76 -26.86
N GLY C 177 29.52 -45.30 -27.37
CA GLY C 177 28.32 -45.52 -26.71
C GLY C 177 27.18 -45.02 -27.57
N ARG C 178 26.03 -45.61 -27.37
CA ARG C 178 24.81 -45.25 -28.14
C ARG C 178 23.51 -45.55 -27.36
N ARG C 179 22.55 -44.61 -27.40
CA ARG C 179 21.28 -44.81 -26.78
C ARG C 179 20.20 -44.27 -27.78
N CYS C 180 19.02 -44.90 -27.79
CA CYS C 180 17.95 -44.49 -28.68
C CYS C 180 16.64 -44.26 -27.98
N PHE C 181 15.83 -43.39 -28.56
CA PHE C 181 14.51 -43.12 -28.03
C PHE C 181 13.63 -42.66 -29.18
N GLU C 182 12.40 -43.03 -29.16
CA GLU C 182 11.52 -42.65 -30.20
C GLU C 182 11.17 -41.21 -29.99
N ALA C 183 11.15 -40.43 -31.05
CA ALA C 183 10.83 -39.02 -30.95
C ALA C 183 9.49 -38.76 -31.77
N ARG C 184 8.59 -38.02 -31.19
CA ARG C 184 7.36 -37.72 -31.85
C ARG C 184 7.05 -36.24 -31.63
N ILE C 185 7.54 -35.40 -32.57
CA ILE C 185 7.31 -33.97 -32.39
C ILE C 185 5.95 -33.53 -32.94
N CYS C 186 5.13 -33.01 -31.99
CA CYS C 186 3.79 -32.58 -32.29
C CYS C 186 3.39 -31.22 -31.71
N ALA C 187 2.08 -31.11 -31.53
CA ALA C 187 1.50 -29.90 -31.05
C ALA C 187 1.01 -30.05 -29.58
N CYS C 188 0.47 -31.20 -29.27
CA CYS C 188 0.00 -31.40 -27.93
C CYS C 188 0.71 -32.58 -27.28
N PRO C 189 2.04 -32.45 -27.09
CA PRO C 189 2.72 -33.60 -26.45
C PRO C 189 1.92 -34.16 -25.26
N GLY C 190 1.34 -33.33 -24.46
CA GLY C 190 0.55 -33.81 -23.32
C GLY C 190 -0.52 -34.76 -23.81
N ARG C 191 -1.48 -34.23 -24.57
CA ARG C 191 -2.60 -35.03 -25.12
C ARG C 191 -2.11 -36.33 -25.77
N ASP C 192 -1.26 -36.20 -26.81
CA ASP C 192 -0.75 -37.32 -27.54
C ASP C 192 -0.15 -38.38 -26.67
N ARG C 193 0.71 -37.96 -25.72
CA ARG C 193 1.34 -38.98 -24.80
C ARG C 193 0.23 -39.73 -24.05
N LYS C 194 -0.73 -38.97 -23.48
CA LYS C 194 -1.80 -39.51 -22.73
C LYS C 194 -2.53 -40.55 -23.56
N ALA C 195 -3.01 -40.14 -24.76
CA ALA C 195 -3.77 -41.04 -25.69
C ALA C 195 -2.95 -42.26 -26.07
N ASP C 196 -1.64 -42.01 -26.32
CA ASP C 196 -0.70 -43.09 -26.67
C ASP C 196 -0.66 -44.11 -25.51
N GLU C 197 -0.78 -43.63 -24.24
CA GLU C 197 -0.74 -44.51 -23.10
C GLU C 197 -2.05 -45.22 -22.83
N ASP C 198 -3.16 -44.66 -23.33
CA ASP C 198 -4.45 -45.32 -23.13
C ASP C 198 -4.62 -46.37 -24.19
N SER C 199 -3.75 -46.29 -25.21
CA SER C 199 -3.80 -47.26 -26.26
C SER C 199 -3.31 -48.62 -25.79
N ASP D 11 -17.47 -6.10 -58.36
CA ASP D 11 -18.19 -6.53 -59.50
C ASP D 11 -18.50 -5.39 -60.50
N TYR D 12 -18.13 -5.59 -61.76
CA TYR D 12 -18.36 -4.63 -62.83
C TYR D 12 -18.83 -5.34 -64.12
N PRO D 13 -20.15 -5.51 -64.27
CA PRO D 13 -20.77 -6.19 -65.43
C PRO D 13 -20.19 -5.74 -66.77
N GLY D 14 -19.99 -4.46 -66.92
CA GLY D 14 -19.43 -3.89 -68.11
C GLY D 14 -20.39 -3.93 -69.30
N PRO D 15 -19.90 -3.40 -70.42
CA PRO D 15 -20.68 -3.35 -71.69
C PRO D 15 -21.30 -4.66 -72.17
N HIS D 16 -20.69 -5.78 -71.79
CA HIS D 16 -21.23 -7.07 -72.27
C HIS D 16 -22.00 -7.81 -71.19
N SER D 17 -22.39 -7.06 -70.15
CA SER D 17 -23.11 -7.62 -69.03
C SER D 17 -22.48 -8.96 -68.67
N PHE D 18 -21.21 -8.90 -68.35
CA PHE D 18 -20.39 -10.05 -68.00
C PHE D 18 -20.86 -10.71 -66.71
N ASP D 19 -20.82 -12.04 -66.68
CA ASP D 19 -21.29 -12.70 -65.47
C ASP D 19 -20.77 -14.11 -65.31
N VAL D 20 -20.54 -14.50 -64.05
CA VAL D 20 -20.04 -15.82 -63.72
C VAL D 20 -21.07 -16.55 -62.81
N SER D 21 -21.20 -17.87 -63.00
CA SER D 21 -22.14 -18.68 -62.24
C SER D 21 -21.75 -20.16 -62.30
N PHE D 22 -22.30 -20.93 -61.35
CA PHE D 22 -22.07 -22.37 -61.20
C PHE D 22 -23.40 -23.15 -61.28
N GLN D 23 -23.42 -24.31 -61.93
CA GLN D 23 -24.66 -25.12 -62.06
C GLN D 23 -24.99 -25.93 -60.80
N THR D 32 -17.32 -33.24 -55.85
CA THR D 32 -15.97 -32.80 -55.78
C THR D 32 -15.87 -31.29 -55.58
N TRP D 33 -17.05 -30.68 -55.47
CA TRP D 33 -17.09 -29.24 -55.24
C TRP D 33 -18.54 -28.78 -55.09
N THR D 34 -18.70 -27.54 -54.63
CA THR D 34 -20.03 -26.97 -54.43
C THR D 34 -19.95 -25.45 -54.30
N TYR D 35 -21.07 -24.80 -54.52
CA TYR D 35 -21.12 -23.33 -54.48
C TYR D 35 -22.32 -22.74 -53.72
N SER D 36 -22.02 -21.88 -52.74
CA SER D 36 -23.04 -21.22 -51.94
C SER D 36 -23.35 -19.92 -52.67
N THR D 37 -24.41 -19.93 -53.46
CA THR D 37 -24.84 -18.80 -54.21
C THR D 37 -24.75 -17.55 -53.36
N GLU D 38 -25.52 -17.58 -52.27
CA GLU D 38 -25.62 -16.45 -51.34
C GLU D 38 -24.45 -16.24 -50.43
N LEU D 39 -23.37 -17.00 -50.63
CA LEU D 39 -22.22 -16.77 -49.79
C LEU D 39 -21.10 -16.37 -50.74
N LYS D 40 -21.38 -16.42 -52.04
CA LYS D 40 -20.42 -16.06 -53.07
C LYS D 40 -19.18 -16.82 -52.71
N LYS D 41 -19.33 -18.07 -52.25
CA LYS D 41 -18.18 -18.88 -51.88
C LYS D 41 -18.16 -20.21 -52.63
N LEU D 42 -16.99 -20.57 -53.13
CA LEU D 42 -16.83 -21.82 -53.86
C LEU D 42 -16.01 -22.73 -52.96
N TYR D 43 -16.54 -23.91 -52.68
CA TYR D 43 -15.87 -24.91 -51.85
C TYR D 43 -15.49 -26.01 -52.80
N CYS D 44 -14.20 -26.33 -52.91
CA CYS D 44 -13.85 -27.43 -53.79
C CYS D 44 -12.56 -28.11 -53.40
N GLN D 45 -12.46 -29.37 -53.74
CA GLN D 45 -11.27 -30.13 -53.42
C GLN D 45 -10.11 -29.68 -54.30
N ILE D 46 -8.89 -29.90 -53.81
CA ILE D 46 -7.67 -29.53 -54.52
C ILE D 46 -7.46 -30.34 -55.81
N ALA D 47 -6.82 -29.70 -56.79
CA ALA D 47 -6.50 -30.32 -58.09
C ALA D 47 -7.68 -31.03 -58.75
N LYS D 48 -8.88 -30.89 -58.16
CA LYS D 48 -10.03 -31.49 -58.79
C LYS D 48 -10.53 -30.43 -59.77
N THR D 49 -11.35 -30.85 -60.71
CA THR D 49 -11.84 -29.92 -61.73
C THR D 49 -13.08 -29.09 -61.39
N CYS D 50 -12.97 -27.81 -61.65
CA CYS D 50 -14.07 -26.91 -61.39
C CYS D 50 -14.65 -26.26 -62.66
N PRO D 51 -15.84 -26.66 -63.01
CA PRO D 51 -16.47 -26.07 -64.21
C PRO D 51 -17.01 -24.71 -63.81
N ILE D 52 -16.73 -23.70 -64.57
CA ILE D 52 -17.22 -22.37 -64.27
C ILE D 52 -17.93 -21.75 -65.48
N GLN D 53 -19.14 -21.26 -65.23
CA GLN D 53 -19.98 -20.69 -66.29
C GLN D 53 -19.83 -19.19 -66.55
N ILE D 54 -19.54 -18.87 -67.80
CA ILE D 54 -19.39 -17.47 -68.26
C ILE D 54 -20.54 -17.11 -69.18
N LYS D 55 -21.10 -15.93 -68.97
CA LYS D 55 -22.22 -15.47 -69.75
C LYS D 55 -22.14 -13.98 -70.05
N VAL D 56 -22.23 -13.63 -71.34
CA VAL D 56 -22.21 -12.25 -71.76
C VAL D 56 -23.57 -11.93 -72.36
N MET D 57 -23.80 -10.65 -72.63
CA MET D 57 -25.09 -10.21 -73.21
C MET D 57 -24.93 -9.80 -74.63
N THR D 58 -23.71 -9.42 -74.98
CA THR D 58 -23.39 -8.98 -76.31
C THR D 58 -21.97 -9.41 -76.58
N PRO D 59 -21.70 -9.96 -77.76
CA PRO D 59 -20.34 -10.39 -78.11
C PRO D 59 -19.24 -9.42 -77.71
N PRO D 60 -18.26 -9.92 -76.97
CA PRO D 60 -17.14 -9.07 -76.54
C PRO D 60 -16.22 -8.79 -77.72
N PRO D 61 -15.21 -7.96 -77.53
CA PRO D 61 -14.36 -7.71 -78.70
C PRO D 61 -13.87 -9.01 -79.31
N GLN D 62 -12.78 -8.90 -80.02
CA GLN D 62 -12.22 -10.04 -80.73
C GLN D 62 -11.25 -11.01 -80.06
N GLY D 63 -10.15 -10.50 -79.50
CA GLY D 63 -9.21 -11.36 -78.86
C GLY D 63 -9.78 -11.73 -77.51
N ALA D 64 -10.56 -10.82 -76.94
CA ALA D 64 -11.20 -10.97 -75.65
C ALA D 64 -10.77 -12.23 -74.92
N VAL D 65 -10.27 -12.03 -73.70
CA VAL D 65 -9.80 -13.16 -72.89
C VAL D 65 -10.46 -13.20 -71.52
N ILE D 66 -10.32 -14.35 -70.88
CA ILE D 66 -10.86 -14.55 -69.54
C ILE D 66 -9.70 -14.93 -68.63
N ARG D 67 -9.37 -13.99 -67.74
CA ARG D 67 -8.28 -14.13 -66.81
C ARG D 67 -8.81 -14.45 -65.43
N ALA D 68 -8.18 -15.44 -64.80
CA ALA D 68 -8.55 -15.85 -63.47
C ALA D 68 -7.36 -15.59 -62.57
N MET D 69 -7.55 -14.72 -61.60
CA MET D 69 -6.47 -14.38 -60.68
C MET D 69 -6.88 -14.57 -59.20
N PRO D 70 -5.97 -15.14 -58.43
CA PRO D 70 -6.25 -15.37 -57.01
C PRO D 70 -5.71 -14.21 -56.21
N VAL D 71 -6.35 -13.93 -55.08
CA VAL D 71 -5.88 -12.87 -54.21
C VAL D 71 -6.51 -13.07 -52.85
N TYR D 72 -5.78 -12.67 -51.82
CA TYR D 72 -6.26 -12.79 -50.45
C TYR D 72 -7.41 -11.84 -50.14
N LYS D 73 -8.45 -12.38 -49.50
CA LYS D 73 -9.65 -11.65 -49.13
C LYS D 73 -9.41 -10.58 -48.06
N LYS D 74 -8.65 -10.97 -47.03
CA LYS D 74 -8.32 -10.07 -45.91
C LYS D 74 -7.36 -8.93 -46.29
N ALA D 75 -7.74 -7.72 -45.89
CA ALA D 75 -7.01 -6.50 -46.14
C ALA D 75 -5.57 -6.63 -45.66
N GLU D 76 -5.40 -7.37 -44.56
CA GLU D 76 -4.07 -7.60 -44.01
C GLU D 76 -3.12 -8.12 -45.09
N HIS D 77 -3.57 -9.10 -45.86
CA HIS D 77 -2.74 -9.82 -46.83
C HIS D 77 -2.89 -9.57 -48.35
N VAL D 78 -3.88 -8.76 -48.75
CA VAL D 78 -4.05 -8.43 -50.18
C VAL D 78 -2.78 -8.15 -50.99
N THR D 79 -1.76 -7.55 -50.39
CA THR D 79 -0.54 -7.24 -51.09
C THR D 79 0.37 -8.41 -51.42
N GLU D 80 0.16 -9.52 -50.73
CA GLU D 80 0.98 -10.71 -50.93
C GLU D 80 0.40 -11.54 -52.09
N VAL D 81 1.30 -11.94 -53.02
CA VAL D 81 0.92 -12.76 -54.17
C VAL D 81 0.41 -14.10 -53.66
N VAL D 82 -0.33 -14.83 -54.48
CA VAL D 82 -0.86 -16.11 -54.07
C VAL D 82 -0.23 -17.20 -54.93
N LYS D 83 0.65 -18.00 -54.31
CA LYS D 83 1.32 -19.07 -55.04
C LYS D 83 1.09 -20.37 -54.30
N ARG D 84 1.47 -21.46 -54.93
CA ARG D 84 1.33 -22.78 -54.34
C ARG D 84 2.39 -22.86 -53.24
N CYS D 85 2.06 -23.56 -52.15
CA CYS D 85 2.99 -23.78 -51.06
C CYS D 85 4.21 -24.54 -51.60
N PRO D 86 5.38 -24.39 -50.95
CA PRO D 86 6.61 -25.08 -51.39
C PRO D 86 6.44 -26.58 -51.63
N ASN D 87 5.79 -27.27 -50.71
CA ASN D 87 5.62 -28.71 -50.91
C ASN D 87 5.12 -29.03 -52.31
N HIS D 88 3.90 -28.60 -52.61
CA HIS D 88 3.29 -28.84 -53.95
C HIS D 88 4.08 -28.27 -55.10
N GLU D 89 4.62 -27.08 -54.88
CA GLU D 89 5.38 -26.40 -55.91
C GLU D 89 6.48 -27.29 -56.51
N LEU D 90 7.14 -28.07 -55.63
CA LEU D 90 8.15 -28.96 -56.13
C LEU D 90 7.96 -30.32 -55.55
N SER D 91 7.00 -31.02 -56.14
CA SER D 91 6.66 -32.38 -55.81
C SER D 91 6.23 -32.92 -57.16
N ARG D 92 7.07 -33.77 -57.76
CA ARG D 92 6.77 -34.32 -59.06
C ARG D 92 5.26 -34.33 -59.26
N GLU D 93 4.56 -34.90 -58.29
CA GLU D 93 3.10 -34.99 -58.32
C GLU D 93 2.37 -33.70 -58.76
N PHE D 94 1.64 -33.82 -59.87
CA PHE D 94 0.89 -32.71 -60.46
C PHE D 94 1.76 -31.77 -61.29
N ASN D 95 3.07 -31.87 -61.13
CA ASN D 95 3.96 -31.01 -61.88
C ASN D 95 4.58 -31.69 -63.08
N GLU D 96 5.29 -32.78 -62.78
CA GLU D 96 5.97 -33.58 -63.78
C GLU D 96 5.61 -33.22 -65.23
N GLY D 97 4.51 -33.76 -65.75
CA GLY D 97 4.17 -33.48 -67.11
C GLY D 97 3.18 -32.34 -67.21
N GLN D 98 3.66 -31.11 -67.09
CA GLN D 98 2.73 -30.01 -67.10
C GLN D 98 3.08 -28.74 -67.88
N ILE D 99 2.04 -28.22 -68.58
CA ILE D 99 2.11 -27.03 -69.37
C ILE D 99 2.39 -25.85 -68.45
N ALA D 100 1.56 -25.73 -67.42
CA ALA D 100 1.66 -24.66 -66.44
C ALA D 100 2.82 -24.72 -65.43
N PRO D 101 3.18 -23.54 -64.92
CA PRO D 101 4.26 -23.39 -63.94
C PRO D 101 3.83 -24.00 -62.58
N PRO D 102 4.73 -24.74 -61.93
CA PRO D 102 4.44 -25.37 -60.64
C PRO D 102 4.10 -24.40 -59.47
N SER D 103 4.46 -23.15 -59.64
CA SER D 103 4.15 -22.13 -58.62
C SER D 103 2.67 -21.66 -58.68
N HIS D 104 2.09 -21.57 -59.88
CA HIS D 104 0.72 -21.12 -60.06
C HIS D 104 -0.36 -21.94 -59.35
N LEU D 105 -1.20 -21.19 -58.61
CA LEU D 105 -2.27 -21.82 -57.87
C LEU D 105 -3.35 -22.24 -58.83
N ILE D 106 -3.83 -21.28 -59.63
CA ILE D 106 -4.90 -21.56 -60.57
C ILE D 106 -4.41 -22.12 -61.92
N ARG D 107 -5.07 -23.19 -62.37
CA ARG D 107 -4.78 -23.84 -63.62
C ARG D 107 -6.08 -24.05 -64.38
N VAL D 108 -6.01 -24.11 -65.72
CA VAL D 108 -7.21 -24.36 -66.48
C VAL D 108 -6.96 -25.63 -67.28
N GLU D 109 -7.89 -26.57 -67.19
CA GLU D 109 -7.73 -27.81 -67.92
C GLU D 109 -8.70 -27.90 -69.07
N GLY D 110 -8.18 -28.39 -70.21
CA GLY D 110 -8.95 -28.55 -71.37
C GLY D 110 -8.80 -27.44 -72.35
N ASN D 111 -7.62 -26.92 -72.45
CA ASN D 111 -7.42 -25.83 -73.39
C ASN D 111 -5.98 -25.55 -73.69
N SER D 112 -5.53 -25.96 -74.86
CA SER D 112 -4.16 -25.74 -75.25
C SER D 112 -3.80 -24.26 -75.34
N HIS D 113 -4.78 -23.40 -75.67
CA HIS D 113 -4.50 -21.96 -75.80
C HIS D 113 -4.25 -21.24 -74.47
N ALA D 114 -4.75 -21.84 -73.39
CA ALA D 114 -4.56 -21.29 -72.06
C ALA D 114 -3.10 -20.91 -71.84
N GLN D 115 -2.87 -19.67 -71.42
CA GLN D 115 -1.53 -19.21 -71.17
C GLN D 115 -1.41 -18.67 -69.75
N TYR D 116 -0.35 -19.10 -69.06
CA TYR D 116 -0.10 -18.69 -67.67
C TYR D 116 0.84 -17.49 -67.70
N VAL D 117 0.58 -16.50 -66.87
CA VAL D 117 1.38 -15.28 -66.84
C VAL D 117 1.80 -14.76 -65.45
N GLU D 118 3.04 -14.30 -65.37
CA GLU D 118 3.58 -13.75 -64.12
C GLU D 118 3.85 -12.28 -64.44
N ASP D 119 3.23 -11.37 -63.67
CA ASP D 119 3.44 -9.96 -63.91
C ASP D 119 4.87 -9.58 -63.49
N PRO D 120 5.66 -9.07 -64.45
CA PRO D 120 7.05 -8.68 -64.16
C PRO D 120 7.20 -7.72 -62.98
N ILE D 121 6.32 -6.74 -62.89
CA ILE D 121 6.39 -5.76 -61.80
C ILE D 121 5.70 -6.26 -60.50
N THR D 122 4.38 -6.48 -60.53
CA THR D 122 3.68 -6.97 -59.34
C THR D 122 4.05 -8.42 -58.98
N GLY D 123 4.54 -9.19 -59.93
CA GLY D 123 4.91 -10.59 -59.68
C GLY D 123 3.68 -11.46 -59.55
N ARG D 124 2.52 -10.88 -59.79
CA ARG D 124 1.26 -11.62 -59.65
C ARG D 124 1.04 -12.68 -60.72
N GLN D 125 0.62 -13.87 -60.25
CA GLN D 125 0.35 -14.97 -61.15
C GLN D 125 -1.14 -15.01 -61.54
N SER D 126 -1.39 -15.43 -62.77
CA SER D 126 -2.74 -15.48 -63.29
C SER D 126 -2.77 -16.37 -64.53
N VAL D 127 -3.96 -16.74 -64.98
CA VAL D 127 -4.09 -17.58 -66.15
C VAL D 127 -5.19 -17.09 -67.09
N LEU D 128 -4.84 -16.91 -68.38
CA LEU D 128 -5.79 -16.44 -69.36
C LEU D 128 -6.24 -17.55 -70.30
N VAL D 129 -7.43 -17.37 -70.83
CA VAL D 129 -8.00 -18.28 -71.79
C VAL D 129 -8.81 -17.42 -72.78
N PRO D 130 -8.51 -17.58 -74.08
CA PRO D 130 -9.22 -16.83 -75.10
C PRO D 130 -10.75 -17.06 -75.06
N TYR D 131 -11.50 -15.98 -75.04
CA TYR D 131 -12.95 -16.09 -74.97
C TYR D 131 -13.51 -16.69 -76.23
N GLU D 132 -14.57 -17.47 -76.06
CA GLU D 132 -15.24 -17.99 -77.22
C GLU D 132 -16.70 -18.12 -76.90
N PRO D 133 -17.55 -17.74 -77.84
CA PRO D 133 -19.00 -17.82 -77.61
C PRO D 133 -19.37 -19.21 -77.13
N PRO D 134 -20.57 -19.36 -76.60
CA PRO D 134 -20.99 -20.70 -76.19
C PRO D 134 -21.19 -21.60 -77.39
N GLN D 135 -21.51 -22.85 -77.11
CA GLN D 135 -21.80 -23.81 -78.17
C GLN D 135 -23.23 -23.48 -78.63
N VAL D 136 -23.57 -23.87 -79.87
CA VAL D 136 -24.89 -23.62 -80.44
C VAL D 136 -26.04 -24.17 -79.57
N GLY D 137 -26.99 -23.29 -79.24
CA GLY D 137 -28.12 -23.70 -78.40
C GLY D 137 -27.79 -23.47 -76.95
N THR D 138 -26.52 -23.64 -76.59
CA THR D 138 -26.06 -23.44 -75.23
C THR D 138 -26.30 -21.99 -74.80
N GLU D 139 -26.04 -21.67 -73.55
CA GLU D 139 -26.19 -20.32 -73.03
C GLU D 139 -25.06 -20.01 -72.08
N PHE D 140 -23.90 -20.64 -72.25
CA PHE D 140 -22.83 -20.41 -71.34
C PHE D 140 -21.49 -20.76 -71.95
N THR D 141 -20.48 -19.95 -71.61
CA THR D 141 -19.15 -20.27 -72.04
C THR D 141 -18.62 -20.88 -70.75
N THR D 142 -18.31 -22.16 -70.81
CA THR D 142 -17.85 -22.92 -69.65
C THR D 142 -16.34 -23.10 -69.62
N VAL D 143 -15.73 -22.70 -68.53
CA VAL D 143 -14.28 -22.80 -68.38
C VAL D 143 -13.93 -23.83 -67.30
N LEU D 144 -12.85 -24.57 -67.51
CA LEU D 144 -12.44 -25.58 -66.56
C LEU D 144 -11.22 -25.19 -65.70
N TYR D 145 -11.49 -24.81 -64.47
CA TYR D 145 -10.46 -24.43 -63.53
C TYR D 145 -10.05 -25.47 -62.49
N ASN D 146 -8.75 -25.54 -62.24
CA ASN D 146 -8.17 -26.44 -61.25
C ASN D 146 -7.44 -25.63 -60.20
N PHE D 147 -7.70 -25.90 -58.92
CA PHE D 147 -6.97 -25.22 -57.87
C PHE D 147 -5.96 -26.17 -57.27
N MET D 148 -4.66 -25.77 -57.27
CA MET D 148 -3.57 -26.67 -56.97
C MET D 148 -2.80 -26.54 -55.59
N CYS D 149 -3.56 -26.37 -54.51
CA CYS D 149 -2.98 -26.22 -53.18
C CYS D 149 -4.22 -26.11 -52.32
N ASN D 150 -4.22 -26.66 -51.12
CA ASN D 150 -5.40 -26.55 -50.27
C ASN D 150 -5.42 -25.16 -49.73
N SER D 151 -6.59 -24.75 -49.26
CA SER D 151 -6.73 -23.39 -48.75
C SER D 151 -5.98 -23.25 -47.43
N SER D 152 -5.21 -24.26 -47.10
CA SER D 152 -4.56 -24.30 -45.81
C SER D 152 -3.10 -24.71 -45.80
N CYS D 153 -2.53 -24.90 -47.02
CA CYS D 153 -1.14 -25.31 -47.09
C CYS D 153 -0.20 -24.38 -46.32
N VAL D 154 0.52 -24.99 -45.37
CA VAL D 154 1.48 -24.25 -44.61
C VAL D 154 2.49 -23.76 -45.63
N GLY D 155 2.99 -22.53 -45.47
CA GLY D 155 3.96 -22.03 -46.40
C GLY D 155 3.29 -21.50 -47.68
N GLY D 156 1.98 -21.49 -47.71
CA GLY D 156 1.22 -21.01 -48.82
C GLY D 156 0.10 -20.13 -48.29
N MET D 157 -1.14 -20.49 -48.59
CA MET D 157 -2.29 -19.74 -48.10
C MET D 157 -2.48 -19.83 -46.56
N ASN D 158 -1.83 -20.81 -45.93
CA ASN D 158 -1.89 -20.98 -44.47
C ASN D 158 -3.31 -20.64 -44.01
N ARG D 159 -4.32 -21.31 -44.61
CA ARG D 159 -5.74 -21.12 -44.33
C ARG D 159 -6.27 -19.66 -44.35
N ARG D 160 -5.57 -18.78 -45.08
CA ARG D 160 -5.98 -17.41 -45.26
C ARG D 160 -6.98 -17.38 -46.42
N PRO D 161 -8.24 -16.99 -46.14
CA PRO D 161 -9.22 -16.96 -47.20
C PRO D 161 -8.74 -16.17 -48.41
N ILE D 162 -9.01 -16.69 -49.59
CA ILE D 162 -8.62 -16.04 -50.82
C ILE D 162 -9.89 -15.99 -51.65
N LEU D 163 -9.90 -15.13 -52.67
CA LEU D 163 -11.03 -15.09 -53.55
C LEU D 163 -10.54 -14.93 -55.00
N ILE D 164 -11.25 -15.57 -55.90
CA ILE D 164 -10.87 -15.54 -57.29
C ILE D 164 -11.45 -14.33 -58.00
N ILE D 165 -10.63 -13.76 -58.88
CA ILE D 165 -11.08 -12.62 -59.64
C ILE D 165 -11.03 -12.98 -61.12
N VAL D 166 -12.18 -13.35 -61.66
CA VAL D 166 -12.25 -13.68 -63.06
C VAL D 166 -12.64 -12.38 -63.73
N THR D 167 -11.83 -11.98 -64.69
CA THR D 167 -12.00 -10.75 -65.41
C THR D 167 -12.02 -10.97 -66.91
N LEU D 168 -12.99 -10.35 -67.59
CA LEU D 168 -13.10 -10.41 -69.05
C LEU D 168 -12.32 -9.21 -69.56
N GLU D 169 -11.25 -9.44 -70.33
CA GLU D 169 -10.47 -8.33 -70.77
C GLU D 169 -10.28 -8.30 -72.26
N THR D 170 -9.91 -7.12 -72.71
CA THR D 170 -9.66 -6.88 -74.10
C THR D 170 -8.31 -7.49 -74.40
N ARG D 171 -8.15 -7.97 -75.62
CA ARG D 171 -6.88 -8.59 -76.06
C ARG D 171 -5.63 -7.89 -75.52
N ASP D 172 -5.66 -6.56 -75.35
CA ASP D 172 -4.49 -5.82 -74.84
C ASP D 172 -4.57 -5.52 -73.36
N GLY D 173 -5.39 -6.28 -72.62
CA GLY D 173 -5.47 -6.07 -71.19
C GLY D 173 -6.39 -5.04 -70.63
N GLN D 174 -7.27 -4.46 -71.44
CA GLN D 174 -8.23 -3.51 -70.93
C GLN D 174 -9.35 -4.30 -70.31
N VAL D 175 -9.83 -3.86 -69.15
CA VAL D 175 -10.89 -4.63 -68.53
C VAL D 175 -12.26 -4.31 -69.14
N LEU D 176 -13.05 -5.35 -69.40
CA LEU D 176 -14.38 -5.19 -69.98
C LEU D 176 -15.44 -5.60 -68.96
N GLY D 177 -15.00 -6.30 -67.92
CA GLY D 177 -15.89 -6.75 -66.90
C GLY D 177 -15.16 -7.54 -65.84
N ARG D 178 -15.72 -7.62 -64.66
CA ARG D 178 -15.07 -8.36 -63.59
C ARG D 178 -16.07 -8.92 -62.59
N ARG D 179 -15.90 -10.17 -62.19
CA ARG D 179 -16.78 -10.77 -61.20
C ARG D 179 -15.87 -11.46 -60.21
N CYS D 180 -16.33 -11.66 -59.00
CA CYS D 180 -15.49 -12.37 -58.01
C CYS D 180 -16.25 -13.11 -56.90
N PHE D 181 -15.73 -14.25 -56.56
CA PHE D 181 -16.27 -15.15 -55.55
C PHE D 181 -15.14 -15.64 -54.64
N GLU D 182 -15.47 -15.96 -53.40
CA GLU D 182 -14.46 -16.47 -52.44
C GLU D 182 -14.23 -17.93 -52.71
N ALA D 183 -12.96 -18.33 -52.79
CA ALA D 183 -12.62 -19.71 -53.04
C ALA D 183 -12.02 -20.31 -51.76
N ARG D 184 -12.39 -21.57 -51.46
CA ARG D 184 -11.88 -22.26 -50.31
C ARG D 184 -11.72 -23.71 -50.73
N ILE D 185 -10.53 -24.01 -51.24
CA ILE D 185 -10.25 -25.37 -51.69
C ILE D 185 -9.75 -26.19 -50.50
N CYS D 186 -10.57 -27.20 -50.15
CA CYS D 186 -10.26 -28.07 -49.03
C CYS D 186 -10.40 -29.57 -49.36
N ALA D 187 -10.81 -30.34 -48.32
CA ALA D 187 -10.95 -31.78 -48.44
C ALA D 187 -12.38 -32.27 -48.34
N CYS D 188 -13.21 -31.56 -47.62
CA CYS D 188 -14.60 -31.94 -47.49
C CYS D 188 -15.48 -30.72 -47.79
N PRO D 189 -15.45 -30.28 -49.06
CA PRO D 189 -16.27 -29.12 -49.41
C PRO D 189 -17.69 -29.25 -48.87
N GLY D 190 -18.23 -30.45 -48.91
CA GLY D 190 -19.57 -30.66 -48.39
C GLY D 190 -19.62 -30.18 -46.94
N ARG D 191 -18.93 -30.92 -46.07
CA ARG D 191 -18.87 -30.61 -44.64
C ARG D 191 -18.62 -29.13 -44.36
N ASP D 192 -17.48 -28.64 -44.86
CA ASP D 192 -17.08 -27.26 -44.65
C ASP D 192 -18.17 -26.27 -45.04
N ARG D 193 -18.77 -26.50 -46.21
CA ARG D 193 -19.83 -25.63 -46.70
C ARG D 193 -20.95 -25.63 -45.66
N LYS D 194 -21.45 -26.84 -45.35
CA LYS D 194 -22.54 -27.01 -44.40
C LYS D 194 -22.27 -26.29 -43.09
N ALA D 195 -21.13 -26.64 -42.46
CA ALA D 195 -20.73 -26.03 -41.21
C ALA D 195 -20.63 -24.51 -41.35
N ASP D 196 -20.10 -24.08 -42.50
CA ASP D 196 -19.95 -22.66 -42.78
C ASP D 196 -21.34 -22.02 -42.93
N GLU D 197 -22.35 -22.87 -43.12
CA GLU D 197 -23.73 -22.40 -43.27
C GLU D 197 -24.41 -22.37 -41.90
N ASP D 198 -23.81 -23.05 -40.92
CA ASP D 198 -24.33 -23.11 -39.55
C ASP D 198 -24.10 -21.82 -38.77
N SER D 199 -23.00 -21.11 -39.09
CA SER D 199 -22.61 -19.83 -38.46
C SER D 199 -23.71 -18.73 -38.54
N ILE D 200 -24.88 -19.12 -39.09
CA ILE D 200 -26.01 -18.26 -39.27
C ILE D 200 -27.33 -19.01 -39.15
N SER G 6 20.27 35.67 3.62
CA SER G 6 19.32 34.68 3.20
C SER G 6 19.26 34.52 1.64
N PRO G 7 19.84 33.40 1.15
CA PRO G 7 19.90 33.05 -0.29
C PRO G 7 18.89 33.73 -1.23
N SER G 8 19.40 34.15 -2.39
CA SER G 8 18.62 34.84 -3.39
C SER G 8 17.69 33.93 -4.15
N ASN G 9 16.60 34.48 -4.62
CA ASN G 9 15.63 33.66 -5.36
C ASN G 9 15.18 34.30 -6.67
N THR G 10 15.96 35.20 -7.22
CA THR G 10 15.53 35.81 -8.45
C THR G 10 16.12 35.10 -9.64
N ASP G 11 15.31 34.92 -10.68
CA ASP G 11 15.78 34.24 -11.89
C ASP G 11 16.94 35.01 -12.52
N TYR G 12 18.01 34.29 -12.84
CA TYR G 12 19.18 34.91 -13.43
C TYR G 12 19.80 33.94 -14.46
N PRO G 13 19.35 34.02 -15.70
CA PRO G 13 19.78 33.19 -16.86
C PRO G 13 21.26 33.06 -16.98
N GLY G 14 21.98 34.17 -16.75
CA GLY G 14 23.39 34.11 -16.79
C GLY G 14 23.94 33.85 -18.19
N PRO G 15 25.24 34.02 -18.32
CA PRO G 15 26.00 33.82 -19.63
C PRO G 15 25.66 32.53 -20.41
N HIS G 16 25.16 31.51 -19.71
CA HIS G 16 24.86 30.30 -20.44
C HIS G 16 23.40 30.07 -20.68
N SER G 17 22.61 31.15 -20.64
CA SER G 17 21.16 31.04 -20.82
C SER G 17 20.58 29.83 -20.05
N PHE G 18 20.90 29.78 -18.76
CA PHE G 18 20.47 28.70 -17.88
C PHE G 18 18.98 28.64 -17.73
N ASP G 19 18.42 27.40 -17.75
CA ASP G 19 16.96 27.26 -17.64
C ASP G 19 16.48 25.90 -17.12
N VAL G 20 15.41 25.89 -16.34
CA VAL G 20 14.86 24.63 -15.79
C VAL G 20 13.42 24.53 -16.25
N SER G 21 12.96 23.32 -16.56
CA SER G 21 11.60 23.16 -17.00
C SER G 21 11.18 21.75 -16.66
N PHE G 22 9.86 21.49 -16.76
CA PHE G 22 9.40 20.15 -16.41
C PHE G 22 8.58 19.56 -17.53
N GLN G 23 9.04 18.40 -18.01
CA GLN G 23 8.35 17.71 -19.06
C GLN G 23 7.98 16.30 -18.59
N GLN G 24 6.67 16.04 -18.72
CA GLN G 24 5.97 14.84 -18.32
C GLN G 24 6.53 13.50 -18.90
N SER G 25 7.01 12.65 -17.99
CA SER G 25 7.68 11.36 -18.31
C SER G 25 6.85 10.23 -19.01
N SER G 26 5.53 10.42 -19.14
CA SER G 26 4.73 9.37 -19.78
C SER G 26 3.64 9.91 -20.76
N THR G 27 2.54 9.16 -20.85
CA THR G 27 1.42 9.47 -21.72
C THR G 27 0.23 8.59 -21.35
N LYS G 29 -2.36 10.52 -16.60
CA LYS G 29 -1.96 9.97 -15.31
C LYS G 29 -0.47 10.17 -15.03
N SER G 30 0.20 9.11 -14.63
CA SER G 30 1.63 9.23 -14.23
C SER G 30 1.62 10.23 -13.10
N ALA G 31 0.41 10.37 -12.51
CA ALA G 31 0.04 11.35 -11.49
C ALA G 31 0.98 11.55 -10.27
N THR G 32 2.18 10.97 -10.34
CA THR G 32 3.15 11.13 -9.25
C THR G 32 3.57 12.59 -9.05
N TRP G 33 3.38 13.43 -10.08
CA TRP G 33 3.68 14.84 -9.97
C TRP G 33 3.10 15.64 -11.13
N THR G 34 3.20 16.96 -11.01
CA THR G 34 2.61 17.87 -11.99
C THR G 34 3.23 19.26 -11.85
N TYR G 35 3.15 20.10 -12.89
CA TYR G 35 3.76 21.40 -12.81
C TYR G 35 2.90 22.57 -13.37
N SER G 36 2.79 23.65 -12.61
CA SER G 36 2.03 24.77 -13.06
C SER G 36 3.04 25.82 -13.54
N THR G 37 3.37 25.74 -14.86
CA THR G 37 4.32 26.63 -15.49
C THR G 37 3.82 28.01 -15.18
N GLU G 38 2.48 28.13 -15.35
CA GLU G 38 1.76 29.38 -15.13
C GLU G 38 1.96 29.88 -13.70
N LEU G 39 1.85 28.96 -12.75
CA LEU G 39 2.00 29.31 -11.31
C LEU G 39 3.46 29.23 -10.75
N LYS G 40 4.38 28.65 -11.53
CA LYS G 40 5.77 28.42 -11.17
C LYS G 40 5.79 27.47 -9.97
N LYS G 41 4.79 26.59 -9.92
CA LYS G 41 4.65 25.66 -8.82
C LYS G 41 4.73 24.23 -9.31
N LEU G 42 5.46 23.42 -8.54
CA LEU G 42 5.61 22.00 -8.83
C LEU G 42 4.86 21.26 -7.73
N TYR G 43 3.88 20.48 -8.08
CA TYR G 43 3.11 19.70 -7.09
C TYR G 43 3.58 18.26 -7.14
N CYS G 44 4.14 17.70 -6.06
CA CYS G 44 4.58 16.31 -6.15
C CYS G 44 4.54 15.44 -4.89
N GLN G 45 4.41 14.15 -5.09
CA GLN G 45 4.28 13.18 -3.99
C GLN G 45 5.60 12.94 -3.24
N ILE G 46 5.49 12.71 -1.94
CA ILE G 46 6.71 12.48 -1.17
C ILE G 46 7.52 11.22 -1.56
N ALA G 47 8.84 11.35 -1.51
CA ALA G 47 9.82 10.33 -1.81
C ALA G 47 9.77 9.82 -3.26
N LYS G 48 8.72 10.20 -4.00
CA LYS G 48 8.65 9.76 -5.36
C LYS G 48 9.61 10.60 -6.13
N THR G 49 9.88 10.15 -7.33
CA THR G 49 10.89 10.80 -8.21
C THR G 49 10.40 11.93 -9.15
N CYS G 50 11.12 13.02 -9.08
CA CYS G 50 10.78 14.12 -9.91
C CYS G 50 11.92 14.45 -10.96
N PRO G 51 11.61 14.28 -12.23
CA PRO G 51 12.56 14.55 -13.33
C PRO G 51 12.55 16.04 -13.60
N ILE G 52 13.71 16.67 -13.60
CA ILE G 52 13.77 18.10 -13.84
C ILE G 52 14.74 18.37 -15.01
N GLN G 53 14.30 19.11 -15.98
CA GLN G 53 15.08 19.40 -17.16
C GLN G 53 15.91 20.66 -17.13
N ILE G 54 17.18 20.48 -17.34
CA ILE G 54 18.14 21.59 -17.37
C ILE G 54 18.56 21.87 -18.80
N LYS G 55 18.62 23.13 -19.17
CA LYS G 55 18.99 23.55 -20.51
C LYS G 55 19.89 24.79 -20.50
N VAL G 56 21.07 24.70 -21.18
CA VAL G 56 21.95 25.83 -21.28
C VAL G 56 21.95 26.19 -22.76
N MET G 57 22.69 27.24 -23.12
CA MET G 57 22.74 27.66 -24.53
C MET G 57 24.19 27.64 -24.95
N THR G 58 25.09 27.61 -23.97
CA THR G 58 26.49 27.58 -24.24
C THR G 58 27.10 26.76 -23.09
N PRO G 59 28.00 25.83 -23.45
CA PRO G 59 28.67 24.96 -22.48
C PRO G 59 29.20 25.72 -21.25
N PRO G 60 28.77 25.31 -20.06
CA PRO G 60 29.25 25.97 -18.84
C PRO G 60 30.70 25.52 -18.52
N PRO G 61 31.38 26.28 -17.70
CA PRO G 61 32.80 26.05 -17.25
C PRO G 61 33.22 24.62 -17.01
N GLN G 62 34.08 24.42 -16.05
CA GLN G 62 34.59 23.05 -15.86
C GLN G 62 33.91 22.14 -14.84
N GLY G 63 34.10 22.40 -13.57
CA GLY G 63 33.49 21.55 -12.58
C GLY G 63 32.04 21.90 -12.37
N ALA G 64 31.58 22.86 -13.18
CA ALA G 64 30.21 23.33 -13.13
C ALA G 64 29.29 22.35 -12.42
N VAL G 65 28.50 22.86 -11.46
CA VAL G 65 27.56 21.99 -10.70
C VAL G 65 26.18 22.57 -10.66
N ILE G 66 25.24 21.70 -10.32
CA ILE G 66 23.84 22.12 -10.20
C ILE G 66 23.36 21.88 -8.75
N ARG G 67 23.21 22.96 -8.01
CA ARG G 67 22.78 22.87 -6.63
C ARG G 67 21.30 23.17 -6.46
N ALA G 68 20.62 22.31 -5.74
CA ALA G 68 19.24 22.50 -5.51
C ALA G 68 19.11 22.76 -4.06
N MET G 69 18.58 23.91 -3.69
CA MET G 69 18.41 24.23 -2.29
C MET G 69 16.93 24.66 -1.96
N PRO G 70 16.44 24.16 -0.85
CA PRO G 70 15.06 24.48 -0.42
C PRO G 70 15.09 25.67 0.51
N VAL G 71 14.02 26.46 0.48
CA VAL G 71 13.96 27.64 1.34
C VAL G 71 12.50 28.10 1.45
N TYR G 72 12.11 28.60 2.62
CA TYR G 72 10.72 29.03 2.80
C TYR G 72 10.39 30.24 1.95
N LYS G 73 9.22 30.19 1.34
CA LYS G 73 8.72 31.22 0.47
C LYS G 73 8.45 32.54 1.20
N LYS G 74 7.61 32.44 2.22
CA LYS G 74 7.20 33.62 3.02
C LYS G 74 8.34 34.25 3.84
N ALA G 75 8.37 35.57 3.78
CA ALA G 75 9.35 36.38 4.43
C ALA G 75 9.57 35.99 5.90
N GLU G 76 8.48 35.72 6.61
CA GLU G 76 8.56 35.39 8.02
C GLU G 76 9.46 34.18 8.35
N HIS G 77 9.58 33.25 7.48
CA HIS G 77 10.38 32.06 7.77
C HIS G 77 11.71 31.90 7.04
N VAL G 78 11.91 32.67 5.96
CA VAL G 78 13.13 32.58 5.13
C VAL G 78 14.40 32.29 5.88
N THR G 79 14.55 32.86 7.07
CA THR G 79 15.76 32.64 7.83
C THR G 79 15.84 31.23 8.44
N GLU G 80 14.76 30.45 8.41
CA GLU G 80 14.81 29.13 8.98
C GLU G 80 15.19 28.07 7.96
N VAL G 81 16.22 27.25 8.29
CA VAL G 81 16.64 26.17 7.40
C VAL G 81 15.42 25.26 7.13
N VAL G 82 15.55 24.46 6.05
CA VAL G 82 14.50 23.52 5.64
C VAL G 82 15.06 22.10 5.75
N LYS G 83 14.70 21.39 6.85
CA LYS G 83 15.14 20.01 7.06
C LYS G 83 13.91 19.09 7.14
N ARG G 84 14.19 17.77 7.15
CA ARG G 84 13.11 16.77 7.24
C ARG G 84 12.59 16.76 8.66
N CYS G 85 11.27 16.66 8.83
CA CYS G 85 10.70 16.64 10.18
C CYS G 85 11.33 15.47 11.00
N PRO G 86 11.33 15.60 12.32
CA PRO G 86 11.90 14.57 13.17
C PRO G 86 11.41 13.19 12.80
N ASN G 87 10.12 13.03 12.71
CA ASN G 87 9.53 11.74 12.34
C ASN G 87 10.26 11.04 11.19
N HIS G 88 10.34 11.66 10.03
CA HIS G 88 11.03 11.05 8.88
C HIS G 88 12.54 10.92 9.03
N GLU G 89 13.16 11.87 9.72
CA GLU G 89 14.61 11.77 9.93
C GLU G 89 15.03 10.54 10.76
N LEU G 90 14.05 9.73 11.17
CA LEU G 90 14.37 8.50 11.95
C LEU G 90 13.63 7.31 11.38
N SER G 91 12.36 7.51 11.06
CA SER G 91 11.54 6.46 10.48
C SER G 91 12.44 5.52 9.70
N ARG G 92 12.33 4.23 10.02
CA ARG G 92 13.11 3.22 9.36
C ARG G 92 13.03 3.41 7.82
N GLU G 93 11.81 3.61 7.27
CA GLU G 93 11.64 3.77 5.84
C GLU G 93 12.26 5.04 5.21
N PHE G 94 12.67 4.86 3.96
CA PHE G 94 13.33 5.93 3.20
C PHE G 94 14.72 6.22 3.65
N ASN G 95 15.12 5.56 4.71
CA ASN G 95 16.49 5.79 5.19
C ASN G 95 17.28 4.54 5.28
N GLU G 96 16.58 3.40 5.38
CA GLU G 96 17.27 2.10 5.52
C GLU G 96 18.40 1.79 4.53
N GLY G 97 18.13 1.77 3.19
CA GLY G 97 19.22 1.45 2.32
C GLY G 97 19.92 2.67 1.80
N GLN G 98 19.49 3.82 2.30
CA GLN G 98 19.96 5.12 1.91
C GLN G 98 21.33 5.55 2.42
N ILE G 99 22.01 6.35 1.58
CA ILE G 99 23.32 6.86 1.89
C ILE G 99 23.24 8.34 2.21
N ALA G 100 22.14 8.97 1.77
CA ALA G 100 21.90 10.38 1.97
C ALA G 100 21.52 10.79 3.43
N PRO G 101 22.01 11.96 3.85
CA PRO G 101 21.74 12.49 5.20
C PRO G 101 20.22 12.49 5.48
N PRO G 102 19.80 11.69 6.43
CA PRO G 102 18.36 11.61 6.77
C PRO G 102 17.74 12.96 7.14
N SER G 103 18.54 13.97 7.36
CA SER G 103 18.00 15.26 7.70
C SER G 103 17.60 16.05 6.47
N HIS G 104 18.32 15.83 5.38
CA HIS G 104 18.13 16.55 4.14
C HIS G 104 16.80 16.34 3.46
N LEU G 105 16.18 17.43 3.08
CA LEU G 105 14.88 17.37 2.44
C LEU G 105 14.97 16.92 0.99
N ILE G 106 15.82 17.63 0.28
CA ILE G 106 16.07 17.33 -1.17
C ILE G 106 17.14 16.26 -1.40
N ARG G 107 16.80 15.27 -2.25
CA ARG G 107 17.65 14.18 -2.60
C ARG G 107 17.70 14.05 -4.10
N VAL G 108 18.83 13.50 -4.62
CA VAL G 108 18.91 13.27 -6.07
C VAL G 108 19.15 11.77 -6.26
N GLU G 109 18.32 11.16 -7.09
CA GLU G 109 18.46 9.71 -7.31
C GLU G 109 19.09 9.47 -8.67
N GLY G 110 19.86 8.38 -8.78
CA GLY G 110 20.49 8.02 -10.04
C GLY G 110 21.79 8.70 -10.34
N ASN G 111 22.56 9.03 -9.32
CA ASN G 111 23.82 9.73 -9.56
C ASN G 111 24.76 9.56 -8.38
N SER G 112 25.72 8.64 -8.50
CA SER G 112 26.70 8.41 -7.44
C SER G 112 27.49 9.63 -7.01
N HIS G 113 27.81 10.50 -8.00
CA HIS G 113 28.61 11.74 -7.75
C HIS G 113 27.86 12.83 -6.98
N ALA G 114 26.54 12.63 -6.81
CA ALA G 114 25.69 13.57 -6.09
C ALA G 114 26.25 13.71 -4.69
N GLN G 115 26.52 14.94 -4.27
CA GLN G 115 27.07 15.15 -2.92
C GLN G 115 26.21 16.12 -2.08
N TYR G 116 25.82 15.64 -0.91
CA TYR G 116 24.99 16.41 0.02
C TYR G 116 25.85 17.32 0.88
N VAL G 117 25.34 18.57 1.08
CA VAL G 117 26.14 19.53 1.84
C VAL G 117 25.38 20.42 2.84
N GLU G 118 26.01 20.61 4.01
CA GLU G 118 25.48 21.44 5.09
C GLU G 118 26.46 22.60 5.26
N ASP G 119 25.97 23.82 5.07
CA ASP G 119 26.86 24.94 5.19
C ASP G 119 27.22 25.16 6.68
N PRO G 120 28.51 25.11 6.99
CA PRO G 120 29.03 25.29 8.37
C PRO G 120 28.54 26.58 9.10
N ILE G 121 28.42 27.68 8.34
CA ILE G 121 27.98 28.93 8.91
C ILE G 121 26.47 29.12 8.91
N THR G 122 25.83 29.06 7.73
CA THR G 122 24.40 29.18 7.65
C THR G 122 23.68 27.92 8.09
N GLY G 123 24.36 26.75 8.01
CA GLY G 123 23.78 25.49 8.39
C GLY G 123 22.74 25.03 7.37
N ARG G 124 22.71 25.69 6.22
CA ARG G 124 21.78 25.37 5.14
C ARG G 124 22.16 24.13 4.34
N GLN G 125 21.18 23.23 4.22
CA GLN G 125 21.38 21.97 3.52
C GLN G 125 21.00 22.12 2.03
N SER G 126 21.76 21.46 1.19
CA SER G 126 21.56 21.55 -0.23
C SER G 126 22.18 20.30 -0.84
N VAL G 127 21.98 20.08 -2.12
CA VAL G 127 22.57 18.92 -2.75
C VAL G 127 23.13 19.32 -4.11
N LEU G 128 24.33 18.81 -4.45
CA LEU G 128 24.98 19.17 -5.74
C LEU G 128 25.21 17.99 -6.63
N VAL G 129 25.20 18.26 -7.91
CA VAL G 129 25.44 17.23 -8.86
C VAL G 129 26.32 17.89 -9.95
N PRO G 130 27.37 17.21 -10.33
CA PRO G 130 28.21 17.78 -11.36
C PRO G 130 27.42 17.93 -12.67
N TYR G 131 27.58 19.05 -13.36
CA TYR G 131 26.86 19.28 -14.60
C TYR G 131 27.41 18.46 -15.75
N GLU G 132 26.52 17.83 -16.51
CA GLU G 132 26.99 17.08 -17.66
C GLU G 132 26.02 17.46 -18.76
N PRO G 133 26.54 17.72 -19.93
CA PRO G 133 25.70 18.09 -21.07
C PRO G 133 24.65 17.01 -21.38
N PRO G 134 23.70 17.35 -22.26
CA PRO G 134 22.64 16.40 -22.61
C PRO G 134 23.19 15.17 -23.33
N GLN G 135 22.34 14.21 -23.56
CA GLN G 135 22.80 13.02 -24.29
C GLN G 135 22.73 13.48 -25.72
N VAL G 136 23.45 12.79 -26.62
CA VAL G 136 23.44 13.15 -28.03
C VAL G 136 22.03 13.16 -28.60
N GLY G 137 21.67 14.21 -29.36
CA GLY G 137 20.36 14.29 -29.94
C GLY G 137 19.28 14.80 -28.97
N THR G 138 19.64 14.90 -27.68
CA THR G 138 18.73 15.37 -26.61
C THR G 138 19.06 16.85 -26.34
N GLU G 139 18.02 17.64 -25.96
CA GLU G 139 18.29 19.06 -25.69
C GLU G 139 18.30 19.40 -24.21
N PHE G 140 18.03 18.40 -23.36
CA PHE G 140 17.99 18.60 -21.93
C PHE G 140 18.88 17.68 -21.08
N THR G 141 19.47 18.25 -20.01
CA THR G 141 20.24 17.43 -19.10
C THR G 141 19.19 17.14 -18.05
N THR G 142 18.88 15.91 -17.84
CA THR G 142 17.85 15.59 -16.85
C THR G 142 18.43 15.18 -15.50
N VAL G 143 17.88 15.74 -14.44
CA VAL G 143 18.32 15.46 -13.08
C VAL G 143 17.13 14.93 -12.27
N LEU G 144 17.33 13.86 -11.55
CA LEU G 144 16.28 13.24 -10.76
C LEU G 144 16.24 13.62 -9.31
N TYR G 145 15.28 14.43 -8.96
CA TYR G 145 15.15 14.86 -7.56
C TYR G 145 14.09 14.07 -6.78
N ASN G 146 14.28 13.96 -5.48
CA ASN G 146 13.34 13.31 -4.56
C ASN G 146 13.12 14.24 -3.39
N PHE G 147 11.85 14.49 -3.03
CA PHE G 147 11.57 15.37 -1.92
C PHE G 147 11.11 14.55 -0.78
N MET G 148 11.86 14.61 0.32
CA MET G 148 11.64 13.68 1.41
C MET G 148 10.70 14.00 2.60
N CYS G 149 9.86 15.00 2.47
CA CYS G 149 8.94 15.31 3.56
C CYS G 149 7.75 15.96 2.96
N ASN G 150 6.53 15.58 3.38
CA ASN G 150 5.41 16.33 2.89
C ASN G 150 5.57 17.79 3.27
N SER G 151 4.88 18.66 2.50
CA SER G 151 5.02 20.08 2.80
C SER G 151 3.99 20.39 3.86
N SER G 152 3.93 19.50 4.89
CA SER G 152 2.95 19.68 5.96
C SER G 152 3.37 18.82 7.14
N CYS G 153 4.58 18.28 7.05
CA CYS G 153 5.06 17.49 8.16
C CYS G 153 5.13 18.41 9.36
N VAL G 154 4.51 18.01 10.42
CA VAL G 154 4.55 18.80 11.64
C VAL G 154 5.98 18.60 12.18
N GLY G 155 6.57 19.63 12.69
CA GLY G 155 7.92 19.50 13.19
C GLY G 155 8.86 19.72 12.06
N GLY G 156 8.32 20.15 10.94
CA GLY G 156 9.14 20.40 9.75
C GLY G 156 8.51 21.59 9.08
N MET G 157 8.23 21.48 7.79
CA MET G 157 7.63 22.62 7.08
C MET G 157 6.27 23.06 7.67
N ASN G 158 5.60 22.16 8.41
CA ASN G 158 4.32 22.46 9.00
C ASN G 158 3.50 23.32 8.05
N ARG G 159 3.29 22.79 6.85
CA ARG G 159 2.56 23.42 5.71
C ARG G 159 2.96 24.86 5.33
N ARG G 160 4.24 25.19 5.58
CA ARG G 160 4.78 26.49 5.21
C ARG G 160 5.34 26.39 3.79
N PRO G 161 4.75 27.15 2.84
CA PRO G 161 5.25 27.08 1.48
C PRO G 161 6.76 27.24 1.36
N ILE G 162 7.38 26.36 0.56
CA ILE G 162 8.81 26.44 0.37
C ILE G 162 9.00 26.55 -1.11
N LEU G 163 10.20 26.86 -1.53
CA LEU G 163 10.46 26.87 -2.95
C LEU G 163 11.91 26.49 -3.22
N ILE G 164 12.07 25.77 -4.27
CA ILE G 164 13.39 25.29 -4.63
C ILE G 164 14.19 26.27 -5.46
N ILE G 165 15.47 26.30 -5.15
CA ILE G 165 16.36 27.19 -5.83
C ILE G 165 17.45 26.39 -6.49
N VAL G 166 17.22 26.01 -7.73
CA VAL G 166 18.22 25.29 -8.45
C VAL G 166 19.16 26.31 -9.04
N THR G 167 20.44 26.16 -8.77
CA THR G 167 21.45 27.12 -9.18
C THR G 167 22.61 26.44 -9.87
N LEU G 168 23.01 26.99 -11.00
CA LEU G 168 24.16 26.48 -11.76
C LEU G 168 25.36 27.25 -11.27
N GLU G 169 26.35 26.56 -10.68
CA GLU G 169 27.48 27.24 -10.17
C GLU G 169 28.82 26.75 -10.68
N THR G 170 29.82 27.65 -10.57
CA THR G 170 31.19 27.31 -11.01
C THR G 170 31.70 26.31 -9.96
N ARG G 171 32.66 25.47 -10.36
CA ARG G 171 33.20 24.45 -9.46
C ARG G 171 33.69 25.04 -8.12
N ASP G 172 33.83 26.33 -8.02
CA ASP G 172 34.21 26.84 -6.70
C ASP G 172 33.16 27.81 -6.17
N GLY G 173 31.87 27.45 -6.40
CA GLY G 173 30.76 28.20 -5.85
C GLY G 173 30.30 29.55 -6.37
N GLN G 174 30.78 29.99 -7.54
CA GLN G 174 30.33 31.24 -8.10
C GLN G 174 29.09 30.95 -8.89
N VAL G 175 27.97 31.70 -8.57
CA VAL G 175 26.70 31.46 -9.26
C VAL G 175 26.66 31.96 -10.71
N LEU G 176 26.49 31.00 -11.66
CA LEU G 176 26.42 31.29 -13.09
C LEU G 176 24.99 31.39 -13.59
N GLY G 177 24.05 30.89 -12.81
CA GLY G 177 22.67 30.94 -13.21
C GLY G 177 21.82 30.43 -12.09
N ARG G 178 20.59 30.90 -12.05
CA ARG G 178 19.64 30.51 -10.99
C ARG G 178 18.20 30.61 -11.44
N ARG G 179 17.40 29.58 -11.10
CA ARG G 179 15.99 29.59 -11.39
C ARG G 179 15.23 29.08 -10.17
N CYS G 180 14.02 29.60 -9.93
CA CYS G 180 13.23 29.16 -8.78
C CYS G 180 11.82 28.74 -9.12
N PHE G 181 11.29 27.84 -8.30
CA PHE G 181 9.92 27.40 -8.47
C PHE G 181 9.39 26.99 -7.11
N GLU G 182 8.13 27.21 -6.86
CA GLU G 182 7.57 26.85 -5.58
C GLU G 182 7.33 25.36 -5.60
N ALA G 183 7.66 24.70 -4.50
CA ALA G 183 7.49 23.29 -4.42
C ALA G 183 6.43 22.97 -3.32
N ARG G 184 5.49 22.10 -3.59
CA ARG G 184 4.49 21.74 -2.63
C ARG G 184 4.32 20.24 -2.67
N ILE G 185 5.10 19.55 -1.84
CA ILE G 185 5.02 18.08 -1.85
C ILE G 185 3.88 17.58 -0.96
N CYS G 186 2.96 16.90 -1.62
CA CYS G 186 1.77 16.37 -0.97
C CYS G 186 1.40 14.91 -1.32
N ALA G 187 0.09 14.66 -1.18
CA ALA G 187 -0.44 13.32 -1.42
C ALA G 187 -1.25 13.28 -2.71
N CYS G 188 -1.99 14.34 -2.99
CA CYS G 188 -2.77 14.38 -4.20
C CYS G 188 -2.37 15.56 -5.09
N PRO G 189 -1.12 15.54 -5.57
CA PRO G 189 -0.73 16.67 -6.45
C PRO G 189 -1.83 17.03 -7.45
N GLY G 190 -2.49 16.03 -8.02
CA GLY G 190 -3.56 16.32 -8.96
C GLY G 190 -4.60 17.23 -8.31
N ARG G 191 -5.29 16.71 -7.31
CA ARG G 191 -6.33 17.45 -6.57
C ARG G 191 -5.87 18.84 -6.18
N ASP G 192 -4.80 18.87 -5.37
CA ASP G 192 -4.24 20.14 -4.86
C ASP G 192 -3.98 21.16 -5.95
N ARG G 193 -3.32 20.74 -7.04
CA ARG G 193 -3.05 21.69 -8.11
C ARG G 193 -4.37 22.26 -8.63
N LYS G 194 -5.34 21.34 -8.89
CA LYS G 194 -6.64 21.72 -9.41
C LYS G 194 -7.29 22.77 -8.51
N ALA G 195 -7.42 22.44 -7.20
CA ALA G 195 -8.03 23.32 -6.23
C ALA G 195 -7.29 24.64 -6.16
N ASP G 196 -5.95 24.55 -6.21
CA ASP G 196 -5.10 25.73 -6.18
C ASP G 196 -5.44 26.63 -7.40
N GLU G 197 -5.78 26.01 -8.51
CA GLU G 197 -6.11 26.79 -9.72
C GLU G 197 -7.54 27.34 -9.72
N ASP G 198 -8.43 26.73 -8.93
CA ASP G 198 -9.80 27.23 -8.87
C ASP G 198 -9.84 28.37 -7.88
N SER G 199 -8.76 28.48 -7.10
CA SER G 199 -8.68 29.54 -6.13
C SER G 199 -8.46 30.89 -6.83
N ASP H 11 -9.73 -9.16 31.41
CA ASP H 11 -10.21 -8.68 32.66
C ASP H 11 -10.15 -9.73 33.78
N TYR H 12 -9.53 -9.36 34.89
CA TYR H 12 -9.39 -10.22 36.06
C TYR H 12 -9.63 -9.44 37.36
N PRO H 13 -10.91 -9.38 37.82
CA PRO H 13 -11.32 -8.66 39.03
C PRO H 13 -10.40 -8.90 40.22
N GLY H 14 -10.02 -10.15 40.41
CA GLY H 14 -9.15 -10.53 41.48
C GLY H 14 -9.81 -10.45 42.87
N PRO H 15 -9.01 -10.82 43.88
CA PRO H 15 -9.47 -10.81 45.30
C PRO H 15 -10.12 -9.52 45.81
N HIS H 16 -9.75 -8.38 45.22
CA HIS H 16 -10.32 -7.10 45.70
C HIS H 16 -11.40 -6.56 44.79
N SER H 17 -11.92 -7.45 43.93
CA SER H 17 -12.94 -7.08 42.96
C SER H 17 -12.58 -5.72 42.36
N PHE H 18 -11.41 -5.71 41.76
CA PHE H 18 -10.84 -4.52 41.13
C PHE H 18 -11.67 -4.05 39.94
N ASP H 19 -11.80 -2.72 39.79
CA ASP H 19 -12.59 -2.24 38.69
C ASP H 19 -12.29 -0.79 38.29
N VAL H 20 -12.40 -0.53 37.00
CA VAL H 20 -12.16 0.80 36.46
C VAL H 20 -13.41 1.31 35.77
N SER H 21 -13.65 2.60 35.86
CA SER H 21 -14.82 3.24 35.29
C SER H 21 -14.62 4.76 35.13
N PHE H 22 -15.45 5.36 34.30
CA PHE H 22 -15.43 6.79 33.98
C PHE H 22 -16.80 7.44 34.31
N GLN H 23 -16.80 8.66 34.85
CA GLN H 23 -18.08 9.35 35.21
C GLN H 23 -18.78 9.99 34.01
N THR H 32 -13.34 17.47 26.83
CA THR H 32 -12.00 17.16 26.46
C THR H 32 -11.77 15.65 26.37
N TRP H 33 -12.85 14.91 26.59
CA TRP H 33 -12.79 13.45 26.48
C TRP H 33 -14.16 12.84 26.73
N THR H 34 -14.29 11.55 26.41
CA THR H 34 -15.57 10.84 26.57
C THR H 34 -15.33 9.34 26.55
N TYR H 35 -16.30 8.60 27.10
CA TYR H 35 -16.18 7.14 27.19
C TYR H 35 -17.44 6.38 26.79
N SER H 36 -17.26 5.45 25.84
CA SER H 36 -18.34 4.62 25.37
C SER H 36 -18.32 3.38 26.24
N THR H 37 -19.19 3.38 27.26
CA THR H 37 -19.30 2.28 28.19
C THR H 37 -19.27 0.95 27.44
N GLU H 38 -20.26 0.78 26.54
CA GLU H 38 -20.44 -0.44 25.78
C GLU H 38 -19.47 -0.62 24.62
N LEU H 39 -18.47 0.25 24.51
CA LEU H 39 -17.52 0.05 23.45
C LEU H 39 -16.19 -0.14 24.13
N LYS H 40 -16.18 0.01 25.43
CA LYS H 40 -14.98 -0.14 26.22
C LYS H 40 -13.95 0.69 25.53
N LYS H 41 -14.34 1.87 25.03
CA LYS H 41 -13.39 2.75 24.32
C LYS H 41 -13.36 4.15 24.94
N LEU H 42 -12.15 4.68 25.12
CA LEU H 42 -11.97 6.00 25.68
C LEU H 42 -11.50 6.88 24.54
N TYR H 43 -12.22 7.96 24.32
CA TYR H 43 -11.88 8.93 23.26
C TYR H 43 -11.42 10.16 24.01
N CYS H 44 -10.18 10.60 23.79
CA CYS H 44 -9.77 11.81 24.46
C CYS H 44 -8.69 12.57 23.72
N GLN H 45 -8.66 13.85 23.93
CA GLN H 45 -7.67 14.70 23.27
C GLN H 45 -6.28 14.45 23.90
N ILE H 46 -5.25 14.74 23.11
CA ILE H 46 -3.88 14.58 23.54
C ILE H 46 -3.47 15.53 24.67
N ALA H 47 -2.56 15.05 25.50
CA ALA H 47 -2.03 15.83 26.64
C ALA H 47 -3.08 16.47 27.50
N LYS H 48 -4.37 16.16 27.22
CA LYS H 48 -5.43 16.71 28.07
C LYS H 48 -5.56 15.72 29.21
N THR H 49 -6.19 16.17 30.27
CA THR H 49 -6.32 15.30 31.45
C THR H 49 -7.49 14.33 31.49
N CYS H 50 -7.18 13.09 31.82
CA CYS H 50 -8.19 12.06 31.92
C CYS H 50 -8.37 11.50 33.33
N PRO H 51 -9.51 11.80 33.94
CA PRO H 51 -9.76 11.30 35.28
C PRO H 51 -10.22 9.85 35.13
N ILE H 52 -9.66 8.96 35.88
CA ILE H 52 -10.05 7.58 35.82
C ILE H 52 -10.39 7.03 37.19
N GLN H 53 -11.54 6.41 37.28
CA GLN H 53 -12.04 5.86 38.56
C GLN H 53 -11.67 4.42 38.90
N ILE H 54 -11.08 4.27 40.04
CA ILE H 54 -10.69 2.97 40.56
C ILE H 54 -11.53 2.59 41.75
N LYS H 55 -11.97 1.34 41.78
CA LYS H 55 -12.83 0.86 42.84
C LYS H 55 -12.51 -0.57 43.23
N VAL H 56 -12.27 -0.79 44.51
CA VAL H 56 -12.00 -2.12 45.03
C VAL H 56 -13.13 -2.51 45.95
N MET H 57 -13.14 -3.77 46.37
CA MET H 57 -14.19 -4.26 47.26
C MET H 57 -13.66 -4.51 48.65
N THR H 58 -12.36 -4.73 48.73
CA THR H 58 -11.71 -4.99 49.97
C THR H 58 -10.30 -4.41 49.87
N PRO H 59 -9.84 -3.72 50.90
CA PRO H 59 -8.51 -3.14 50.88
C PRO H 59 -7.42 -4.04 50.31
N PRO H 60 -6.71 -3.52 49.33
CA PRO H 60 -5.61 -4.30 48.70
C PRO H 60 -4.41 -4.38 49.66
N PRO H 61 -3.38 -5.12 49.29
CA PRO H 61 -2.26 -5.16 50.24
C PRO H 61 -1.79 -3.77 50.60
N GLN H 62 -0.57 -3.69 51.04
CA GLN H 62 0.00 -2.46 51.51
C GLN H 62 0.67 -1.47 50.55
N GLY H 63 1.64 -1.93 49.79
CA GLY H 63 2.32 -1.06 48.88
C GLY H 63 1.43 -0.87 47.67
N ALA H 64 0.65 -1.91 47.39
CA ALA H 64 -0.29 -1.95 46.27
C ALA H 64 -0.18 -0.74 45.37
N VAL H 65 0.04 -1.02 44.08
CA VAL H 65 0.18 0.06 43.09
C VAL H 65 -0.77 -0.10 41.92
N ILE H 66 -0.93 0.99 41.17
CA ILE H 66 -1.77 0.99 40.01
C ILE H 66 -0.91 1.39 38.82
N ARG H 67 -0.68 0.42 37.98
CA ARG H 67 0.15 0.55 36.79
C ARG H 67 -0.72 0.69 35.56
N ALA H 68 -0.37 1.66 34.73
CA ALA H 68 -1.07 1.89 33.50
C ALA H 68 -0.11 1.64 32.36
N MET H 69 -0.42 0.66 31.52
CA MET H 69 0.45 0.32 30.40
C MET H 69 -0.29 0.32 29.06
N PRO H 70 0.34 0.89 28.05
CA PRO H 70 -0.28 0.94 26.72
C PRO H 70 0.20 -0.23 25.92
N VAL H 71 -0.67 -0.69 24.99
CA VAL H 71 -0.28 -1.80 24.11
C VAL H 71 -1.21 -1.80 22.92
N TYR H 72 -0.70 -2.25 21.78
CA TYR H 72 -1.49 -2.30 20.56
C TYR H 72 -2.57 -3.39 20.61
N LYS H 73 -3.78 -3.04 20.20
CA LYS H 73 -4.93 -3.89 20.19
C LYS H 73 -4.82 -5.03 19.18
N LYS H 74 -4.36 -4.68 17.97
CA LYS H 74 -4.20 -5.66 16.89
C LYS H 74 -3.06 -6.65 17.11
N ALA H 75 -3.38 -7.92 16.91
CA ALA H 75 -2.46 -9.03 17.07
C ALA H 75 -1.18 -8.80 16.24
N GLU H 76 -1.37 -8.17 15.08
CA GLU H 76 -0.23 -7.87 14.22
C GLU H 76 0.88 -7.16 15.00
N HIS H 77 0.52 -6.16 15.78
CA HIS H 77 1.46 -5.28 16.47
C HIS H 77 1.68 -5.38 17.97
N VAL H 78 0.92 -6.22 18.67
CA VAL H 78 1.11 -6.42 20.10
C VAL H 78 2.53 -6.51 20.62
N THR H 79 3.45 -7.06 19.84
CA THR H 79 4.84 -7.19 20.26
C THR H 79 5.64 -5.90 20.27
N GLU H 80 5.14 -4.89 19.56
CA GLU H 80 5.85 -3.60 19.48
C GLU H 80 5.46 -2.74 20.65
N VAL H 81 6.49 -2.16 21.31
CA VAL H 81 6.30 -1.27 22.46
C VAL H 81 5.53 -0.04 21.96
N VAL H 82 4.91 0.70 22.88
CA VAL H 82 4.15 1.90 22.51
C VAL H 82 4.85 3.12 23.12
N LYS H 83 5.44 3.92 22.24
CA LYS H 83 6.16 5.15 22.73
C LYS H 83 5.63 6.33 21.96
N ARG H 84 6.01 7.51 22.41
CA ARG H 84 5.59 8.73 21.76
C ARG H 84 6.34 8.81 20.43
N CYS H 85 5.69 9.36 19.40
CA CYS H 85 6.33 9.56 18.11
C CYS H 85 7.53 10.47 18.27
N PRO H 86 8.53 10.37 17.36
CA PRO H 86 9.73 11.21 17.44
C PRO H 86 9.43 12.70 17.59
N ASN H 87 8.52 13.24 16.79
CA ASN H 87 8.23 14.65 16.92
C ASN H 87 8.02 15.07 18.39
N HIS H 88 6.96 14.55 19.00
CA HIS H 88 6.65 14.88 20.41
C HIS H 88 7.73 14.51 21.38
N GLU H 89 8.35 13.36 21.14
CA GLU H 89 9.41 12.86 22.02
C GLU H 89 10.50 13.90 22.26
N LEU H 90 10.86 14.65 21.19
CA LEU H 90 11.85 15.69 21.37
C LEU H 90 11.37 16.95 20.74
N SER H 91 10.49 17.62 21.49
CA SER H 91 9.93 18.90 21.13
C SER H 91 9.76 19.53 22.50
N ARG H 92 10.60 20.49 22.82
CA ARG H 92 10.55 21.17 24.11
C ARG H 92 9.13 21.05 24.66
N GLU H 93 8.16 21.44 23.85
CA GLU H 93 6.75 21.38 24.22
C GLU H 93 6.29 20.10 24.93
N PHE H 94 5.82 20.26 26.18
CA PHE H 94 5.37 19.15 27.00
C PHE H 94 6.49 18.40 27.67
N ASN H 95 7.70 18.61 27.19
CA ASN H 95 8.85 17.92 27.76
C ASN H 95 9.64 18.76 28.72
N GLU H 96 10.13 19.87 28.18
CA GLU H 96 10.93 20.84 28.93
C GLU H 96 10.95 20.60 30.44
N GLY H 97 9.95 21.09 31.15
CA GLY H 97 9.96 20.92 32.60
C GLY H 97 9.16 19.70 33.02
N GLN H 98 9.74 18.51 32.88
CA GLN H 98 8.97 17.32 33.21
C GLN H 98 9.61 16.18 33.97
N ILE H 99 8.83 15.67 34.91
CA ILE H 99 9.23 14.57 35.77
C ILE H 99 9.42 13.34 34.90
N ALA H 100 8.40 13.04 34.12
CA ALA H 100 8.39 11.87 33.23
C ALA H 100 9.29 11.94 31.97
N PRO H 101 9.67 10.74 31.49
CA PRO H 101 10.51 10.60 30.29
C PRO H 101 9.70 11.01 29.02
N PRO H 102 10.34 11.76 28.13
CA PRO H 102 9.68 12.22 26.90
C PRO H 102 9.19 11.13 25.93
N SER H 103 9.73 9.95 26.10
CA SER H 103 9.32 8.80 25.26
C SER H 103 7.97 8.20 25.70
N HIS H 104 7.68 8.19 27.01
CA HIS H 104 6.47 7.62 27.55
C HIS H 104 5.17 8.24 27.06
N LEU H 105 4.29 7.36 26.61
CA LEU H 105 3.02 7.81 26.11
C LEU H 105 2.13 8.22 27.26
N ILE H 106 1.97 7.30 28.23
CA ILE H 106 1.11 7.57 29.37
C ILE H 106 1.83 8.31 30.50
N ARG H 107 1.17 9.37 31.01
CA ARG H 107 1.66 10.16 32.10
C ARG H 107 0.55 10.33 33.12
N VAL H 108 0.92 10.51 34.40
CA VAL H 108 -0.09 10.73 35.41
C VAL H 108 0.20 12.10 36.01
N GLU H 109 -0.84 12.93 36.09
CA GLU H 109 -0.67 14.25 36.65
C GLU H 109 -1.36 14.36 37.99
N GLY H 110 -0.68 15.02 38.90
CA GLY H 110 -1.18 15.24 40.23
C GLY H 110 -0.67 14.23 41.23
N ASN H 111 0.57 13.82 41.09
CA ASN H 111 1.08 12.86 42.02
C ASN H 111 2.59 12.75 41.97
N SER H 112 3.23 13.33 42.99
CA SER H 112 4.69 13.29 43.06
C SER H 112 5.22 11.87 43.18
N HIS H 113 4.45 10.97 43.79
CA HIS H 113 4.91 9.58 43.95
C HIS H 113 4.92 8.77 42.68
N ALA H 114 4.13 9.21 41.70
CA ALA H 114 4.07 8.55 40.41
C ALA H 114 5.48 8.29 39.89
N GLN H 115 5.76 7.02 39.52
CA GLN H 115 7.07 6.65 38.98
C GLN H 115 6.91 5.99 37.62
N TYR H 116 7.73 6.43 36.67
CA TYR H 116 7.69 5.91 35.31
C TYR H 116 8.75 4.82 35.22
N VAL H 117 8.40 3.72 34.54
CA VAL H 117 9.33 2.60 34.44
C VAL H 117 9.47 1.99 33.03
N GLU H 118 10.72 1.65 32.69
CA GLU H 118 11.03 1.03 31.40
C GLU H 118 11.52 -0.38 31.76
N ASP H 119 10.88 -1.42 31.23
CA ASP H 119 11.28 -2.77 31.52
C ASP H 119 12.61 -3.07 30.80
N PRO H 120 13.65 -3.41 31.59
CA PRO H 120 14.99 -3.71 31.01
C PRO H 120 14.98 -4.76 29.89
N ILE H 121 14.20 -5.81 30.09
CA ILE H 121 14.13 -6.88 29.12
C ILE H 121 13.13 -6.58 27.98
N THR H 122 11.82 -6.47 28.30
CA THR H 122 10.82 -6.17 27.27
C THR H 122 10.93 -4.75 26.71
N GLY H 123 11.54 -3.85 27.44
CA GLY H 123 11.66 -2.46 27.00
C GLY H 123 10.36 -1.73 27.10
N ARG H 124 9.37 -2.40 27.67
CA ARG H 124 8.02 -1.80 27.77
C ARG H 124 7.92 -0.63 28.79
N GLN H 125 7.26 0.46 28.35
CA GLN H 125 7.08 1.63 29.21
C GLN H 125 5.72 1.57 29.94
N SER H 126 5.73 2.10 31.16
CA SER H 126 4.55 2.06 31.97
C SER H 126 4.70 3.06 33.09
N VAL H 127 3.59 3.35 33.79
CA VAL H 127 3.64 4.28 34.88
C VAL H 127 2.85 3.79 36.10
N LEU H 128 3.50 3.77 37.26
CA LEU H 128 2.84 3.32 38.48
C LEU H 128 2.51 4.46 39.40
N VAL H 129 1.50 4.23 40.21
CA VAL H 129 1.06 5.19 41.20
C VAL H 129 0.61 4.37 42.41
N PRO H 130 1.17 4.70 43.60
CA PRO H 130 0.81 3.98 44.82
C PRO H 130 -0.72 4.07 45.13
N TYR H 131 -1.32 2.93 45.37
CA TYR H 131 -2.75 2.90 45.63
C TYR H 131 -3.09 3.56 46.93
N GLU H 132 -4.23 4.22 46.95
CA GLU H 132 -4.68 4.80 48.22
C GLU H 132 -6.16 4.74 48.23
N PRO H 133 -6.71 4.38 49.39
CA PRO H 133 -8.19 4.29 49.50
C PRO H 133 -8.82 5.58 49.02
N PRO H 134 -10.12 5.56 48.77
CA PRO H 134 -10.78 6.82 48.36
C PRO H 134 -10.81 7.81 49.52
N GLN H 135 -11.33 9.00 49.23
CA GLN H 135 -11.49 10.02 50.24
C GLN H 135 -12.70 9.62 51.04
N VAL H 136 -12.77 10.10 52.28
CA VAL H 136 -13.91 9.78 53.18
C VAL H 136 -15.29 10.12 52.58
N GLY H 137 -16.20 9.12 52.55
CA GLY H 137 -17.52 9.33 51.98
C GLY H 137 -17.50 8.97 50.50
N THR H 138 -16.38 9.23 49.83
CA THR H 138 -16.24 8.93 48.43
C THR H 138 -16.38 7.43 48.19
N GLU H 139 -16.37 7.01 46.93
CA GLU H 139 -16.48 5.61 46.58
C GLU H 139 -15.56 5.30 45.41
N PHE H 140 -14.48 6.05 45.26
CA PHE H 140 -13.60 5.83 44.14
C PHE H 140 -12.23 6.37 44.36
N THR H 141 -11.24 5.65 43.87
CA THR H 141 -9.90 6.12 43.94
C THR H 141 -9.75 6.64 42.52
N THR H 142 -9.59 7.93 42.40
CA THR H 142 -9.49 8.60 41.11
C THR H 142 -8.05 8.93 40.70
N VAL H 143 -7.66 8.48 39.53
CA VAL H 143 -6.32 8.71 39.02
C VAL H 143 -6.35 9.64 37.84
N LEU H 144 -5.34 10.49 37.74
CA LEU H 144 -5.27 11.43 36.62
C LEU H 144 -4.27 11.09 35.55
N TYR H 145 -4.77 10.56 34.45
CA TYR H 145 -3.93 10.18 33.31
C TYR H 145 -3.89 11.15 32.14
N ASN H 146 -2.70 11.31 31.56
CA ASN H 146 -2.46 12.17 30.40
C ASN H 146 -1.90 11.32 29.29
N PHE H 147 -2.48 11.45 28.09
CA PHE H 147 -1.93 10.71 26.95
C PHE H 147 -1.20 11.69 26.06
N MET H 148 0.10 11.42 25.76
CA MET H 148 0.98 12.39 25.13
C MET H 148 1.40 12.20 23.65
N CYS H 149 0.46 11.85 22.81
CA CYS H 149 0.74 11.62 21.40
C CYS H 149 -0.64 11.31 20.86
N ASN H 150 -0.97 11.72 19.65
CA ASN H 150 -2.31 11.41 19.11
C ASN H 150 -2.29 9.96 18.71
N SER H 151 -3.50 9.38 18.55
CA SER H 151 -3.59 7.98 18.21
C SER H 151 -3.15 7.77 16.78
N SER H 152 -2.57 8.84 16.18
CA SER H 152 -2.25 8.78 14.76
C SER H 152 -0.88 9.34 14.37
N CYS H 153 -0.09 9.70 15.39
CA CYS H 153 1.22 10.25 15.10
C CYS H 153 2.07 9.33 14.20
N VAL H 154 2.47 9.88 13.08
CA VAL H 154 3.31 9.16 12.17
C VAL H 154 4.58 8.88 12.95
N GLY H 155 5.17 7.71 12.76
CA GLY H 155 6.39 7.41 13.47
C GLY H 155 6.08 6.95 14.91
N GLY H 156 4.81 6.83 15.26
CA GLY H 156 4.39 6.39 16.56
C GLY H 156 3.29 5.35 16.38
N MET H 157 2.13 5.62 16.92
CA MET H 157 1.00 4.71 16.78
C MET H 157 0.46 4.63 15.34
N ASN H 158 0.83 5.60 14.50
CA ASN H 158 0.42 5.60 13.09
C ASN H 158 -1.02 5.08 13.01
N ARG H 159 -1.92 5.71 13.78
CA ARG H 159 -3.36 5.36 13.87
C ARG H 159 -3.69 3.87 14.13
N ARG H 160 -2.75 3.14 14.74
CA ARG H 160 -2.94 1.76 15.12
C ARG H 160 -3.64 1.76 16.48
N PRO H 161 -4.85 1.24 16.53
CA PRO H 161 -5.57 1.21 17.80
C PRO H 161 -4.75 0.61 18.92
N ILE H 162 -4.81 1.24 20.11
CA ILE H 162 -4.09 0.76 21.24
C ILE H 162 -5.10 0.66 22.34
N LEU H 163 -4.79 -0.07 23.40
CA LEU H 163 -5.68 -0.14 24.54
C LEU H 163 -4.86 -0.11 25.81
N ILE H 164 -5.41 0.54 26.80
CA ILE H 164 -4.71 0.69 28.06
C ILE H 164 -4.96 -0.49 28.98
N ILE H 165 -3.91 -0.89 29.67
CA ILE H 165 -4.03 -2.00 30.63
C ILE H 165 -3.67 -1.47 32.03
N VAL H 166 -4.71 -1.16 32.78
CA VAL H 166 -4.50 -0.69 34.13
C VAL H 166 -4.57 -1.95 34.96
N THR H 167 -3.51 -2.16 35.74
CA THR H 167 -3.36 -3.32 36.57
C THR H 167 -3.06 -2.94 38.02
N LEU H 168 -3.76 -3.56 38.96
CA LEU H 168 -3.54 -3.35 40.38
C LEU H 168 -2.54 -4.41 40.78
N GLU H 169 -1.37 -3.99 41.25
CA GLU H 169 -0.39 -4.97 41.58
C GLU H 169 0.15 -4.84 42.99
N THR H 170 0.75 -5.92 43.44
CA THR H 170 1.35 -5.99 44.74
C THR H 170 2.63 -5.23 44.66
N ARG H 171 3.00 -4.62 45.76
CA ARG H 171 4.24 -3.86 45.83
C ARG H 171 5.42 -4.47 45.06
N ASP H 172 5.49 -5.82 45.02
CA ASP H 172 6.60 -6.50 44.32
C ASP H 172 6.21 -6.95 42.92
N GLY H 173 5.16 -6.36 42.34
CA GLY H 173 4.80 -6.72 41.01
C GLY H 173 3.91 -7.89 40.77
N GLN H 174 3.33 -8.44 41.80
CA GLN H 174 2.40 -9.53 41.61
C GLN H 174 1.06 -8.92 41.21
N VAL H 175 0.38 -9.53 40.23
CA VAL H 175 -0.89 -8.92 39.80
C VAL H 175 -2.04 -9.32 40.75
N LEU H 176 -2.86 -8.34 41.09
CA LEU H 176 -3.99 -8.57 41.99
C LEU H 176 -5.31 -8.39 41.23
N GLY H 177 -5.21 -7.76 40.04
CA GLY H 177 -6.34 -7.50 39.24
C GLY H 177 -5.96 -6.76 37.98
N ARG H 178 -6.79 -6.86 36.95
CA ARG H 178 -6.49 -6.17 35.71
C ARG H 178 -7.74 -5.84 34.93
N ARG H 179 -7.81 -4.62 34.41
CA ARG H 179 -8.95 -4.21 33.60
C ARG H 179 -8.38 -3.54 32.38
N CYS H 180 -9.12 -3.50 31.31
CA CYS H 180 -8.63 -2.83 30.10
C CYS H 180 -9.71 -2.29 29.15
N PHE H 181 -9.41 -1.14 28.62
CA PHE H 181 -10.27 -0.41 27.71
C PHE H 181 -9.44 0.11 26.50
N GLU H 182 -10.07 0.26 25.36
CA GLU H 182 -9.38 0.77 24.17
C GLU H 182 -9.27 2.30 24.27
N ALA H 183 -8.09 2.80 24.00
CA ALA H 183 -7.86 4.21 24.06
C ALA H 183 -7.65 4.74 22.63
N ARG H 184 -8.22 5.91 22.33
CA ARG H 184 -8.08 6.53 21.03
C ARG H 184 -7.99 8.02 21.27
N ILE H 185 -6.76 8.50 21.48
CA ILE H 185 -6.54 9.92 21.72
C ILE H 185 -6.42 10.66 20.39
N CYS H 186 -7.39 11.52 20.16
CA CYS H 186 -7.45 12.30 18.93
C CYS H 186 -7.69 13.79 19.15
N ALA H 187 -8.39 14.42 18.21
CA ALA H 187 -8.67 15.86 18.23
C ALA H 187 -10.16 16.22 18.43
N CYS H 188 -11.05 15.33 18.00
CA CYS H 188 -12.49 15.57 18.16
C CYS H 188 -13.11 14.31 18.78
N PRO H 189 -12.74 14.01 20.03
CA PRO H 189 -13.31 12.80 20.68
C PRO H 189 -14.84 12.74 20.48
N GLY H 190 -15.49 13.87 20.55
CA GLY H 190 -16.93 13.91 20.34
C GLY H 190 -17.24 13.26 19.00
N ARG H 191 -16.84 13.99 17.90
CA ARG H 191 -17.08 13.55 16.55
C ARG H 191 -16.74 12.09 16.33
N ASP H 192 -15.48 11.77 16.58
CA ASP H 192 -14.95 10.41 16.39
C ASP H 192 -15.81 9.36 17.11
N ARG H 193 -16.17 9.67 18.39
CA ARG H 193 -16.97 8.75 19.19
C ARG H 193 -18.29 8.54 18.45
N LYS H 194 -18.97 9.66 18.17
CA LYS H 194 -20.26 9.63 17.49
C LYS H 194 -20.24 8.79 16.20
N ALA H 195 -19.30 9.17 15.27
CA ALA H 195 -19.14 8.48 14.00
C ALA H 195 -18.84 7.02 14.23
N ASP H 196 -18.00 6.74 15.26
CA ASP H 196 -17.62 5.39 15.62
C ASP H 196 -18.85 4.63 16.16
N GLU H 197 -19.90 5.39 16.51
CA GLU H 197 -21.13 4.82 17.03
C GLU H 197 -22.11 4.57 15.86
N ASP H 198 -21.81 5.21 14.71
CA ASP H 198 -22.63 5.07 13.50
C ASP H 198 -22.45 3.71 12.79
N SER H 199 -21.23 3.15 12.90
CA SER H 199 -20.84 1.86 12.30
C SER H 199 -21.76 0.69 12.72
N ILE H 200 -22.81 1.01 13.51
CA ILE H 200 -23.76 0.05 14.02
C ILE H 200 -25.16 0.65 14.17
N SER I 6 1.35 45.83 51.56
CA SER I 6 0.95 45.19 50.37
C SER I 6 2.13 44.95 49.36
N PRO I 7 2.55 43.68 49.26
CA PRO I 7 3.65 43.21 48.39
C PRO I 7 4.05 44.11 47.20
N SER I 8 5.35 44.26 47.02
CA SER I 8 5.91 45.10 45.96
C SER I 8 5.81 44.49 44.59
N ASN I 9 5.73 45.34 43.59
CA ASN I 9 5.60 44.83 42.23
C ASN I 9 6.57 45.49 41.26
N THR I 10 7.66 46.05 41.76
CA THR I 10 8.58 46.68 40.83
C THR I 10 9.68 45.74 40.43
N ASP I 11 10.02 45.76 39.15
CA ASP I 11 11.06 44.88 38.64
C ASP I 11 12.39 45.19 39.35
N TYR I 12 13.05 44.15 39.83
CA TYR I 12 14.33 44.29 40.53
C TYR I 12 15.25 43.09 40.19
N PRO I 13 16.04 43.22 39.11
CA PRO I 13 16.99 42.24 38.56
C PRO I 13 17.85 41.61 39.63
N GLY I 14 18.32 42.43 40.57
CA GLY I 14 19.11 41.91 41.65
C GLY I 14 20.47 41.38 41.19
N PRO I 15 21.31 41.10 42.17
CA PRO I 15 22.69 40.58 41.95
C PRO I 15 22.82 39.43 40.94
N HIS I 16 21.76 38.70 40.73
CA HIS I 16 21.89 37.59 39.78
C HIS I 16 21.24 37.84 38.43
N SER I 17 21.04 39.12 38.09
CA SER I 17 20.38 39.48 36.84
C SER I 17 19.16 38.59 36.56
N PHE I 18 18.28 38.51 37.55
CA PHE I 18 17.05 37.70 37.48
C PHE I 18 16.10 38.16 36.40
N ASP I 19 15.52 37.19 35.69
CA ASP I 19 14.63 37.54 34.61
C ASP I 19 13.60 36.45 34.25
N VAL I 20 12.41 36.85 33.87
CA VAL I 20 11.36 35.88 33.49
C VAL I 20 10.93 36.24 32.06
N SER I 21 10.64 35.22 31.24
CA SER I 21 10.23 35.47 29.87
C SER I 21 9.36 34.32 29.41
N PHE I 22 8.69 34.49 28.28
CA PHE I 22 7.85 33.41 27.82
C PHE I 22 8.16 33.03 26.39
N GLN I 23 8.50 31.77 26.21
CA GLN I 23 8.81 31.26 24.90
C GLN I 23 7.87 30.08 24.55
N GLN I 24 7.21 30.25 23.41
CA GLN I 24 6.21 29.36 22.82
C GLN I 24 6.64 27.90 22.60
N SER I 25 5.96 26.99 23.32
CA SER I 25 6.27 25.54 23.35
C SER I 25 6.11 24.72 22.06
N SER I 26 5.55 25.30 21.01
CA SER I 26 5.38 24.54 19.78
C SER I 26 5.72 25.32 18.50
N THR I 27 5.02 24.97 17.42
CA THR I 27 5.19 25.57 16.10
C THR I 27 4.04 25.14 15.18
N LYS I 29 -0.71 28.18 16.39
CA LYS I 29 -1.68 27.62 17.34
C LYS I 29 -1.05 27.34 18.72
N SER I 30 -1.27 26.14 19.25
CA SER I 30 -0.81 25.81 20.61
C SER I 30 -1.48 26.84 21.49
N ALA I 31 -2.55 27.41 20.93
CA ALA I 31 -3.32 28.53 21.46
C ALA I 31 -3.76 28.47 22.93
N THR I 32 -3.21 27.54 23.69
CA THR I 32 -3.52 27.46 25.11
C THR I 32 -3.11 28.71 25.89
N TRP I 33 -2.17 29.47 25.32
CA TRP I 33 -1.75 30.72 25.95
C TRP I 33 -0.92 31.58 25.00
N THR I 34 -0.66 32.79 25.45
CA THR I 34 0.05 33.77 24.63
C THR I 34 0.61 34.89 25.51
N TYR I 35 1.60 35.62 25.03
CA TYR I 35 2.20 36.69 25.84
C TYR I 35 2.50 38.03 25.14
N SER I 36 2.09 39.13 25.74
CA SER I 36 2.34 40.43 25.14
C SER I 36 3.52 41.04 25.87
N THR I 37 4.70 40.77 25.34
CA THR I 37 5.94 41.25 25.92
C THR I 37 5.76 42.73 26.00
N GLU I 38 5.22 43.27 24.92
CA GLU I 38 4.98 44.69 24.76
C GLU I 38 4.06 45.19 25.86
N LEU I 39 3.00 44.42 26.14
CA LEU I 39 2.02 44.80 27.17
C LEU I 39 2.33 44.31 28.59
N LYS I 40 3.29 43.40 28.71
CA LYS I 40 3.69 42.76 29.96
C LYS I 40 2.51 41.95 30.48
N LYS I 41 1.72 41.45 29.54
CA LYS I 41 0.53 40.69 29.86
C LYS I 41 0.59 39.28 29.32
N LEU I 42 0.18 38.33 30.16
CA LEU I 42 0.13 36.93 29.80
C LEU I 42 -1.35 36.55 29.69
N TYR I 43 -1.80 36.10 28.52
CA TYR I 43 -3.19 35.69 28.33
C TYR I 43 -3.26 34.17 28.33
N CYS I 44 -3.96 33.54 29.26
CA CYS I 44 -3.99 32.08 29.23
C CYS I 44 -5.26 31.35 29.75
N GLN I 45 -5.49 30.15 29.23
CA GLN I 45 -6.68 29.37 29.56
C GLN I 45 -6.64 28.76 30.96
N ILE I 46 -7.78 28.67 31.60
CA ILE I 46 -7.81 28.12 32.94
C ILE I 46 -7.38 26.64 33.04
N ALA I 47 -6.68 26.34 34.13
CA ALA I 47 -6.17 25.03 34.50
C ALA I 47 -5.16 24.46 33.48
N LYS I 48 -5.02 25.10 32.33
CA LYS I 48 -4.08 24.62 31.37
C LYS I 48 -2.72 25.04 31.86
N THR I 49 -1.71 24.44 31.26
CA THR I 49 -0.33 24.67 31.65
C THR I 49 0.45 25.81 30.99
N CYS I 50 1.05 26.61 31.85
CA CYS I 50 1.85 27.72 31.34
C CYS I 50 3.38 27.57 31.69
N PRO I 51 4.20 27.43 30.67
CA PRO I 51 5.65 27.29 30.82
C PRO I 51 6.23 28.68 30.98
N ILE I 52 7.02 28.90 32.04
CA ILE I 52 7.59 30.21 32.26
C ILE I 52 9.11 30.07 32.40
N GLN I 53 9.82 30.85 31.63
CA GLN I 53 11.30 30.78 31.62
C GLN I 53 12.02 31.71 32.58
N ILE I 54 12.83 31.09 33.42
CA ILE I 54 13.64 31.81 34.40
C ILE I 54 15.10 31.85 33.95
N LYS I 55 15.72 33.00 34.07
CA LYS I 55 17.11 33.17 33.66
C LYS I 55 17.89 34.04 34.64
N VAL I 56 19.04 33.52 35.12
CA VAL I 56 19.89 34.29 36.02
C VAL I 56 21.19 34.53 35.23
N MET I 57 22.13 35.25 35.83
CA MET I 57 23.38 35.52 35.14
C MET I 57 24.51 34.98 36.01
N THR I 58 24.19 34.74 37.27
CA THR I 58 25.15 34.22 38.21
C THR I 58 24.34 33.34 39.17
N PRO I 59 24.88 32.15 39.44
CA PRO I 59 24.23 31.18 40.34
C PRO I 59 23.72 31.80 41.65
N PRO I 60 22.44 31.65 41.90
CA PRO I 60 21.88 32.19 43.15
C PRO I 60 22.29 31.33 44.37
N PRO I 61 22.17 31.88 45.56
CA PRO I 61 22.51 31.23 46.86
C PRO I 61 22.20 29.75 47.03
N GLN I 62 21.85 29.34 48.20
CA GLN I 62 21.63 27.88 48.39
C GLN I 62 20.22 27.32 48.26
N GLY I 63 19.35 27.61 49.23
CA GLY I 63 18.02 27.08 49.15
C GLY I 63 17.15 27.89 48.22
N ALA I 64 17.78 28.90 47.61
CA ALA I 64 17.12 29.81 46.67
C ALA I 64 15.81 29.23 46.14
N VAL I 65 14.75 30.05 46.20
CA VAL I 65 13.44 29.59 45.71
C VAL I 65 12.78 30.59 44.78
N ILE I 66 11.80 30.11 44.05
CA ILE I 66 11.06 30.96 43.14
C ILE I 66 9.58 30.97 43.55
N ARG I 67 9.17 32.10 44.12
CA ARG I 67 7.81 32.24 44.59
C ARG I 67 6.96 33.02 43.61
N ALA I 68 5.79 32.49 43.31
CA ALA I 68 4.89 33.15 42.40
C ALA I 68 3.71 33.55 43.23
N MET I 69 3.41 34.85 43.28
CA MET I 69 2.27 35.29 44.06
C MET I 69 1.33 36.17 43.21
N PRO I 70 0.04 35.96 43.35
CA PRO I 70 -0.97 36.74 42.61
C PRO I 70 -1.41 37.91 43.46
N VAL I 71 -1.77 39.01 42.80
CA VAL I 71 -2.20 40.20 43.49
C VAL I 71 -2.95 41.11 42.55
N TYR I 72 -3.97 41.79 43.04
CA TYR I 72 -4.76 42.65 42.16
C TYR I 72 -3.95 43.85 41.67
N LYS I 73 -4.11 44.16 40.37
CA LYS I 73 -3.41 45.25 39.72
C LYS I 73 -3.83 46.62 40.25
N LYS I 74 -5.11 46.88 40.16
CA LYS I 74 -5.68 48.16 40.57
C LYS I 74 -5.58 48.45 42.08
N ALA I 75 -5.19 49.67 42.37
CA ALA I 75 -4.99 50.16 43.71
C ALA I 75 -6.15 49.83 44.67
N GLU I 76 -7.38 49.98 44.16
CA GLU I 76 -8.55 49.74 44.98
C GLU I 76 -8.64 48.33 45.61
N HIS I 77 -8.11 47.34 44.97
CA HIS I 77 -8.20 45.98 45.50
C HIS I 77 -6.93 45.34 46.06
N VAL I 78 -5.78 45.92 45.76
CA VAL I 78 -4.49 45.39 46.18
C VAL I 78 -4.48 44.75 47.56
N THR I 79 -5.23 45.33 48.51
CA THR I 79 -5.24 44.76 49.84
C THR I 79 -6.02 43.45 49.95
N GLU I 80 -6.77 43.10 48.92
CA GLU I 80 -7.52 41.85 48.99
C GLU I 80 -6.75 40.64 48.44
N VAL I 81 -6.69 39.57 49.24
CA VAL I 81 -6.02 38.35 48.80
C VAL I 81 -6.67 37.88 47.48
N VAL I 82 -5.96 37.02 46.78
CA VAL I 82 -6.41 36.46 45.53
C VAL I 82 -6.55 34.94 45.71
N LYS I 83 -7.79 34.48 45.89
CA LYS I 83 -8.08 33.04 46.04
C LYS I 83 -9.02 32.57 44.93
N ARG I 84 -9.22 31.26 44.85
CA ARG I 84 -10.09 30.68 43.84
C ARG I 84 -11.53 30.93 44.27
N CYS I 85 -12.41 31.29 43.32
CA CYS I 85 -13.81 31.53 43.67
C CYS I 85 -14.41 30.30 44.37
N PRO I 86 -15.45 30.51 45.18
CA PRO I 86 -16.09 29.40 45.89
C PRO I 86 -16.39 28.22 44.97
N ASN I 87 -17.06 28.49 43.86
CA ASN I 87 -17.40 27.44 42.91
C ASN I 87 -16.26 26.47 42.63
N HIS I 88 -15.12 26.94 42.15
CA HIS I 88 -13.98 26.06 41.88
C HIS I 88 -13.31 25.44 43.12
N GLU I 89 -13.31 26.18 44.22
CA GLU I 89 -12.72 25.63 45.45
C GLU I 89 -13.47 24.40 45.98
N LEU I 90 -14.54 23.99 45.27
CA LEU I 90 -15.28 22.81 45.69
C LEU I 90 -15.51 21.89 44.52
N SER I 91 -15.87 22.47 43.39
CA SER I 91 -16.11 21.69 42.17
C SER I 91 -15.23 20.45 42.20
N ARG I 92 -15.86 19.29 42.00
CA ARG I 92 -15.16 18.04 41.98
C ARG I 92 -13.93 18.13 41.08
N GLU I 93 -14.11 18.67 39.89
CA GLU I 93 -12.99 18.78 38.93
C GLU I 93 -11.83 19.71 39.32
N PHE I 94 -10.64 19.34 38.87
CA PHE I 94 -9.40 20.08 39.18
C PHE I 94 -8.95 19.90 40.60
N ASN I 95 -9.74 19.23 41.40
CA ASN I 95 -9.34 19.03 42.77
C ASN I 95 -9.29 17.60 43.17
N GLU I 96 -10.03 16.79 42.43
CA GLU I 96 -10.09 15.37 42.76
C GLU I 96 -8.76 14.63 42.98
N GLY I 97 -7.85 14.59 41.99
CA GLY I 97 -6.65 13.87 42.25
C GLY I 97 -5.54 14.75 42.74
N GLN I 98 -5.90 16.02 42.97
CA GLN I 98 -5.01 17.05 43.39
C GLN I 98 -4.57 17.04 44.85
N ILE I 99 -3.34 17.50 45.07
CA ILE I 99 -2.76 17.57 46.38
C ILE I 99 -2.70 19.01 46.84
N ALA I 100 -2.78 19.92 45.88
CA ALA I 100 -2.72 21.35 46.14
C ALA I 100 -3.99 21.96 46.78
N PRO I 101 -3.78 22.95 47.68
CA PRO I 101 -4.88 23.64 48.38
C PRO I 101 -5.91 24.15 47.34
N PRO I 102 -7.11 23.61 47.40
CA PRO I 102 -8.19 24.05 46.45
C PRO I 102 -8.49 25.53 46.49
N SER I 103 -7.98 26.23 47.49
CA SER I 103 -8.23 27.66 47.56
C SER I 103 -7.26 28.45 46.71
N HIS I 104 -6.04 27.93 46.58
CA HIS I 104 -4.95 28.59 45.86
C HIS I 104 -5.17 28.77 44.38
N LEU I 105 -4.94 29.99 43.92
CA LEU I 105 -5.13 30.32 42.53
C LEU I 105 -4.01 29.75 41.66
N ILE I 106 -2.79 30.08 42.03
CA ILE I 106 -1.59 29.63 41.33
C ILE I 106 -1.08 28.25 41.79
N ARG I 107 -0.83 27.37 40.81
CA ARG I 107 -0.35 26.02 41.02
C ARG I 107 0.85 25.77 40.16
N VAL I 108 1.73 24.86 40.58
CA VAL I 108 2.87 24.51 39.75
C VAL I 108 2.78 23.01 39.47
N GLU I 109 2.86 22.63 38.21
CA GLU I 109 2.76 21.21 37.86
C GLU I 109 4.13 20.68 37.48
N GLY I 110 4.37 19.40 37.75
CA GLY I 110 5.62 18.76 37.43
C GLY I 110 6.74 18.97 38.43
N ASN I 111 6.42 19.10 39.70
CA ASN I 111 7.46 19.31 40.70
C ASN I 111 6.97 18.93 42.09
N SER I 112 7.36 17.74 42.56
CA SER I 112 6.98 17.27 43.87
C SER I 112 7.38 18.21 45.01
N HIS I 113 8.53 18.85 44.88
CA HIS I 113 9.05 19.77 45.90
C HIS I 113 8.29 21.08 46.03
N ALA I 114 7.43 21.34 45.08
CA ALA I 114 6.62 22.56 45.07
C ALA I 114 5.83 22.60 46.35
N GLN I 115 5.93 23.70 47.09
CA GLN I 115 5.19 23.83 48.36
C GLN I 115 4.31 25.07 48.41
N TYR I 116 3.03 24.84 48.69
CA TYR I 116 2.01 25.90 48.76
C TYR I 116 2.01 26.56 50.15
N VAL I 117 1.89 27.91 50.15
CA VAL I 117 1.95 28.61 51.43
C VAL I 117 0.95 29.77 51.62
N GLU I 118 0.39 29.83 52.84
CA GLU I 118 -0.55 30.85 53.27
C GLU I 118 0.12 31.62 54.37
N ASP I 119 0.30 32.91 54.17
CA ASP I 119 0.96 33.69 55.18
C ASP I 119 0.02 33.88 56.37
N PRO I 120 0.43 33.44 57.55
CA PRO I 120 -0.34 33.54 58.78
C PRO I 120 -0.87 34.95 59.12
N ILE I 121 -0.05 35.97 58.84
CA ILE I 121 -0.44 37.34 59.12
C ILE I 121 -1.21 38.01 57.98
N THR I 122 -0.63 38.08 56.79
CA THR I 122 -1.31 38.66 55.66
C THR I 122 -2.34 37.74 55.07
N GLY I 123 -2.20 36.43 55.27
CA GLY I 123 -3.14 35.45 54.76
C GLY I 123 -2.99 35.30 53.26
N ARG I 124 -1.90 35.84 52.73
CA ARG I 124 -1.62 35.76 51.29
C ARG I 124 -1.08 34.42 50.83
N GLN I 125 -1.72 33.88 49.81
CA GLN I 125 -1.36 32.60 49.26
C GLN I 125 -0.33 32.75 48.15
N SER I 126 0.59 31.82 48.10
CA SER I 126 1.65 31.86 47.12
C SER I 126 2.15 30.44 46.96
N VAL I 127 3.04 30.21 46.00
CA VAL I 127 3.58 28.88 45.81
C VAL I 127 5.11 28.97 45.54
N LEU I 128 5.87 28.10 46.16
CA LEU I 128 7.34 28.12 45.98
C LEU I 128 7.88 26.87 45.36
N VAL I 129 8.98 27.03 44.66
CA VAL I 129 9.63 25.92 44.05
C VAL I 129 11.12 26.17 44.24
N PRO I 130 11.84 25.14 44.70
CA PRO I 130 13.27 25.34 44.89
C PRO I 130 13.94 25.63 43.54
N TYR I 131 14.86 26.59 43.50
CA TYR I 131 15.53 26.97 42.25
C TYR I 131 16.53 25.93 41.83
N GLU I 132 16.52 25.58 40.55
CA GLU I 132 17.51 24.64 40.09
C GLU I 132 17.97 25.24 38.76
N PRO I 133 19.26 25.22 38.53
CA PRO I 133 19.83 25.76 37.29
C PRO I 133 19.25 25.08 36.06
N PRO I 134 19.52 25.64 34.89
CA PRO I 134 19.01 25.07 33.65
C PRO I 134 19.58 23.69 33.38
N GLN I 135 19.07 23.04 32.37
CA GLN I 135 19.60 21.73 32.02
C GLN I 135 20.85 22.09 31.22
N VAL I 136 21.78 21.15 31.09
CA VAL I 136 23.00 21.39 30.34
C VAL I 136 22.70 21.82 28.91
N GLY I 137 23.37 22.87 28.42
CA GLY I 137 23.15 23.34 27.09
C GLY I 137 21.92 24.24 26.93
N THR I 138 21.10 24.32 27.97
CA THR I 138 19.88 25.12 28.00
C THR I 138 20.18 26.42 28.74
N GLU I 139 19.55 27.52 28.35
CA GLU I 139 19.81 28.78 29.04
C GLU I 139 18.71 29.19 29.99
N PHE I 140 17.64 28.41 30.06
CA PHE I 140 16.52 28.73 30.92
C PHE I 140 16.07 27.64 31.90
N THR I 141 15.67 28.06 33.10
CA THR I 141 15.15 27.10 34.06
C THR I 141 13.67 27.24 33.79
N THR I 142 13.01 26.18 33.38
CA THR I 142 11.58 26.29 33.11
C THR I 142 10.70 25.81 34.27
N VAL I 143 9.69 26.60 34.58
CA VAL I 143 8.76 26.28 35.66
C VAL I 143 7.34 26.24 35.08
N LEU I 144 6.59 25.19 35.43
CA LEU I 144 5.26 25.01 34.94
C LEU I 144 4.15 25.50 35.85
N TYR I 145 3.54 26.61 35.50
CA TYR I 145 2.48 27.15 36.32
C TYR I 145 1.07 26.81 35.75
N ASN I 146 0.09 26.73 36.63
CA ASN I 146 -1.30 26.49 36.30
C ASN I 146 -2.13 27.52 37.02
N PHE I 147 -3.04 28.21 36.31
CA PHE I 147 -3.88 29.22 36.95
C PHE I 147 -5.28 28.66 37.07
N MET I 148 -5.76 28.55 38.30
CA MET I 148 -6.99 27.82 38.57
C MET I 148 -8.36 28.51 38.61
N CYS I 149 -8.46 29.73 38.11
CA CYS I 149 -9.74 30.40 38.10
C CYS I 149 -9.74 31.36 36.96
N ASN I 150 -10.82 31.43 36.17
CA ASN I 150 -10.84 32.46 35.20
C ASN I 150 -10.69 33.81 35.87
N SER I 151 -10.23 34.78 35.11
CA SER I 151 -10.05 36.08 35.70
C SER I 151 -11.39 36.79 35.60
N SER I 152 -12.46 36.07 35.95
CA SER I 152 -13.79 36.64 35.85
C SER I 152 -14.73 35.78 36.67
N CYS I 153 -14.15 34.86 37.44
CA CYS I 153 -14.98 34.02 38.29
C CYS I 153 -15.68 34.94 39.26
N VAL I 154 -16.99 34.83 39.31
CA VAL I 154 -17.75 35.64 40.23
C VAL I 154 -17.48 35.05 41.59
N GLY I 155 -17.31 35.89 42.62
CA GLY I 155 -17.02 35.35 43.92
C GLY I 155 -15.54 35.18 44.06
N GLY I 156 -14.82 35.66 43.06
CA GLY I 156 -13.38 35.57 43.06
C GLY I 156 -12.87 36.84 42.44
N MET I 157 -12.00 36.74 41.44
CA MET I 157 -11.46 37.95 40.82
C MET I 157 -12.56 38.84 40.20
N ASN I 158 -13.73 38.27 39.92
CA ASN I 158 -14.82 39.01 39.31
C ASN I 158 -14.28 40.04 38.32
N ARG I 159 -13.57 39.50 37.34
CA ARG I 159 -12.89 40.26 36.24
C ARG I 159 -12.01 41.46 36.67
N ARG I 160 -11.45 41.37 37.88
CA ARG I 160 -10.53 42.40 38.37
C ARG I 160 -9.10 42.02 37.94
N PRO I 161 -8.46 42.86 37.12
CA PRO I 161 -7.11 42.54 36.69
C PRO I 161 -6.17 42.17 37.83
N ILE I 162 -5.41 41.10 37.64
CA ILE I 162 -4.48 40.69 38.65
C ILE I 162 -3.17 40.62 37.94
N LEU I 163 -2.10 40.49 38.71
CA LEU I 163 -0.79 40.31 38.08
C LEU I 163 0.10 39.47 38.96
N ILE I 164 0.87 38.65 38.30
CA ILE I 164 1.74 37.74 39.00
C ILE I 164 3.08 38.35 39.37
N ILE I 165 3.53 37.98 40.55
CA ILE I 165 4.77 38.49 41.05
C ILE I 165 5.69 37.32 41.33
N VAL I 166 6.48 36.97 40.32
CA VAL I 166 7.42 35.89 40.51
C VAL I 166 8.65 36.51 41.13
N THR I 167 9.07 35.96 42.26
CA THR I 167 10.18 36.50 43.01
C THR I 167 11.20 35.41 43.35
N LEU I 168 12.49 35.72 43.12
CA LEU I 168 13.57 34.81 43.45
C LEU I 168 14.01 35.18 44.86
N GLU I 169 13.89 34.26 45.82
CA GLU I 169 14.25 34.58 47.17
C GLU I 169 15.26 33.64 47.81
N THR I 170 15.93 34.14 48.85
CA THR I 170 16.92 33.36 49.58
C THR I 170 16.11 32.33 50.36
N ARG I 171 16.73 31.20 50.69
CA ARG I 171 16.05 30.12 51.41
C ARG I 171 15.37 30.60 52.69
N ASP I 172 15.70 31.79 53.14
CA ASP I 172 14.98 32.23 54.32
C ASP I 172 14.22 33.52 54.04
N GLY I 173 13.64 33.60 52.84
CA GLY I 173 12.79 34.70 52.47
C GLY I 173 13.28 36.09 52.11
N GLN I 174 14.57 36.25 51.90
CA GLN I 174 15.08 37.55 51.50
C GLN I 174 14.98 37.64 49.99
N VAL I 175 14.33 38.70 49.49
CA VAL I 175 14.15 38.86 48.05
C VAL I 175 15.41 39.25 47.27
N LEU I 176 15.84 38.33 46.38
CA LEU I 176 17.04 38.52 45.55
C LEU I 176 16.71 39.05 44.17
N GLY I 177 15.45 38.94 43.79
CA GLY I 177 15.03 39.41 42.48
C GLY I 177 13.53 39.29 42.36
N ARG I 178 12.96 40.13 41.53
CA ARG I 178 11.51 40.15 41.33
C ARG I 178 11.11 40.68 39.94
N ARG I 179 10.17 40.01 39.29
CA ARG I 179 9.65 40.47 38.01
C ARG I 179 8.13 40.33 38.03
N CYS I 180 7.41 41.21 37.35
CA CYS I 180 5.95 41.14 37.31
C CYS I 180 5.38 41.19 35.94
N PHE I 181 4.21 40.57 35.80
CA PHE I 181 3.51 40.59 34.54
C PHE I 181 2.02 40.47 34.84
N GLU I 182 1.18 41.13 34.04
CA GLU I 182 -0.24 41.07 34.27
C GLU I 182 -0.72 39.74 33.76
N ALA I 183 -1.60 39.09 34.52
CA ALA I 183 -2.12 37.81 34.11
C ALA I 183 -3.63 37.95 33.89
N ARG I 184 -4.11 37.40 32.79
CA ARG I 184 -5.54 37.47 32.50
C ARG I 184 -5.97 36.10 32.00
N ILE I 185 -6.40 35.26 32.93
CA ILE I 185 -6.80 33.91 32.53
C ILE I 185 -8.24 33.87 32.05
N CYS I 186 -8.37 33.48 30.79
CA CYS I 186 -9.67 33.41 30.11
C CYS I 186 -9.95 32.15 29.28
N ALA I 187 -10.82 32.36 28.30
CA ALA I 187 -11.24 31.26 27.45
C ALA I 187 -10.65 31.39 26.05
N CYS I 188 -10.56 32.60 25.57
CA CYS I 188 -10.00 32.81 24.25
C CYS I 188 -8.77 33.73 24.30
N PRO I 189 -7.72 33.27 24.96
CA PRO I 189 -6.53 34.14 25.01
C PRO I 189 -6.22 34.78 23.65
N GLY I 190 -6.36 34.02 22.58
CA GLY I 190 -6.10 34.59 21.26
C GLY I 190 -6.95 35.81 21.05
N ARG I 191 -8.26 35.60 20.98
CA ARG I 191 -9.21 36.69 20.77
C ARG I 191 -8.95 37.88 21.69
N ASP I 192 -9.02 37.63 23.00
CA ASP I 192 -8.84 38.67 24.00
C ASP I 192 -7.55 39.46 23.79
N ARG I 193 -6.43 38.80 23.56
CA ARG I 193 -5.19 39.53 23.37
C ARG I 193 -5.33 40.44 22.17
N LYS I 194 -5.86 39.89 21.07
CA LYS I 194 -6.04 40.63 19.84
C LYS I 194 -6.86 41.90 20.11
N ALA I 195 -8.04 41.72 20.68
CA ALA I 195 -8.93 42.83 20.99
C ALA I 195 -8.27 43.83 21.91
N ASP I 196 -7.54 43.32 22.90
CA ASP I 196 -6.82 44.14 23.84
C ASP I 196 -5.82 44.99 23.07
N GLU I 197 -5.25 44.46 22.00
CA GLU I 197 -4.27 45.21 21.21
C GLU I 197 -4.89 46.19 20.23
N ASP I 198 -6.15 45.98 19.86
CA ASP I 198 -6.81 46.90 18.94
C ASP I 198 -7.34 48.07 19.75
N SER I 199 -7.37 47.88 21.08
CA SER I 199 -7.84 48.92 21.94
C SER I 199 -6.84 50.05 22.01
N ASP J 11 -48.28 15.45 34.39
CA ASP J 11 -49.44 16.15 34.85
C ASP J 11 -50.57 15.21 35.32
N TYR J 12 -51.04 15.42 36.54
CA TYR J 12 -52.11 14.65 37.14
C TYR J 12 -53.10 15.56 37.90
N PRO J 13 -54.13 16.07 37.19
CA PRO J 13 -55.15 16.98 37.75
C PRO J 13 -55.67 16.53 39.11
N GLY J 14 -55.95 15.24 39.24
CA GLY J 14 -56.44 14.67 40.46
C GLY J 14 -57.89 15.06 40.77
N PRO J 15 -58.37 14.53 41.89
CA PRO J 15 -59.75 14.78 42.38
C PRO J 15 -60.19 16.25 42.47
N HIS J 16 -59.24 17.15 42.65
CA HIS J 16 -59.61 18.57 42.79
C HIS J 16 -59.32 19.36 41.54
N SER J 17 -59.13 18.65 40.44
CA SER J 17 -58.81 19.26 39.15
C SER J 17 -57.79 20.38 39.39
N PHE J 18 -56.65 19.97 39.95
CA PHE J 18 -55.56 20.86 40.30
C PHE J 18 -54.93 21.48 39.07
N ASP J 19 -54.54 22.76 39.19
CA ASP J 19 -53.96 23.39 38.03
C ASP J 19 -53.13 24.62 38.37
N VAL J 20 -52.07 24.82 37.57
CA VAL J 20 -51.18 25.95 37.74
C VAL J 20 -51.17 26.82 36.46
N SER J 21 -51.07 28.13 36.64
CA SER J 21 -51.08 29.07 35.53
C SER J 21 -50.47 30.44 35.94
N PHE J 22 -50.09 31.21 34.95
CA PHE J 22 -49.46 32.52 35.09
C PHE J 22 -50.31 33.61 34.38
N GLN J 23 -50.44 34.77 34.97
CA GLN J 23 -51.23 35.87 34.35
C GLN J 23 -50.49 36.62 33.25
N THR J 32 -39.93 41.38 34.95
CA THR J 32 -39.00 40.62 35.70
C THR J 32 -39.18 39.10 35.49
N TRP J 33 -40.11 38.79 34.61
CA TRP J 33 -40.36 37.39 34.27
C TRP J 33 -41.44 37.28 33.21
N THR J 34 -41.58 36.09 32.63
CA THR J 34 -42.56 35.85 31.59
C THR J 34 -42.80 34.34 31.41
N TYR J 35 -43.92 34.01 30.82
CA TYR J 35 -44.29 32.60 30.63
C TYR J 35 -44.83 32.26 29.23
N SER J 36 -44.21 31.26 28.59
CA SER J 36 -44.61 30.81 27.29
C SER J 36 -45.61 29.70 27.53
N THR J 37 -46.89 30.05 27.46
CA THR J 37 -47.95 29.12 27.67
C THR J 37 -47.67 27.82 26.95
N GLU J 38 -47.53 27.93 25.63
CA GLU J 38 -47.30 26.77 24.75
C GLU J 38 -45.91 26.20 24.78
N LEU J 39 -45.06 26.69 25.69
CA LEU J 39 -43.73 26.11 25.76
C LEU J 39 -43.62 25.54 27.15
N LYS J 40 -44.63 25.77 27.97
CA LYS J 40 -44.67 25.28 29.33
C LYS J 40 -43.34 25.68 29.92
N LYS J 41 -42.86 26.89 29.58
CA LYS J 41 -41.58 27.35 30.09
C LYS J 41 -41.72 28.70 30.79
N LEU J 42 -41.07 28.80 31.94
CA LEU J 42 -41.11 30.04 32.73
C LEU J 42 -39.71 30.64 32.63
N TYR J 43 -39.64 31.89 32.18
CA TYR J 43 -38.38 32.61 32.06
C TYR J 43 -38.43 33.67 33.12
N CYS J 44 -37.48 33.67 34.05
CA CYS J 44 -37.50 34.72 35.05
C CYS J 44 -36.14 35.03 35.62
N GLN J 45 -35.96 36.26 36.05
CA GLN J 45 -34.69 36.67 36.62
C GLN J 45 -34.52 36.03 38.00
N ILE J 46 -33.26 35.90 38.41
CA ILE J 46 -32.91 35.32 39.70
C ILE J 46 -33.37 36.15 40.91
N ALA J 47 -33.68 35.47 42.01
CA ALA J 47 -34.11 36.12 43.26
C ALA J 47 -35.22 37.14 43.09
N LYS J 48 -35.77 37.24 41.86
CA LYS J 48 -36.86 38.18 41.67
C LYS J 48 -38.11 37.36 42.00
N THR J 49 -39.21 38.05 42.25
CA THR J 49 -40.43 37.37 42.63
C THR J 49 -41.33 36.84 41.52
N CYS J 50 -41.73 35.60 41.68
CA CYS J 50 -42.59 34.97 40.71
C CYS J 50 -43.97 34.60 41.26
N PRO J 51 -44.99 35.31 40.81
CA PRO J 51 -46.35 35.00 41.28
C PRO J 51 -46.83 33.78 40.51
N ILE J 52 -47.36 32.82 41.19
CA ILE J 52 -47.85 31.63 40.53
C ILE J 52 -49.30 31.32 40.95
N GLN J 53 -50.14 31.12 39.94
CA GLN J 53 -51.57 30.87 40.17
C GLN J 53 -51.99 29.42 40.33
N ILE J 54 -52.63 29.16 41.45
CA ILE J 54 -53.17 27.81 41.77
C ILE J 54 -54.68 27.82 41.73
N LYS J 55 -55.25 26.79 41.12
CA LYS J 55 -56.68 26.70 40.96
C LYS J 55 -57.17 25.25 41.12
N VAL J 56 -58.15 25.06 42.03
CA VAL J 56 -58.73 23.76 42.24
C VAL J 56 -60.19 23.85 41.81
N MET J 57 -60.85 22.69 41.76
CA MET J 57 -62.25 22.63 41.36
C MET J 57 -63.13 22.32 42.51
N THR J 58 -62.55 21.70 43.52
CA THR J 58 -63.27 21.32 44.70
C THR J 58 -62.30 21.39 45.85
N PRO J 59 -62.72 21.96 46.98
CA PRO J 59 -61.83 22.08 48.14
C PRO J 59 -61.02 20.83 48.45
N PRO J 60 -59.70 21.02 48.54
CA PRO J 60 -58.81 19.88 48.85
C PRO J 60 -58.97 19.50 50.32
N PRO J 61 -58.30 18.44 50.73
CA PRO J 61 -58.48 18.10 52.17
C PRO J 61 -58.18 19.28 53.05
N GLN J 62 -57.86 18.97 54.28
CA GLN J 62 -57.61 20.00 55.29
C GLN J 62 -56.23 20.64 55.47
N GLY J 63 -55.22 19.83 55.68
CA GLY J 63 -53.90 20.36 55.87
C GLY J 63 -53.36 20.74 54.50
N ALA J 64 -53.81 20.00 53.48
CA ALA J 64 -53.43 20.17 52.08
C ALA J 64 -52.32 21.23 51.91
N VAL J 65 -51.23 20.82 51.26
CA VAL J 65 -50.10 21.70 51.03
C VAL J 65 -49.71 21.79 49.57
N ILE J 66 -48.92 22.80 49.26
CA ILE J 66 -48.44 23.00 47.91
C ILE J 66 -46.89 22.99 47.97
N ARG J 67 -46.32 21.93 47.42
CA ARG J 67 -44.90 21.71 47.40
C ARG J 67 -44.35 22.03 46.03
N ALA J 68 -43.25 22.77 46.03
CA ALA J 68 -42.58 23.14 44.82
C ALA J 68 -41.20 22.52 44.86
N MET J 69 -40.94 21.64 43.91
CA MET J 69 -39.66 20.96 43.85
C MET J 69 -38.97 21.10 42.49
N PRO J 70 -37.65 21.37 42.51
CA PRO J 70 -36.91 21.53 41.27
C PRO J 70 -36.28 20.19 40.88
N VAL J 71 -36.11 19.97 39.59
CA VAL J 71 -35.48 18.76 39.13
C VAL J 71 -35.03 18.99 37.71
N TYR J 72 -33.95 18.32 37.34
CA TYR J 72 -33.40 18.43 36.00
C TYR J 72 -34.30 17.77 34.95
N LYS J 73 -34.52 18.49 33.85
CA LYS J 73 -35.35 18.04 32.74
C LYS J 73 -34.76 16.86 31.98
N LYS J 74 -33.45 16.95 31.70
CA LYS J 74 -32.73 15.89 30.97
C LYS J 74 -32.54 14.60 31.77
N ALA J 75 -32.87 13.48 31.11
CA ALA J 75 -32.79 12.14 31.65
C ALA J 75 -31.38 11.89 32.21
N GLU J 76 -30.37 12.46 31.53
CA GLU J 76 -29.00 12.30 31.97
C GLU J 76 -28.86 12.67 33.46
N HIS J 77 -29.44 13.80 33.86
CA HIS J 77 -29.27 14.39 35.18
C HIS J 77 -30.39 14.32 36.21
N VAL J 78 -31.57 13.81 35.83
CA VAL J 78 -32.69 13.67 36.80
C VAL J 78 -32.33 13.15 38.19
N THR J 79 -31.34 12.28 38.33
CA THR J 79 -30.97 11.74 39.62
C THR J 79 -30.22 12.67 40.54
N GLU J 80 -29.66 13.74 39.99
CA GLU J 80 -28.89 14.70 40.77
C GLU J 80 -29.85 15.75 41.37
N VAL J 81 -29.68 16.01 42.67
CA VAL J 81 -30.48 16.98 43.38
C VAL J 81 -30.20 18.36 42.78
N VAL J 82 -31.10 19.31 43.01
CA VAL J 82 -30.91 20.66 42.47
C VAL J 82 -30.73 21.63 43.65
N LYS J 83 -29.50 22.13 43.79
CA LYS J 83 -29.20 23.06 44.88
C LYS J 83 -28.57 24.31 44.27
N ARG J 84 -28.43 25.34 45.09
CA ARG J 84 -27.82 26.59 44.66
C ARG J 84 -26.33 26.30 44.50
N CYS J 85 -25.73 26.96 43.52
CA CYS J 85 -24.31 26.83 43.29
C CYS J 85 -23.57 27.31 44.53
N PRO J 86 -22.32 26.83 44.76
CA PRO J 86 -21.54 27.24 45.94
C PRO J 86 -21.44 28.76 46.15
N ASN J 87 -21.16 29.51 45.08
CA ASN J 87 -21.06 30.95 45.26
C ASN J 87 -22.25 31.50 46.05
N HIS J 88 -23.43 31.41 45.48
CA HIS J 88 -24.66 31.92 46.14
C HIS J 88 -24.95 31.28 47.45
N GLU J 89 -24.70 29.96 47.53
CA GLU J 89 -24.96 29.22 48.75
C GLU J 89 -24.32 29.87 49.98
N LEU J 90 -23.08 30.38 49.80
CA LEU J 90 -22.43 31.04 50.91
C LEU J 90 -21.86 32.36 50.45
N SER J 91 -22.79 33.31 50.37
CA SER J 91 -22.50 34.68 50.01
C SER J 91 -23.52 35.41 50.82
N ARG J 92 -23.09 36.09 51.89
CA ARG J 92 -24.00 36.82 52.75
C ARG J 92 -25.23 37.22 51.95
N GLU J 93 -24.99 37.85 50.80
CA GLU J 93 -26.05 38.29 49.92
C GLU J 93 -27.20 37.27 49.69
N PHE J 94 -28.39 37.66 50.09
CA PHE J 94 -29.59 36.83 49.96
C PHE J 94 -29.72 35.80 51.06
N ASN J 95 -28.62 35.57 51.78
CA ASN J 95 -28.65 34.58 52.84
C ASN J 95 -28.78 35.19 54.21
N GLU J 96 -27.80 36.03 54.52
CA GLU J 96 -27.74 36.74 55.80
C GLU J 96 -29.01 36.62 56.65
N GLY J 97 -30.00 37.45 56.41
CA GLY J 97 -31.20 37.39 57.22
C GLY J 97 -32.26 36.54 56.56
N GLN J 98 -32.14 35.23 56.66
CA GLN J 98 -33.10 34.39 56.00
C GLN J 98 -33.64 33.16 56.70
N ILE J 99 -34.98 32.98 56.53
CA ILE J 99 -35.72 31.88 57.08
C ILE J 99 -35.22 30.59 56.45
N ALA J 100 -35.21 30.59 55.11
CA ALA J 100 -34.78 29.43 54.32
C ALA J 100 -33.26 29.11 54.29
N PRO J 101 -32.97 27.83 54.03
CA PRO J 101 -31.59 27.33 53.95
C PRO J 101 -30.90 27.90 52.68
N PRO J 102 -29.65 28.33 52.82
CA PRO J 102 -28.89 28.90 51.69
C PRO J 102 -28.65 27.95 50.49
N SER J 103 -28.79 26.67 50.73
CA SER J 103 -28.63 25.66 49.67
C SER J 103 -29.86 25.57 48.75
N HIS J 104 -31.07 25.74 49.27
CA HIS J 104 -32.30 25.65 48.52
C HIS J 104 -32.45 26.63 47.37
N LEU J 105 -32.77 26.06 46.20
CA LEU J 105 -32.95 26.86 45.02
C LEU J 105 -34.24 27.61 45.11
N ILE J 106 -35.32 26.88 45.34
CA ILE J 106 -36.65 27.50 45.41
C ILE J 106 -36.99 28.04 46.80
N ARG J 107 -37.50 29.29 46.83
CA ARG J 107 -37.92 29.94 48.02
C ARG J 107 -39.32 30.56 47.80
N VAL J 108 -40.11 30.71 48.88
CA VAL J 108 -41.40 31.32 48.74
C VAL J 108 -41.40 32.54 49.62
N GLU J 109 -41.80 33.66 49.06
CA GLU J 109 -41.84 34.89 49.82
C GLU J 109 -43.26 35.30 50.09
N GLY J 110 -43.48 35.76 51.33
CA GLY J 110 -44.74 36.21 51.75
C GLY J 110 -45.52 35.20 52.50
N ASN J 111 -44.83 34.41 53.28
CA ASN J 111 -45.56 33.40 54.02
C ASN J 111 -44.75 32.82 55.13
N SER J 112 -45.07 33.22 56.37
CA SER J 112 -44.35 32.70 57.54
C SER J 112 -44.52 31.19 57.71
N HIS J 113 -45.67 30.62 57.26
CA HIS J 113 -45.90 29.17 57.40
C HIS J 113 -45.05 28.28 56.48
N ALA J 114 -44.58 28.90 55.37
CA ALA J 114 -43.72 28.19 54.41
C ALA J 114 -42.60 27.46 55.15
N GLN J 115 -42.47 26.18 54.86
CA GLN J 115 -41.44 25.37 55.48
C GLN J 115 -40.59 24.70 54.42
N TYR J 116 -39.29 24.78 54.59
CA TYR J 116 -38.33 24.19 53.64
C TYR J 116 -37.95 22.81 54.16
N VAL J 117 -37.86 21.85 53.25
CA VAL J 117 -37.55 20.47 53.64
C VAL J 117 -36.48 19.75 52.79
N GLU J 118 -35.63 18.98 53.47
CA GLU J 118 -34.59 18.21 52.81
C GLU J 118 -34.95 16.76 53.09
N ASP J 119 -35.15 15.96 52.04
CA ASP J 119 -35.50 14.56 52.22
C ASP J 119 -34.25 13.80 52.77
N PRO J 120 -34.41 13.21 53.98
CA PRO J 120 -33.31 12.46 54.60
C PRO J 120 -32.68 11.40 53.71
N ILE J 121 -33.52 10.66 53.00
CA ILE J 121 -33.02 9.59 52.11
C ILE J 121 -32.58 10.14 50.71
N THR J 122 -33.51 10.67 49.91
CA THR J 122 -33.15 11.20 48.61
C THR J 122 -32.29 12.48 48.70
N GLY J 123 -32.32 13.19 49.81
CA GLY J 123 -31.57 14.43 49.96
C GLY J 123 -32.18 15.55 49.16
N ARG J 124 -33.34 15.30 48.56
CA ARG J 124 -33.98 16.30 47.71
C ARG J 124 -34.57 17.50 48.48
N GLN J 125 -34.29 18.69 47.95
CA GLN J 125 -34.79 19.91 48.58
C GLN J 125 -36.11 20.35 47.94
N SER J 126 -36.98 20.92 48.77
CA SER J 126 -38.28 21.35 48.33
C SER J 126 -38.86 22.33 49.34
N VAL J 127 -39.94 23.01 48.96
CA VAL J 127 -40.56 23.96 49.85
C VAL J 127 -42.08 23.84 49.84
N LEU J 128 -42.67 23.70 51.03
CA LEU J 128 -44.13 23.58 51.15
C LEU J 128 -44.77 24.84 51.69
N VAL J 129 -46.03 25.01 51.33
CA VAL J 129 -46.82 26.12 51.79
C VAL J 129 -48.25 25.56 51.96
N PRO J 130 -48.82 25.77 53.18
CA PRO J 130 -50.17 25.30 53.44
C PRO J 130 -51.22 25.90 52.45
N TYR J 131 -52.02 25.04 51.86
CA TYR J 131 -53.00 25.51 50.90
C TYR J 131 -54.08 26.33 51.58
N GLU J 132 -54.56 27.34 50.84
CA GLU J 132 -55.66 28.11 51.36
C GLU J 132 -56.49 28.56 50.19
N PRO J 133 -57.80 28.47 50.36
CA PRO J 133 -58.70 28.88 49.26
C PRO J 133 -58.33 30.29 48.78
N PRO J 134 -58.85 30.67 47.61
CA PRO J 134 -58.56 32.02 47.15
C PRO J 134 -59.26 33.05 48.02
N GLN J 135 -59.00 34.31 47.72
CA GLN J 135 -59.65 35.41 48.43
C GLN J 135 -61.07 35.49 47.85
N VAL J 136 -61.99 36.05 48.63
CA VAL J 136 -63.39 36.18 48.21
C VAL J 136 -63.55 36.91 46.86
N GLY J 137 -64.26 36.27 45.93
CA GLY J 137 -64.46 36.87 44.60
C GLY J 137 -63.36 36.43 43.67
N THR J 138 -62.15 36.25 44.21
CA THR J 138 -61.01 35.82 43.43
C THR J 138 -61.28 34.44 42.84
N GLU J 139 -60.36 33.95 42.02
CA GLU J 139 -60.48 32.64 41.40
C GLU J 139 -59.11 31.97 41.37
N PHE J 140 -58.22 32.32 42.28
CA PHE J 140 -56.90 31.73 42.24
C PHE J 140 -56.22 31.82 43.59
N THR J 141 -55.48 30.77 43.88
CA THR J 141 -54.68 30.79 45.10
C THR J 141 -53.34 31.13 44.49
N THR J 142 -52.84 32.29 44.85
CA THR J 142 -51.57 32.80 44.30
C THR J 142 -50.40 32.61 45.25
N VAL J 143 -49.36 31.96 44.76
CA VAL J 143 -48.16 31.71 45.56
C VAL J 143 -46.98 32.52 45.05
N LEU J 144 -46.14 33.00 45.96
CA LEU J 144 -44.99 33.78 45.59
C LEU J 144 -43.64 33.02 45.67
N TYR J 145 -43.16 32.62 44.52
CA TYR J 145 -41.89 31.90 44.42
C TYR J 145 -40.69 32.72 43.98
N ASN J 146 -39.55 32.43 44.60
CA ASN J 146 -38.29 33.08 44.29
C ASN J 146 -37.27 32.02 43.87
N PHE J 147 -36.59 32.22 42.75
CA PHE J 147 -35.56 31.29 42.35
C PHE J 147 -34.21 31.90 42.61
N MET J 148 -33.36 31.19 43.39
CA MET J 148 -32.13 31.76 43.92
C MET J 148 -30.74 31.32 43.35
N CYS J 149 -30.65 31.25 42.03
CA CYS J 149 -29.44 30.85 41.35
C CYS J 149 -29.83 30.97 39.90
N ASN J 150 -28.92 31.39 39.03
CA ASN J 150 -29.28 31.49 37.63
C ASN J 150 -29.30 30.10 37.07
N SER J 151 -29.95 29.94 35.91
CA SER J 151 -30.07 28.63 35.31
C SER J 151 -28.74 28.19 34.77
N SER J 152 -27.71 28.96 35.11
CA SER J 152 -26.40 28.71 34.52
C SER J 152 -25.21 28.75 35.49
N CYS J 153 -25.53 28.90 36.80
CA CYS J 153 -24.47 28.97 37.76
C CYS J 153 -23.51 27.77 37.68
N VAL J 154 -22.23 28.08 37.46
CA VAL J 154 -21.21 27.06 37.40
C VAL J 154 -21.24 26.42 38.80
N GLY J 155 -21.06 25.11 38.89
CA GLY J 155 -21.08 24.48 40.16
C GLY J 155 -22.49 24.25 40.67
N GLY J 156 -23.48 24.57 39.86
CA GLY J 156 -24.87 24.39 40.19
C GLY J 156 -25.57 23.77 39.00
N MET J 157 -26.56 24.44 38.49
CA MET J 157 -27.29 23.95 37.31
C MET J 157 -26.43 23.94 36.03
N ASN J 158 -25.34 24.67 36.04
CA ASN J 158 -24.41 24.71 34.89
C ASN J 158 -25.24 24.68 33.61
N ARG J 159 -26.19 25.62 33.50
CA ARG J 159 -27.13 25.77 32.35
C ARG J 159 -27.89 24.50 31.90
N ARG J 160 -28.04 23.55 32.85
CA ARG J 160 -28.78 22.34 32.61
C ARG J 160 -30.26 22.66 32.85
N PRO J 161 -31.11 22.58 31.81
CA PRO J 161 -32.52 22.88 32.00
C PRO J 161 -33.12 22.12 33.15
N ILE J 162 -33.92 22.80 33.93
CA ILE J 162 -34.58 22.18 35.08
C ILE J 162 -36.03 22.51 34.90
N LEU J 163 -36.91 21.78 35.60
CA LEU J 163 -38.32 22.11 35.56
C LEU J 163 -38.90 21.96 36.97
N ILE J 164 -39.84 22.82 37.27
CA ILE J 164 -40.44 22.83 38.58
C ILE J 164 -41.61 21.88 38.65
N ILE J 165 -41.70 21.20 39.79
CA ILE J 165 -42.80 20.29 40.01
C ILE J 165 -43.60 20.77 41.22
N VAL J 166 -44.69 21.44 40.93
CA VAL J 166 -45.55 21.91 41.98
C VAL J 166 -46.57 20.81 42.14
N THR J 167 -46.70 20.33 43.35
CA THR J 167 -47.57 19.24 43.69
C THR J 167 -48.49 19.59 44.85
N LEU J 168 -49.77 19.30 44.69
CA LEU J 168 -50.76 19.51 45.75
C LEU J 168 -50.81 18.20 46.54
N GLU J 169 -50.45 18.25 47.83
CA GLU J 169 -50.44 17.01 48.57
C GLU J 169 -51.25 17.07 49.83
N THR J 170 -51.57 15.88 50.32
CA THR J 170 -52.32 15.71 51.52
C THR J 170 -51.37 16.00 52.66
N ARG J 171 -51.90 16.54 53.74
CA ARG J 171 -51.09 16.86 54.93
C ARG J 171 -49.99 15.84 55.26
N ASP J 172 -50.23 14.55 54.98
CA ASP J 172 -49.25 13.51 55.27
C ASP J 172 -48.44 13.10 54.05
N GLY J 173 -48.37 13.98 53.03
CA GLY J 173 -47.57 13.66 51.86
C GLY J 173 -48.16 12.84 50.76
N GLN J 174 -49.46 12.56 50.78
CA GLN J 174 -50.08 11.83 49.70
C GLN J 174 -50.33 12.83 48.57
N VAL J 175 -50.05 12.41 47.34
CA VAL J 175 -50.23 13.35 46.25
C VAL J 175 -51.72 13.44 45.82
N LEU J 176 -52.21 14.66 45.61
CA LEU J 176 -53.60 14.88 45.21
C LEU J 176 -53.63 15.43 43.78
N GLY J 177 -52.47 15.91 43.31
CA GLY J 177 -52.37 16.47 42.01
C GLY J 177 -50.97 16.96 41.73
N ARG J 178 -50.61 17.06 40.48
CA ARG J 178 -49.28 17.53 40.13
C ARG J 178 -49.24 18.20 38.78
N ARG J 179 -48.55 19.34 38.68
CA ARG J 179 -48.42 20.04 37.43
C ARG J 179 -46.95 20.39 37.30
N CYS J 180 -46.48 20.60 36.10
CA CYS J 180 -45.07 20.98 35.92
C CYS J 180 -44.76 21.77 34.66
N PHE J 181 -43.87 22.72 34.83
CA PHE J 181 -43.41 23.63 33.79
C PHE J 181 -41.86 23.74 33.85
N GLU J 182 -41.24 24.01 32.72
CA GLU J 182 -39.78 24.17 32.67
C GLU J 182 -39.44 25.55 33.14
N ALA J 183 -38.46 25.63 34.03
CA ALA J 183 -38.03 26.89 34.58
C ALA J 183 -36.63 27.21 34.02
N ARG J 184 -36.42 28.49 33.67
CA ARG J 184 -35.14 28.93 33.15
C ARG J 184 -34.92 30.33 33.71
N ILE J 185 -34.28 30.39 34.90
CA ILE J 185 -34.02 31.67 35.54
C ILE J 185 -32.70 32.23 35.02
N CYS J 186 -32.83 33.36 34.31
CA CYS J 186 -31.68 34.03 33.72
C CYS J 186 -31.61 35.53 34.01
N ALA J 187 -31.08 36.29 33.04
CA ALA J 187 -30.90 37.72 33.17
C ALA J 187 -31.77 38.54 32.22
N CYS J 188 -32.12 37.99 31.07
CA CYS J 188 -32.97 38.70 30.10
C CYS J 188 -34.09 37.76 29.68
N PRO J 189 -34.99 37.44 30.65
CA PRO J 189 -36.10 36.53 30.30
C PRO J 189 -36.77 36.97 28.99
N GLY J 190 -36.89 38.26 28.78
CA GLY J 190 -37.49 38.74 27.56
C GLY J 190 -36.73 38.16 26.38
N ARG J 191 -35.49 38.62 26.20
CA ARG J 191 -34.62 38.19 25.13
C ARG J 191 -34.63 36.68 24.94
N ASP J 192 -34.23 35.97 25.99
CA ASP J 192 -34.14 34.51 25.95
C ASP J 192 -35.43 33.85 25.49
N ARG J 193 -36.56 34.35 26.01
CA ARG J 193 -37.85 33.79 25.66
C ARG J 193 -38.02 33.98 24.16
N LYS J 194 -37.90 35.24 23.70
CA LYS J 194 -38.06 35.59 22.29
C LYS J 194 -37.20 34.71 21.39
N ALA J 195 -35.87 34.71 21.65
CA ALA J 195 -34.93 33.91 20.89
C ALA J 195 -35.33 32.43 20.94
N ASP J 196 -35.77 31.99 22.11
CA ASP J 196 -36.18 30.60 22.30
C ASP J 196 -37.46 30.34 21.48
N GLU J 197 -38.12 31.42 21.06
CA GLU J 197 -39.32 31.32 20.27
C GLU J 197 -38.98 31.33 18.76
N ASP J 198 -37.75 31.76 18.45
CA ASP J 198 -37.24 31.83 17.08
C ASP J 198 -36.91 30.46 16.50
N SER J 199 -36.47 29.54 17.40
CA SER J 199 -36.09 28.12 17.05
C SER J 199 -37.24 27.34 16.30
N ILE J 200 -38.36 28.05 16.02
CA ILE J 200 -39.51 27.52 15.37
C ILE J 200 -40.21 28.55 14.51
#